data_6TLX
# 
_entry.id   6TLX 
# 
_audit_conform.dict_name       mmcif_pdbx.dic 
_audit_conform.dict_version    5.392 
_audit_conform.dict_location   http://mmcif.pdb.org/dictionaries/ascii/mmcif_pdbx.dic 
# 
loop_
_database_2.database_id 
_database_2.database_code 
_database_2.pdbx_database_accession 
_database_2.pdbx_DOI 
PDB   6TLX         pdb_00006tlx 10.2210/pdb6tlx/pdb 
WWPDB D_1292105632 ?            ?                   
# 
loop_
_pdbx_audit_revision_history.ordinal 
_pdbx_audit_revision_history.data_content_type 
_pdbx_audit_revision_history.major_revision 
_pdbx_audit_revision_history.minor_revision 
_pdbx_audit_revision_history.revision_date 
1 'Structure model' 1 0 2019-12-25 
2 'Structure model' 1 1 2021-06-23 
3 'Structure model' 1 2 2024-05-15 
# 
_pdbx_audit_revision_details.ordinal             1 
_pdbx_audit_revision_details.revision_ordinal    1 
_pdbx_audit_revision_details.data_content_type   'Structure model' 
_pdbx_audit_revision_details.provider            repository 
_pdbx_audit_revision_details.type                'Initial release' 
_pdbx_audit_revision_details.description         ? 
_pdbx_audit_revision_details.details             ? 
# 
loop_
_pdbx_audit_revision_group.ordinal 
_pdbx_audit_revision_group.revision_ordinal 
_pdbx_audit_revision_group.data_content_type 
_pdbx_audit_revision_group.group 
1 2 'Structure model' 'Database references' 
2 3 'Structure model' 'Data collection'     
3 3 'Structure model' 'Database references' 
# 
loop_
_pdbx_audit_revision_category.ordinal 
_pdbx_audit_revision_category.revision_ordinal 
_pdbx_audit_revision_category.data_content_type 
_pdbx_audit_revision_category.category 
1 2 'Structure model' citation        
2 2 'Structure model' citation_author 
3 3 'Structure model' chem_comp_atom  
4 3 'Structure model' chem_comp_bond  
5 3 'Structure model' citation        
6 3 'Structure model' database_2      
# 
loop_
_pdbx_audit_revision_item.ordinal 
_pdbx_audit_revision_item.revision_ordinal 
_pdbx_audit_revision_item.data_content_type 
_pdbx_audit_revision_item.item 
1 3 'Structure model' '_citation.journal_id_ISSN'           
2 3 'Structure model' '_database_2.pdbx_DOI'                
3 3 'Structure model' '_database_2.pdbx_database_accession' 
# 
_pdbx_database_status.status_code                     REL 
_pdbx_database_status.status_code_sf                  REL 
_pdbx_database_status.status_code_mr                  ? 
_pdbx_database_status.entry_id                        6TLX 
_pdbx_database_status.recvd_initial_deposition_date   2019-12-03 
_pdbx_database_status.SG_entry                        N 
_pdbx_database_status.deposit_site                    PDBE 
_pdbx_database_status.process_site                    PDBE 
_pdbx_database_status.status_code_cs                  ? 
_pdbx_database_status.methods_development_category    ? 
_pdbx_database_status.pdb_format_compatible           Y 
_pdbx_database_status.status_code_nmr_data            ? 
# 
_pdbx_database_related.content_type   unspecified 
_pdbx_database_related.db_id          6TLY 
_pdbx_database_related.db_name        PDB 
_pdbx_database_related.details        . 
# 
loop_
_audit_author.name 
_audit_author.pdbx_ordinal 
_audit_author.identifier_ORCID 
'Marciano, G.'  1 0000-0003-2720-652X 
'Nerusheva, O.' 2 0000-0002-8889-1332 
'Ishii, M.'     3 0000-0001-9597-9458 
'Akiyoshi, B.'  4 0000-0001-6010-394X 
# 
loop_
_citation.abstract 
_citation.abstract_id_CAS 
_citation.book_id_ISBN 
_citation.book_publisher 
_citation.book_publisher_city 
_citation.book_title 
_citation.coordinate_linkage 
_citation.country 
_citation.database_id_Medline 
_citation.details 
_citation.id 
_citation.journal_abbrev 
_citation.journal_id_ASTM 
_citation.journal_id_CSD 
_citation.journal_id_ISSN 
_citation.journal_full 
_citation.journal_issue 
_citation.journal_volume 
_citation.language 
_citation.page_first 
_citation.page_last 
_citation.title 
_citation.year 
_citation.database_id_CSD 
_citation.pdbx_database_id_DOI 
_citation.pdbx_database_id_PubMed 
_citation.unpublished_flag 
? ? ? ? ? ? ? US ? ? primary 'J.Cell Biol.' JCLBA3 2019 1540-8140 ? ? 220 ? ? ? 
'Kinetoplastid kinetochore proteins KKT2 and KKT3 have unique centromere localization domains.'                           2021 ? 
10.1083/jcb.202101022       34081090 ? 
? ? ? ? ? ? ? US ? ? 1       Biorxiv        ?      ?    2692-8205 ? ? ?   ? ? ? 
'Unconventional kinetochore kinases KKT2 and KKT3 have a unique zinc finger that promotes their kinetochore localization' 2019 ? 
10.1101/2019.12.13.875419v1 ?        ? 
# 
loop_
_citation_author.citation_id 
_citation_author.name 
_citation_author.ordinal 
_citation_author.identifier_ORCID 
primary 'Marciano, G.'    1 0000-0003-2720-652X 
primary 'Ishii, M.'       2 0000-0001-9597-9458 
primary 'Nerusheva, O.O.' 3 ?                   
primary 'Akiyoshi, B.'    4 0000-0001-6010-394X 
1       'Marciano, G.'    5 0000-0003-2720-652X 
1       'Nerusheva, O.'   6 0000-0002-8889-1332 
1       'Ishii, M.'       7 0000-0001-9597-9458 
1       'Akiyoshi, B.'    8 0000-0001-6010-394X 
# 
loop_
_entity.id 
_entity.type 
_entity.src_method 
_entity.pdbx_description 
_entity.formula_weight 
_entity.pdbx_number_of_molecules 
_entity.pdbx_ec 
_entity.pdbx_mutation 
_entity.pdbx_fragment 
_entity.details 
1 polymer     man 'Protein kinase' 14570.530 1 ? ? ? ? 
2 non-polymer syn 'ZINC ION'       65.409    2 ? ? ? ? 
# 
_entity_poly.entity_id                      1 
_entity_poly.type                           'polypeptide(L)' 
_entity_poly.nstd_linkage                   no 
_entity_poly.nstd_monomer                   no 
_entity_poly.pdbx_seq_one_letter_code       
;GSSQKFSTSPSPTLDDGLDRIKCPKKHGMKLLRAFPKLNDTAGGTSDYGWGFWCDRCHKEVPALIKSKKRISKAQDERTH
APEENTFFYHCHCGYDLCKACGASIIHASNTLKENYSTELKNLAACFSTPS
;
_entity_poly.pdbx_seq_one_letter_code_can   
;GSSQKFSTSPSPTLDDGLDRIKCPKKHGMKLLRAFPKLNDTAGGTSDYGWGFWCDRCHKEVPALIKSKKRISKAQDERTH
APEENTFFYHCHCGYDLCKACGASIIHASNTLKENYSTELKNLAACFSTPS
;
_entity_poly.pdbx_strand_id                 A 
_entity_poly.pdbx_target_identifier         ? 
# 
_pdbx_entity_nonpoly.entity_id   2 
_pdbx_entity_nonpoly.name        'ZINC ION' 
_pdbx_entity_nonpoly.comp_id     ZN 
# 
loop_
_entity_poly_seq.entity_id 
_entity_poly_seq.num 
_entity_poly_seq.mon_id 
_entity_poly_seq.hetero 
1 1   GLY n 
1 2   SER n 
1 3   SER n 
1 4   GLN n 
1 5   LYS n 
1 6   PHE n 
1 7   SER n 
1 8   THR n 
1 9   SER n 
1 10  PRO n 
1 11  SER n 
1 12  PRO n 
1 13  THR n 
1 14  LEU n 
1 15  ASP n 
1 16  ASP n 
1 17  GLY n 
1 18  LEU n 
1 19  ASP n 
1 20  ARG n 
1 21  ILE n 
1 22  LYS n 
1 23  CYS n 
1 24  PRO n 
1 25  LYS n 
1 26  LYS n 
1 27  HIS n 
1 28  GLY n 
1 29  MET n 
1 30  LYS n 
1 31  LEU n 
1 32  LEU n 
1 33  ARG n 
1 34  ALA n 
1 35  PHE n 
1 36  PRO n 
1 37  LYS n 
1 38  LEU n 
1 39  ASN n 
1 40  ASP n 
1 41  THR n 
1 42  ALA n 
1 43  GLY n 
1 44  GLY n 
1 45  THR n 
1 46  SER n 
1 47  ASP n 
1 48  TYR n 
1 49  GLY n 
1 50  TRP n 
1 51  GLY n 
1 52  PHE n 
1 53  TRP n 
1 54  CYS n 
1 55  ASP n 
1 56  ARG n 
1 57  CYS n 
1 58  HIS n 
1 59  LYS n 
1 60  GLU n 
1 61  VAL n 
1 62  PRO n 
1 63  ALA n 
1 64  LEU n 
1 65  ILE n 
1 66  LYS n 
1 67  SER n 
1 68  LYS n 
1 69  LYS n 
1 70  ARG n 
1 71  ILE n 
1 72  SER n 
1 73  LYS n 
1 74  ALA n 
1 75  GLN n 
1 76  ASP n 
1 77  GLU n 
1 78  ARG n 
1 79  THR n 
1 80  HIS n 
1 81  ALA n 
1 82  PRO n 
1 83  GLU n 
1 84  GLU n 
1 85  ASN n 
1 86  THR n 
1 87  PHE n 
1 88  PHE n 
1 89  TYR n 
1 90  HIS n 
1 91  CYS n 
1 92  HIS n 
1 93  CYS n 
1 94  GLY n 
1 95  TYR n 
1 96  ASP n 
1 97  LEU n 
1 98  CYS n 
1 99  LYS n 
1 100 ALA n 
1 101 CYS n 
1 102 GLY n 
1 103 ALA n 
1 104 SER n 
1 105 ILE n 
1 106 ILE n 
1 107 HIS n 
1 108 ALA n 
1 109 SER n 
1 110 ASN n 
1 111 THR n 
1 112 LEU n 
1 113 LYS n 
1 114 GLU n 
1 115 ASN n 
1 116 TYR n 
1 117 SER n 
1 118 THR n 
1 119 GLU n 
1 120 LEU n 
1 121 LYS n 
1 122 ASN n 
1 123 LEU n 
1 124 ALA n 
1 125 ALA n 
1 126 CYS n 
1 127 PHE n 
1 128 SER n 
1 129 THR n 
1 130 PRO n 
1 131 SER n 
# 
_entity_src_gen.entity_id                          1 
_entity_src_gen.pdbx_src_id                        1 
_entity_src_gen.pdbx_alt_source_flag               sample 
_entity_src_gen.pdbx_seq_type                      'Biological sequence' 
_entity_src_gen.pdbx_beg_seq_num                   1 
_entity_src_gen.pdbx_end_seq_num                   131 
_entity_src_gen.gene_src_common_name               ? 
_entity_src_gen.gene_src_genus                     ? 
_entity_src_gen.pdbx_gene_src_gene                 XU18_4017 
_entity_src_gen.gene_src_species                   ? 
_entity_src_gen.gene_src_strain                    ? 
_entity_src_gen.gene_src_tissue                    ? 
_entity_src_gen.gene_src_tissue_fraction           ? 
_entity_src_gen.gene_src_details                   ? 
_entity_src_gen.pdbx_gene_src_fragment             ? 
_entity_src_gen.pdbx_gene_src_scientific_name      'Perkinsela sp. CCAP 1560/4' 
_entity_src_gen.pdbx_gene_src_ncbi_taxonomy_id     1314962 
_entity_src_gen.pdbx_gene_src_variant              ? 
_entity_src_gen.pdbx_gene_src_cell_line            ? 
_entity_src_gen.pdbx_gene_src_atcc                 ? 
_entity_src_gen.pdbx_gene_src_organ                ? 
_entity_src_gen.pdbx_gene_src_organelle            ? 
_entity_src_gen.pdbx_gene_src_cell                 ? 
_entity_src_gen.pdbx_gene_src_cellular_location    ? 
_entity_src_gen.host_org_common_name               ? 
_entity_src_gen.pdbx_host_org_scientific_name      'Escherichia coli BL21(DE3)' 
_entity_src_gen.pdbx_host_org_ncbi_taxonomy_id     469008 
_entity_src_gen.host_org_genus                     ? 
_entity_src_gen.pdbx_host_org_gene                 ? 
_entity_src_gen.pdbx_host_org_organ                ? 
_entity_src_gen.host_org_species                   ? 
_entity_src_gen.pdbx_host_org_tissue               ? 
_entity_src_gen.pdbx_host_org_tissue_fraction      ? 
_entity_src_gen.pdbx_host_org_strain               ? 
_entity_src_gen.pdbx_host_org_variant              ? 
_entity_src_gen.pdbx_host_org_cell_line            ? 
_entity_src_gen.pdbx_host_org_atcc                 ? 
_entity_src_gen.pdbx_host_org_culture_collection   ? 
_entity_src_gen.pdbx_host_org_cell                 ? 
_entity_src_gen.pdbx_host_org_organelle            ? 
_entity_src_gen.pdbx_host_org_cellular_location    ? 
_entity_src_gen.pdbx_host_org_vector_type          Plasmid 
_entity_src_gen.pdbx_host_org_vector               ? 
_entity_src_gen.host_org_details                   ? 
_entity_src_gen.expression_system_id               ? 
_entity_src_gen.plasmid_name                       RSFDuet-1 
_entity_src_gen.plasmid_details                    ? 
_entity_src_gen.pdbx_description                   ? 
# 
loop_
_chem_comp.id 
_chem_comp.type 
_chem_comp.mon_nstd_flag 
_chem_comp.name 
_chem_comp.pdbx_synonyms 
_chem_comp.formula 
_chem_comp.formula_weight 
ALA 'L-peptide linking' y ALANINE         ? 'C3 H7 N O2'     89.093  
ARG 'L-peptide linking' y ARGININE        ? 'C6 H15 N4 O2 1' 175.209 
ASN 'L-peptide linking' y ASPARAGINE      ? 'C4 H8 N2 O3'    132.118 
ASP 'L-peptide linking' y 'ASPARTIC ACID' ? 'C4 H7 N O4'     133.103 
CYS 'L-peptide linking' y CYSTEINE        ? 'C3 H7 N O2 S'   121.158 
GLN 'L-peptide linking' y GLUTAMINE       ? 'C5 H10 N2 O3'   146.144 
GLU 'L-peptide linking' y 'GLUTAMIC ACID' ? 'C5 H9 N O4'     147.129 
GLY 'peptide linking'   y GLYCINE         ? 'C2 H5 N O2'     75.067  
HIS 'L-peptide linking' y HISTIDINE       ? 'C6 H10 N3 O2 1' 156.162 
ILE 'L-peptide linking' y ISOLEUCINE      ? 'C6 H13 N O2'    131.173 
LEU 'L-peptide linking' y LEUCINE         ? 'C6 H13 N O2'    131.173 
LYS 'L-peptide linking' y LYSINE          ? 'C6 H15 N2 O2 1' 147.195 
MET 'L-peptide linking' y METHIONINE      ? 'C5 H11 N O2 S'  149.211 
PHE 'L-peptide linking' y PHENYLALANINE   ? 'C9 H11 N O2'    165.189 
PRO 'L-peptide linking' y PROLINE         ? 'C5 H9 N O2'     115.130 
SER 'L-peptide linking' y SERINE          ? 'C3 H7 N O3'     105.093 
THR 'L-peptide linking' y THREONINE       ? 'C4 H9 N O3'     119.119 
TRP 'L-peptide linking' y TRYPTOPHAN      ? 'C11 H12 N2 O2'  204.225 
TYR 'L-peptide linking' y TYROSINE        ? 'C9 H11 N O3'    181.189 
VAL 'L-peptide linking' y VALINE          ? 'C5 H11 N O2'    117.146 
ZN  non-polymer         . 'ZINC ION'      ? 'Zn 2'           65.409  
# 
loop_
_pdbx_poly_seq_scheme.asym_id 
_pdbx_poly_seq_scheme.entity_id 
_pdbx_poly_seq_scheme.seq_id 
_pdbx_poly_seq_scheme.mon_id 
_pdbx_poly_seq_scheme.ndb_seq_num 
_pdbx_poly_seq_scheme.pdb_seq_num 
_pdbx_poly_seq_scheme.auth_seq_num 
_pdbx_poly_seq_scheme.pdb_mon_id 
_pdbx_poly_seq_scheme.auth_mon_id 
_pdbx_poly_seq_scheme.pdb_strand_id 
_pdbx_poly_seq_scheme.pdb_ins_code 
_pdbx_poly_seq_scheme.hetero 
A 1 1   GLY 1   549 ?   ?   ?   A . n 
A 1 2   SER 2   550 ?   ?   ?   A . n 
A 1 3   SER 3   551 ?   ?   ?   A . n 
A 1 4   GLN 4   552 ?   ?   ?   A . n 
A 1 5   LYS 5   553 ?   ?   ?   A . n 
A 1 6   PHE 6   554 ?   ?   ?   A . n 
A 1 7   SER 7   555 ?   ?   ?   A . n 
A 1 8   THR 8   556 ?   ?   ?   A . n 
A 1 9   SER 9   557 ?   ?   ?   A . n 
A 1 10  PRO 10  558 ?   ?   ?   A . n 
A 1 11  SER 11  559 ?   ?   ?   A . n 
A 1 12  PRO 12  560 ?   ?   ?   A . n 
A 1 13  THR 13  561 ?   ?   ?   A . n 
A 1 14  LEU 14  562 ?   ?   ?   A . n 
A 1 15  ASP 15  563 ?   ?   ?   A . n 
A 1 16  ASP 16  564 ?   ?   ?   A . n 
A 1 17  GLY 17  565 ?   ?   ?   A . n 
A 1 18  LEU 18  566 ?   ?   ?   A . n 
A 1 19  ASP 19  567 567 ASP ASP A . n 
A 1 20  ARG 20  568 568 ARG ARG A . n 
A 1 21  ILE 21  569 569 ILE ILE A . n 
A 1 22  LYS 22  570 570 LYS LYS A . n 
A 1 23  CYS 23  571 571 CYS CYS A . n 
A 1 24  PRO 24  572 572 PRO PRO A . n 
A 1 25  LYS 25  573 573 LYS LYS A . n 
A 1 26  LYS 26  574 574 LYS LYS A . n 
A 1 27  HIS 27  575 575 HIS HIS A . n 
A 1 28  GLY 28  576 576 GLY GLY A . n 
A 1 29  MET 29  577 577 MET MET A . n 
A 1 30  LYS 30  578 578 LYS LYS A . n 
A 1 31  LEU 31  579 579 LEU LEU A . n 
A 1 32  LEU 32  580 580 LEU LEU A . n 
A 1 33  ARG 33  581 581 ARG ARG A . n 
A 1 34  ALA 34  582 582 ALA ALA A . n 
A 1 35  PHE 35  583 583 PHE PHE A . n 
A 1 36  PRO 36  584 584 PRO PRO A . n 
A 1 37  LYS 37  585 585 LYS LYS A . n 
A 1 38  LEU 38  586 586 LEU LEU A . n 
A 1 39  ASN 39  587 587 ASN ASN A . n 
A 1 40  ASP 40  588 588 ASP ASP A . n 
A 1 41  THR 41  589 589 THR THR A . n 
A 1 42  ALA 42  590 590 ALA ALA A . n 
A 1 43  GLY 43  591 591 GLY GLY A . n 
A 1 44  GLY 44  592 592 GLY GLY A . n 
A 1 45  THR 45  593 593 THR THR A . n 
A 1 46  SER 46  594 594 SER SER A . n 
A 1 47  ASP 47  595 595 ASP ASP A . n 
A 1 48  TYR 48  596 596 TYR TYR A . n 
A 1 49  GLY 49  597 597 GLY GLY A . n 
A 1 50  TRP 50  598 598 TRP TRP A . n 
A 1 51  GLY 51  599 599 GLY GLY A . n 
A 1 52  PHE 52  600 600 PHE PHE A . n 
A 1 53  TRP 53  601 601 TRP TRP A . n 
A 1 54  CYS 54  602 602 CYS CYS A . n 
A 1 55  ASP 55  603 603 ASP ASP A . n 
A 1 56  ARG 56  604 604 ARG ARG A . n 
A 1 57  CYS 57  605 605 CYS CYS A . n 
A 1 58  HIS 58  606 606 HIS HIS A . n 
A 1 59  LYS 59  607 607 LYS LYS A . n 
A 1 60  GLU 60  608 608 GLU GLU A . n 
A 1 61  VAL 61  609 609 VAL VAL A . n 
A 1 62  PRO 62  610 610 PRO PRO A . n 
A 1 63  ALA 63  611 611 ALA ALA A . n 
A 1 64  LEU 64  612 612 LEU LEU A . n 
A 1 65  ILE 65  613 613 ILE ILE A . n 
A 1 66  LYS 66  614 614 LYS LYS A . n 
A 1 67  SER 67  615 615 SER SER A . n 
A 1 68  LYS 68  616 616 LYS LYS A . n 
A 1 69  LYS 69  617 617 LYS LYS A . n 
A 1 70  ARG 70  618 618 ARG ARG A . n 
A 1 71  ILE 71  619 619 ILE ILE A . n 
A 1 72  SER 72  620 620 SER SER A . n 
A 1 73  LYS 73  621 621 LYS LYS A . n 
A 1 74  ALA 74  622 622 ALA ALA A . n 
A 1 75  GLN 75  623 623 GLN GLN A . n 
A 1 76  ASP 76  624 624 ASP ASP A . n 
A 1 77  GLU 77  625 625 GLU GLU A . n 
A 1 78  ARG 78  626 626 ARG ARG A . n 
A 1 79  THR 79  627 627 THR THR A . n 
A 1 80  HIS 80  628 628 HIS HIS A . n 
A 1 81  ALA 81  629 629 ALA ALA A . n 
A 1 82  PRO 82  630 630 PRO PRO A . n 
A 1 83  GLU 83  631 631 GLU GLU A . n 
A 1 84  GLU 84  632 632 GLU GLU A . n 
A 1 85  ASN 85  633 633 ASN ASN A . n 
A 1 86  THR 86  634 634 THR THR A . n 
A 1 87  PHE 87  635 635 PHE PHE A . n 
A 1 88  PHE 88  636 636 PHE PHE A . n 
A 1 89  TYR 89  637 637 TYR TYR A . n 
A 1 90  HIS 90  638 638 HIS HIS A . n 
A 1 91  CYS 91  639 639 CYS CYS A . n 
A 1 92  HIS 92  640 640 HIS HIS A . n 
A 1 93  CYS 93  641 641 CYS CYS A . n 
A 1 94  GLY 94  642 642 GLY GLY A . n 
A 1 95  TYR 95  643 643 TYR TYR A . n 
A 1 96  ASP 96  644 644 ASP ASP A . n 
A 1 97  LEU 97  645 645 LEU LEU A . n 
A 1 98  CYS 98  646 646 CYS CYS A . n 
A 1 99  LYS 99  647 647 LYS LYS A . n 
A 1 100 ALA 100 648 648 ALA ALA A . n 
A 1 101 CYS 101 649 649 CYS CYS A . n 
A 1 102 GLY 102 650 650 GLY GLY A . n 
A 1 103 ALA 103 651 651 ALA ALA A . n 
A 1 104 SER 104 652 652 SER SER A . n 
A 1 105 ILE 105 653 653 ILE ILE A . n 
A 1 106 ILE 106 654 654 ILE ILE A . n 
A 1 107 HIS 107 655 655 HIS HIS A . n 
A 1 108 ALA 108 656 656 ALA ALA A . n 
A 1 109 SER 109 657 657 SER SER A . n 
A 1 110 ASN 110 658 658 ASN ASN A . n 
A 1 111 THR 111 659 659 THR THR A . n 
A 1 112 LEU 112 660 660 LEU LEU A . n 
A 1 113 LYS 113 661 661 LYS LYS A . n 
A 1 114 GLU 114 662 662 GLU GLU A . n 
A 1 115 ASN 115 663 663 ASN ASN A . n 
A 1 116 TYR 116 664 664 TYR TYR A . n 
A 1 117 SER 117 665 665 SER SER A . n 
A 1 118 THR 118 666 666 THR THR A . n 
A 1 119 GLU 119 667 667 GLU GLU A . n 
A 1 120 LEU 120 668 668 LEU LEU A . n 
A 1 121 LYS 121 669 669 LYS LYS A . n 
A 1 122 ASN 122 670 670 ASN ASN A . n 
A 1 123 LEU 123 671 671 LEU LEU A . n 
A 1 124 ALA 124 672 672 ALA ALA A . n 
A 1 125 ALA 125 673 673 ALA ALA A . n 
A 1 126 CYS 126 674 674 CYS CYS A . n 
A 1 127 PHE 127 675 675 PHE PHE A . n 
A 1 128 SER 128 676 676 SER SER A . n 
A 1 129 THR 129 677 677 THR THR A . n 
A 1 130 PRO 130 678 678 PRO PRO A . n 
A 1 131 SER 131 679 ?   ?   ?   A . n 
# 
loop_
_pdbx_nonpoly_scheme.asym_id 
_pdbx_nonpoly_scheme.entity_id 
_pdbx_nonpoly_scheme.mon_id 
_pdbx_nonpoly_scheme.ndb_seq_num 
_pdbx_nonpoly_scheme.pdb_seq_num 
_pdbx_nonpoly_scheme.auth_seq_num 
_pdbx_nonpoly_scheme.pdb_mon_id 
_pdbx_nonpoly_scheme.auth_mon_id 
_pdbx_nonpoly_scheme.pdb_strand_id 
_pdbx_nonpoly_scheme.pdb_ins_code 
B 2 ZN 1 701 202 ZN ZN A . 
C 2 ZN 1 702 201 ZN ZN A . 
# 
loop_
_pdbx_unobs_or_zero_occ_atoms.id 
_pdbx_unobs_or_zero_occ_atoms.PDB_model_num 
_pdbx_unobs_or_zero_occ_atoms.polymer_flag 
_pdbx_unobs_or_zero_occ_atoms.occupancy_flag 
_pdbx_unobs_or_zero_occ_atoms.auth_asym_id 
_pdbx_unobs_or_zero_occ_atoms.auth_comp_id 
_pdbx_unobs_or_zero_occ_atoms.auth_seq_id 
_pdbx_unobs_or_zero_occ_atoms.PDB_ins_code 
_pdbx_unobs_or_zero_occ_atoms.auth_atom_id 
_pdbx_unobs_or_zero_occ_atoms.label_alt_id 
_pdbx_unobs_or_zero_occ_atoms.label_asym_id 
_pdbx_unobs_or_zero_occ_atoms.label_comp_id 
_pdbx_unobs_or_zero_occ_atoms.label_seq_id 
_pdbx_unobs_or_zero_occ_atoms.label_atom_id 
1  1 Y 1 A ARG 568 ? CG  ? A ARG 20  CG  
2  1 Y 1 A ARG 568 ? CD  ? A ARG 20  CD  
3  1 Y 1 A ARG 568 ? NE  ? A ARG 20  NE  
4  1 Y 1 A ARG 568 ? CZ  ? A ARG 20  CZ  
5  1 Y 1 A ARG 568 ? NH1 ? A ARG 20  NH1 
6  1 Y 1 A ARG 568 ? NH2 ? A ARG 20  NH2 
7  1 Y 1 A LYS 574 ? CG  ? A LYS 26  CG  
8  1 Y 1 A LYS 574 ? CD  ? A LYS 26  CD  
9  1 Y 1 A LYS 574 ? CE  ? A LYS 26  CE  
10 1 Y 1 A LYS 574 ? NZ  ? A LYS 26  NZ  
11 1 Y 1 A LYS 585 ? CG  ? A LYS 37  CG  
12 1 Y 1 A LYS 585 ? CD  ? A LYS 37  CD  
13 1 Y 1 A LYS 585 ? CE  ? A LYS 37  CE  
14 1 Y 1 A LYS 585 ? NZ  ? A LYS 37  NZ  
15 1 Y 1 A LYS 607 ? CG  ? A LYS 59  CG  
16 1 Y 1 A LYS 607 ? CD  ? A LYS 59  CD  
17 1 Y 1 A LYS 607 ? CE  ? A LYS 59  CE  
18 1 Y 1 A LYS 607 ? NZ  ? A LYS 59  NZ  
19 1 Y 1 A LYS 616 ? CG  ? A LYS 68  CG  
20 1 Y 1 A LYS 616 ? CD  ? A LYS 68  CD  
21 1 Y 1 A LYS 616 ? CE  ? A LYS 68  CE  
22 1 Y 1 A LYS 616 ? NZ  ? A LYS 68  NZ  
23 1 Y 1 A LYS 617 ? CG  ? A LYS 69  CG  
24 1 Y 1 A LYS 617 ? CD  ? A LYS 69  CD  
25 1 Y 1 A LYS 617 ? CE  ? A LYS 69  CE  
26 1 Y 1 A LYS 617 ? NZ  ? A LYS 69  NZ  
27 1 Y 1 A ARG 618 ? CG  ? A ARG 70  CG  
28 1 Y 1 A ARG 618 ? CD  ? A ARG 70  CD  
29 1 Y 1 A ARG 618 ? NE  ? A ARG 70  NE  
30 1 Y 1 A ARG 618 ? CZ  ? A ARG 70  CZ  
31 1 Y 1 A ARG 618 ? NH1 ? A ARG 70  NH1 
32 1 Y 1 A ARG 618 ? NH2 ? A ARG 70  NH2 
33 1 Y 1 A ILE 619 ? CG1 ? A ILE 71  CG1 
34 1 Y 1 A ILE 619 ? CG2 ? A ILE 71  CG2 
35 1 Y 1 A ILE 619 ? CD1 ? A ILE 71  CD1 
36 1 Y 1 A SER 620 ? OG  ? A SER 72  OG  
37 1 Y 1 A LYS 621 ? CG  ? A LYS 73  CG  
38 1 Y 1 A LYS 621 ? CD  ? A LYS 73  CD  
39 1 Y 1 A LYS 621 ? CE  ? A LYS 73  CE  
40 1 Y 1 A LYS 621 ? NZ  ? A LYS 73  NZ  
41 1 Y 1 A HIS 628 ? CG  ? A HIS 80  CG  
42 1 Y 1 A HIS 628 ? ND1 ? A HIS 80  ND1 
43 1 Y 1 A HIS 628 ? CD2 ? A HIS 80  CD2 
44 1 Y 1 A HIS 628 ? CE1 ? A HIS 80  CE1 
45 1 Y 1 A HIS 628 ? NE2 ? A HIS 80  NE2 
46 1 Y 1 A GLU 632 ? CG  ? A GLU 84  CG  
47 1 Y 1 A GLU 632 ? CD  ? A GLU 84  CD  
48 1 Y 1 A GLU 632 ? OE1 ? A GLU 84  OE1 
49 1 Y 1 A GLU 632 ? OE2 ? A GLU 84  OE2 
50 1 Y 1 A LYS 669 ? CG  ? A LYS 121 CG  
51 1 Y 1 A LYS 669 ? CD  ? A LYS 121 CD  
52 1 Y 1 A LYS 669 ? CE  ? A LYS 121 CE  
53 1 Y 1 A LYS 669 ? NZ  ? A LYS 121 NZ  
# 
loop_
_software.citation_id 
_software.classification 
_software.compiler_name 
_software.compiler_version 
_software.contact_author 
_software.contact_author_email 
_software.date 
_software.description 
_software.dependencies 
_software.hardware 
_software.language 
_software.location 
_software.mods 
_software.name 
_software.os 
_software.os_version 
_software.type 
_software.version 
_software.pdbx_ordinal 
? refinement        ? ? ? ? ? ? ? ? ? ? ? BUSTER      ? ? ? '2.10.3 (3-OCT-2019)' 1 
? 'data scaling'    ? ? ? ? ? ? ? ? ? ? ? Aimless     ? ? ? .                     2 
? 'data extraction' ? ? ? ? ? ? ? ? ? ? ? PDB_EXTRACT ? ? ? 3.25                  3 
? 'data reduction'  ? ? ? ? ? ? ? ? ? ? ? DIALS       ? ? ? 1.8.4                 4 
? phasing           ? ? ? ? ? ? ? ? ? ? ? CRANK2      ? ? ? .                     5 
? phasing           ? ? ? ? ? ? ? ? ? ? ? SHARP       ? ? ? .                     6 
# 
_cell.angle_alpha                  90.000 
_cell.angle_alpha_esd              ? 
_cell.angle_beta                   90.000 
_cell.angle_beta_esd               ? 
_cell.angle_gamma                  120.000 
_cell.angle_gamma_esd              ? 
_cell.entry_id                     6TLX 
_cell.details                      ? 
_cell.formula_units_Z              ? 
_cell.length_a                     113.845 
_cell.length_a_esd                 ? 
_cell.length_b                     113.845 
_cell.length_b_esd                 ? 
_cell.length_c                     46.013 
_cell.length_c_esd                 ? 
_cell.volume                       ? 
_cell.volume_esd                   ? 
_cell.Z_PDB                        6 
_cell.reciprocal_angle_alpha       ? 
_cell.reciprocal_angle_beta        ? 
_cell.reciprocal_angle_gamma       ? 
_cell.reciprocal_angle_alpha_esd   ? 
_cell.reciprocal_angle_beta_esd    ? 
_cell.reciprocal_angle_gamma_esd   ? 
_cell.reciprocal_length_a          ? 
_cell.reciprocal_length_b          ? 
_cell.reciprocal_length_c          ? 
_cell.reciprocal_length_a_esd      ? 
_cell.reciprocal_length_b_esd      ? 
_cell.reciprocal_length_c_esd      ? 
_cell.pdbx_unique_axis             ? 
# 
_symmetry.entry_id                         6TLX 
_symmetry.cell_setting                     ? 
_symmetry.Int_Tables_number                172 
_symmetry.space_group_name_Hall            ? 
_symmetry.space_group_name_H-M             'P 64' 
_symmetry.pdbx_full_space_group_name_H-M   ? 
# 
_exptl.absorpt_coefficient_mu     ? 
_exptl.absorpt_correction_T_max   ? 
_exptl.absorpt_correction_T_min   ? 
_exptl.absorpt_correction_type    ? 
_exptl.absorpt_process_details    ? 
_exptl.entry_id                   6TLX 
_exptl.crystals_number            1 
_exptl.details                    ? 
_exptl.method                     'X-RAY DIFFRACTION' 
_exptl.method_details             ? 
# 
_exptl_crystal.colour                      ? 
_exptl_crystal.density_diffrn              ? 
_exptl_crystal.density_Matthews            5.91 
_exptl_crystal.density_method              ? 
_exptl_crystal.density_percent_sol         79.18 
_exptl_crystal.description                 ? 
_exptl_crystal.F_000                       ? 
_exptl_crystal.id                          1 
_exptl_crystal.preparation                 ? 
_exptl_crystal.size_max                    ? 
_exptl_crystal.size_mid                    ? 
_exptl_crystal.size_min                    ? 
_exptl_crystal.size_rad                    ? 
_exptl_crystal.colour_lustre               ? 
_exptl_crystal.colour_modifier             ? 
_exptl_crystal.colour_primary              ? 
_exptl_crystal.density_meas                ? 
_exptl_crystal.density_meas_esd            ? 
_exptl_crystal.density_meas_gt             ? 
_exptl_crystal.density_meas_lt             ? 
_exptl_crystal.density_meas_temp           ? 
_exptl_crystal.density_meas_temp_esd       ? 
_exptl_crystal.density_meas_temp_gt        ? 
_exptl_crystal.density_meas_temp_lt        ? 
_exptl_crystal.pdbx_crystal_image_url      ? 
_exptl_crystal.pdbx_crystal_image_format   ? 
_exptl_crystal.pdbx_mosaicity              ? 
_exptl_crystal.pdbx_mosaicity_esd          ? 
# 
_exptl_crystal_grow.apparatus       ? 
_exptl_crystal_grow.atmosphere      ? 
_exptl_crystal_grow.crystal_id      1 
_exptl_crystal_grow.details         ? 
_exptl_crystal_grow.method          'VAPOR DIFFUSION, SITTING DROP' 
_exptl_crystal_grow.method_ref      ? 
_exptl_crystal_grow.pH              7.5 
_exptl_crystal_grow.pressure        ? 
_exptl_crystal_grow.pressure_esd    ? 
_exptl_crystal_grow.seeding         ? 
_exptl_crystal_grow.seeding_ref     ? 
_exptl_crystal_grow.temp            277 
_exptl_crystal_grow.temp_details    ? 
_exptl_crystal_grow.temp_esd        ? 
_exptl_crystal_grow.time            ? 
_exptl_crystal_grow.pdbx_details    '19% MPD, 50 mM Hepes, pH 7.5, 10 mM MgCl2' 
_exptl_crystal_grow.pdbx_pH_range   ? 
# 
_diffrn.ambient_environment              ? 
_diffrn.ambient_temp                     100 
_diffrn.ambient_temp_details             ? 
_diffrn.ambient_temp_esd                 ? 
_diffrn.crystal_id                       1 
_diffrn.crystal_support                  ? 
_diffrn.crystal_treatment                ? 
_diffrn.details                          ? 
_diffrn.id                               1 
_diffrn.ambient_pressure                 ? 
_diffrn.ambient_pressure_esd             ? 
_diffrn.ambient_pressure_gt              ? 
_diffrn.ambient_pressure_lt              ? 
_diffrn.ambient_temp_gt                  ? 
_diffrn.ambient_temp_lt                  ? 
_diffrn.pdbx_serial_crystal_experiment   N 
# 
_diffrn_detector.details                      ? 
_diffrn_detector.detector                     PIXEL 
_diffrn_detector.diffrn_id                    1 
_diffrn_detector.type                         'DECTRIS PILATUS3 6M' 
_diffrn_detector.area_resol_mean              ? 
_diffrn_detector.dtime                        ? 
_diffrn_detector.pdbx_frames_total            ? 
_diffrn_detector.pdbx_collection_time_total   ? 
_diffrn_detector.pdbx_collection_date         2018-02-12 
_diffrn_detector.pdbx_frequency               ? 
# 
_diffrn_radiation.collimation                      ? 
_diffrn_radiation.diffrn_id                        1 
_diffrn_radiation.filter_edge                      ? 
_diffrn_radiation.inhomogeneity                    ? 
_diffrn_radiation.monochromator                    ? 
_diffrn_radiation.polarisn_norm                    ? 
_diffrn_radiation.polarisn_ratio                   ? 
_diffrn_radiation.probe                            ? 
_diffrn_radiation.type                             ? 
_diffrn_radiation.xray_symbol                      ? 
_diffrn_radiation.wavelength_id                    1 
_diffrn_radiation.pdbx_monochromatic_or_laue_m_l   M 
_diffrn_radiation.pdbx_wavelength_list             ? 
_diffrn_radiation.pdbx_wavelength                  ? 
_diffrn_radiation.pdbx_diffrn_protocol             'SINGLE WAVELENGTH' 
_diffrn_radiation.pdbx_analyzer                    ? 
_diffrn_radiation.pdbx_scattering_type             x-ray 
# 
_diffrn_radiation_wavelength.id           1 
_diffrn_radiation_wavelength.wavelength   0.9686 
_diffrn_radiation_wavelength.wt           1.0 
# 
_diffrn_source.current                     ? 
_diffrn_source.details                     ? 
_diffrn_source.diffrn_id                   1 
_diffrn_source.power                       ? 
_diffrn_source.size                        ? 
_diffrn_source.source                      SYNCHROTRON 
_diffrn_source.target                      ? 
_diffrn_source.type                        'DIAMOND BEAMLINE I24' 
_diffrn_source.voltage                     ? 
_diffrn_source.take-off_angle              ? 
_diffrn_source.pdbx_wavelength_list        0.9686 
_diffrn_source.pdbx_wavelength             ? 
_diffrn_source.pdbx_synchrotron_beamline   I24 
_diffrn_source.pdbx_synchrotron_site       Diamond 
# 
_reflns.B_iso_Wilson_estimate            105.112 
_reflns.entry_id                         6TLX 
_reflns.data_reduction_details           ? 
_reflns.data_reduction_method            ? 
_reflns.d_resolution_high                2.87 
_reflns.d_resolution_low                 56.92 
_reflns.details                          ? 
_reflns.limit_h_max                      ? 
_reflns.limit_h_min                      ? 
_reflns.limit_k_max                      ? 
_reflns.limit_k_min                      ? 
_reflns.limit_l_max                      ? 
_reflns.limit_l_min                      ? 
_reflns.number_all                       ? 
_reflns.number_obs                       7986 
_reflns.observed_criterion               ? 
_reflns.observed_criterion_F_max         ? 
_reflns.observed_criterion_F_min         ? 
_reflns.observed_criterion_I_max         ? 
_reflns.observed_criterion_I_min         ? 
_reflns.observed_criterion_sigma_F       ? 
_reflns.observed_criterion_sigma_I       ? 
_reflns.percent_possible_obs             99.7 
_reflns.R_free_details                   ? 
_reflns.Rmerge_F_all                     ? 
_reflns.Rmerge_F_obs                     ? 
_reflns.Friedel_coverage                 ? 
_reflns.number_gt                        ? 
_reflns.threshold_expression             ? 
_reflns.pdbx_redundancy                  19.200 
_reflns.pdbx_Rmerge_I_obs                0.102 
_reflns.pdbx_Rmerge_I_all                ? 
_reflns.pdbx_Rsym_value                  ? 
_reflns.pdbx_netI_over_av_sigmaI         ? 
_reflns.pdbx_netI_over_sigmaI            16.4 
_reflns.pdbx_res_netI_over_av_sigmaI_2   ? 
_reflns.pdbx_res_netI_over_sigmaI_2      ? 
_reflns.pdbx_chi_squared                 ? 
_reflns.pdbx_scaling_rejects             ? 
_reflns.pdbx_d_res_high_opt              ? 
_reflns.pdbx_d_res_low_opt               ? 
_reflns.pdbx_d_res_opt_method            ? 
_reflns.phase_calculation_details        ? 
_reflns.pdbx_Rrim_I_all                  0.105 
_reflns.pdbx_Rpim_I_all                  0.024 
_reflns.pdbx_d_opt                       ? 
_reflns.pdbx_number_measured_all         ? 
_reflns.pdbx_diffrn_id                   1 
_reflns.pdbx_ordinal                     1 
_reflns.pdbx_CC_half                     1.00 
_reflns.pdbx_CC_star                     ? 
_reflns.pdbx_R_split                     ? 
# 
loop_
_reflns_shell.d_res_high 
_reflns_shell.d_res_low 
_reflns_shell.meanI_over_sigI_all 
_reflns_shell.meanI_over_sigI_obs 
_reflns_shell.number_measured_all 
_reflns_shell.number_measured_obs 
_reflns_shell.number_possible 
_reflns_shell.number_unique_all 
_reflns_shell.number_unique_obs 
_reflns_shell.percent_possible_all 
_reflns_shell.percent_possible_obs 
_reflns_shell.Rmerge_F_all 
_reflns_shell.Rmerge_F_obs 
_reflns_shell.Rmerge_I_all 
_reflns_shell.Rmerge_I_obs 
_reflns_shell.meanI_over_sigI_gt 
_reflns_shell.meanI_over_uI_all 
_reflns_shell.meanI_over_uI_gt 
_reflns_shell.number_measured_gt 
_reflns_shell.number_unique_gt 
_reflns_shell.percent_possible_gt 
_reflns_shell.Rmerge_F_gt 
_reflns_shell.Rmerge_I_gt 
_reflns_shell.pdbx_redundancy 
_reflns_shell.pdbx_Rsym_value 
_reflns_shell.pdbx_chi_squared 
_reflns_shell.pdbx_netI_over_sigmaI_all 
_reflns_shell.pdbx_netI_over_sigmaI_obs 
_reflns_shell.pdbx_Rrim_I_all 
_reflns_shell.pdbx_Rpim_I_all 
_reflns_shell.pdbx_rejects 
_reflns_shell.pdbx_ordinal 
_reflns_shell.pdbx_diffrn_id 
_reflns_shell.pdbx_CC_half 
_reflns_shell.pdbx_CC_star 
_reflns_shell.pdbx_R_split 
2.870 2.920 ? 2.1  ? ? ? ? 357 91.8 ? ? ? ? 1.045 ? ? ? ? ? ? ? ? 19.500 ? ? ? ? ? 0.24 ? 1 1 0.45 ? ? 
7.77  56.93 ? 60.5 ? ? ? ? 432 100  ? ? ? ? 0.048 ? ? ? ? ? ? ? ? 16.100 ? ? ? ? ? ?    ? 2 1 0.99 ? ? 
# 
_refine.aniso_B[1][1]                            -8.0282 
_refine.aniso_B[1][2]                            0.0000 
_refine.aniso_B[1][3]                            0.0000 
_refine.aniso_B[2][2]                            -8.0282 
_refine.aniso_B[2][3]                            0.0000 
_refine.aniso_B[3][3]                            16.0563 
_refine.B_iso_max                                163.080 
_refine.B_iso_mean                               113.3700 
_refine.B_iso_min                                87.090 
_refine.correlation_coeff_Fo_to_Fc               0.9420 
_refine.correlation_coeff_Fo_to_Fc_free          0.9160 
_refine.details                                  ? 
_refine.diff_density_max                         ? 
_refine.diff_density_max_esd                     ? 
_refine.diff_density_min                         ? 
_refine.diff_density_min_esd                     ? 
_refine.diff_density_rms                         ? 
_refine.diff_density_rms_esd                     ? 
_refine.entry_id                                 6TLX 
_refine.pdbx_refine_id                           'X-RAY DIFFRACTION' 
_refine.ls_abs_structure_details                 ? 
_refine.ls_abs_structure_Flack                   ? 
_refine.ls_abs_structure_Flack_esd               ? 
_refine.ls_abs_structure_Rogers                  ? 
_refine.ls_abs_structure_Rogers_esd              ? 
_refine.ls_d_res_high                            2.87 
_refine.ls_d_res_low                             49.0000 
_refine.ls_extinction_coef                       ? 
_refine.ls_extinction_coef_esd                   ? 
_refine.ls_extinction_expression                 ? 
_refine.ls_extinction_method                     ? 
_refine.ls_goodness_of_fit_all                   ? 
_refine.ls_goodness_of_fit_all_esd               ? 
_refine.ls_goodness_of_fit_obs                   ? 
_refine.ls_goodness_of_fit_obs_esd               ? 
_refine.ls_hydrogen_treatment                    ? 
_refine.ls_matrix_type                           ? 
_refine.ls_number_constraints                    ? 
_refine.ls_number_parameters                     ? 
_refine.ls_number_reflns_all                     ? 
_refine.ls_number_reflns_obs                     7785 
_refine.ls_number_reflns_R_free                  377 
_refine.ls_number_reflns_R_work                  ? 
_refine.ls_number_restraints                     ? 
_refine.ls_percent_reflns_obs                    97.2000 
_refine.ls_percent_reflns_R_free                 4.8400 
_refine.ls_R_factor_all                          ? 
_refine.ls_R_factor_obs                          0.2538 
_refine.ls_R_factor_R_free                       0.2748 
_refine.ls_R_factor_R_free_error                 ? 
_refine.ls_R_factor_R_free_error_details         ? 
_refine.ls_R_factor_R_work                       0.2529 
_refine.ls_R_Fsqd_factor_obs                     ? 
_refine.ls_R_I_factor_obs                        ? 
_refine.ls_redundancy_reflns_all                 ? 
_refine.ls_redundancy_reflns_obs                 ? 
_refine.ls_restrained_S_all                      ? 
_refine.ls_restrained_S_obs                      ? 
_refine.ls_shift_over_esd_max                    ? 
_refine.ls_shift_over_esd_mean                   ? 
_refine.ls_structure_factor_coef                 ? 
_refine.ls_weighting_details                     ? 
_refine.ls_weighting_scheme                      ? 
_refine.ls_wR_factor_all                         ? 
_refine.ls_wR_factor_obs                         ? 
_refine.ls_wR_factor_R_free                      ? 
_refine.ls_wR_factor_R_work                      ? 
_refine.occupancy_max                            ? 
_refine.occupancy_min                            ? 
_refine.solvent_model_details                    ? 
_refine.solvent_model_param_bsol                 ? 
_refine.solvent_model_param_ksol                 ? 
_refine.pdbx_R_complete                          ? 
_refine.ls_R_factor_gt                           ? 
_refine.ls_goodness_of_fit_gt                    ? 
_refine.ls_goodness_of_fit_ref                   ? 
_refine.ls_shift_over_su_max                     ? 
_refine.ls_shift_over_su_max_lt                  ? 
_refine.ls_shift_over_su_mean                    ? 
_refine.ls_shift_over_su_mean_lt                 ? 
_refine.pdbx_ls_sigma_I                          ? 
_refine.pdbx_ls_sigma_F                          0.000 
_refine.pdbx_ls_sigma_Fsqd                       ? 
_refine.pdbx_data_cutoff_high_absF               ? 
_refine.pdbx_data_cutoff_high_rms_absF           ? 
_refine.pdbx_data_cutoff_low_absF                ? 
_refine.pdbx_isotropic_thermal_model             ? 
_refine.pdbx_ls_cross_valid_method               THROUGHOUT 
_refine.pdbx_method_to_determine_struct          SAD 
_refine.pdbx_starting_model                      ? 
_refine.pdbx_stereochemistry_target_values       ? 
_refine.pdbx_R_Free_selection_details            RANDOM 
_refine.pdbx_stereochem_target_val_spec_case     ? 
_refine.pdbx_overall_ESU_R                       ? 
_refine.pdbx_overall_ESU_R_Free                  ? 
_refine.pdbx_solvent_vdw_probe_radii             ? 
_refine.pdbx_solvent_ion_probe_radii             ? 
_refine.pdbx_solvent_shrinkage_radii             ? 
_refine.pdbx_real_space_R                        ? 
_refine.pdbx_density_correlation                 ? 
_refine.pdbx_pd_number_of_powder_patterns        ? 
_refine.pdbx_pd_number_of_points                 ? 
_refine.pdbx_pd_meas_number_of_points            ? 
_refine.pdbx_pd_proc_ls_prof_R_factor            ? 
_refine.pdbx_pd_proc_ls_prof_wR_factor           ? 
_refine.pdbx_pd_Marquardt_correlation_coeff      ? 
_refine.pdbx_pd_Fsqrd_R_factor                   ? 
_refine.pdbx_pd_ls_matrix_band_width             ? 
_refine.pdbx_overall_phase_error                 ? 
_refine.pdbx_overall_SU_R_free_Cruickshank_DPI   0.2590 
_refine.pdbx_overall_SU_R_free_Blow_DPI          0.2530 
_refine.pdbx_overall_SU_R_Blow_DPI               0.3060 
_refine.pdbx_TLS_residual_ADP_flag               ? 
_refine.pdbx_diffrn_id                           1 
_refine.overall_SU_B                             ? 
_refine.overall_SU_ML                            ? 
_refine.overall_SU_R_Cruickshank_DPI             0.3150 
_refine.overall_SU_R_free                        ? 
_refine.overall_FOM_free_R_set                   ? 
_refine.overall_FOM_work_R_set                   ? 
_refine.pdbx_average_fsc_overall                 ? 
_refine.pdbx_average_fsc_work                    ? 
_refine.pdbx_average_fsc_free                    ? 
# 
_refine_analyze.entry_id                        6TLX 
_refine_analyze.pdbx_refine_id                  'X-RAY DIFFRACTION' 
_refine_analyze.Luzzati_coordinate_error_free   ? 
_refine_analyze.Luzzati_coordinate_error_obs    0.560 
_refine_analyze.Luzzati_d_res_low_free          ? 
_refine_analyze.Luzzati_d_res_low_obs           ? 
_refine_analyze.Luzzati_sigma_a_free            ? 
_refine_analyze.Luzzati_sigma_a_free_details    ? 
_refine_analyze.Luzzati_sigma_a_obs             ? 
_refine_analyze.Luzzati_sigma_a_obs_details     ? 
_refine_analyze.number_disordered_residues      ? 
_refine_analyze.occupancy_sum_hydrogen          ? 
_refine_analyze.occupancy_sum_non_hydrogen      ? 
_refine_analyze.RG_d_res_high                   ? 
_refine_analyze.RG_d_res_low                    ? 
_refine_analyze.RG_free                         ? 
_refine_analyze.RG_work                         ? 
_refine_analyze.RG_free_work_ratio              ? 
_refine_analyze.pdbx_Luzzati_d_res_high_obs     ? 
# 
_refine_hist.pdbx_refine_id                   'X-RAY DIFFRACTION' 
_refine_hist.cycle_id                         final 
_refine_hist.details                          ? 
_refine_hist.d_res_high                       2.87 
_refine_hist.d_res_low                        49.0000 
_refine_hist.number_atoms_solvent             0 
_refine_hist.number_atoms_total               834 
_refine_hist.number_reflns_all                ? 
_refine_hist.number_reflns_obs                ? 
_refine_hist.number_reflns_R_free             ? 
_refine_hist.number_reflns_R_work             ? 
_refine_hist.R_factor_all                     ? 
_refine_hist.R_factor_obs                     ? 
_refine_hist.R_factor_R_free                  ? 
_refine_hist.R_factor_R_work                  ? 
_refine_hist.pdbx_number_residues_total       112 
_refine_hist.pdbx_B_iso_mean_ligand           100.60 
_refine_hist.pdbx_B_iso_mean_solvent          ? 
_refine_hist.pdbx_number_atoms_protein        832 
_refine_hist.pdbx_number_atoms_nucleic_acid   0 
_refine_hist.pdbx_number_atoms_ligand         2 
_refine_hist.pdbx_number_atoms_lipid          ? 
_refine_hist.pdbx_number_atoms_carb           ? 
_refine_hist.pdbx_pseudo_atom_details         ? 
# 
loop_
_refine_ls_restr.pdbx_refine_id 
_refine_ls_restr.criterion 
_refine_ls_restr.dev_ideal 
_refine_ls_restr.dev_ideal_target 
_refine_ls_restr.number 
_refine_ls_restr.rejects 
_refine_ls_restr.type 
_refine_ls_restr.weight 
_refine_ls_restr.pdbx_restraint_function 
'X-RAY DIFFRACTION' ? ?      ? 271  ? t_dihedral_angle_d        2.000  SINUSOIDAL   
'X-RAY DIFFRACTION' ? ?      ? ?    ? t_trig_c_planes           ?      ?            
'X-RAY DIFFRACTION' ? ?      ? 147  ? t_gen_planes              5.000  HARMONIC     
'X-RAY DIFFRACTION' ? ?      ? 854  ? t_it                      10.000 HARMONIC     
'X-RAY DIFFRACTION' ? ?      ? ?    ? t_nbd                     ?      ?            
'X-RAY DIFFRACTION' ? ?      ? ?    ? t_improper_torsion        ?      ?            
'X-RAY DIFFRACTION' ? ?      ? ?    ? t_pseud_angle             ?      ?            
'X-RAY DIFFRACTION' ? ?      ? 116  ? t_chiral_improper_torsion 5.000  SEMIHARMONIC 
'X-RAY DIFFRACTION' ? ?      ? ?    ? t_sum_occupancies         ?      ?            
'X-RAY DIFFRACTION' ? ?      ? ?    ? t_utility_distance        ?      ?            
'X-RAY DIFFRACTION' ? ?      ? ?    ? t_utility_angle           ?      ?            
'X-RAY DIFFRACTION' ? ?      ? ?    ? t_utility_torsion         ?      ?            
'X-RAY DIFFRACTION' ? ?      ? 632  ? t_ideal_dist_contact      4.000  SEMIHARMONIC 
'X-RAY DIFFRACTION' ? 0.009  ? 854  ? t_bond_d                  2.000  HARMONIC     
'X-RAY DIFFRACTION' ? 1.080  ? 1161 ? t_angle_deg               2.000  HARMONIC     
'X-RAY DIFFRACTION' ? 2.820  ? ?    ? t_omega_torsion           ?      ?            
'X-RAY DIFFRACTION' ? 17.800 ? ?    ? t_other_torsion           ?      ?            
# 
_refine_ls_shell.pdbx_refine_id                   'X-RAY DIFFRACTION' 
_refine_ls_shell.d_res_high                       2.8700 
_refine_ls_shell.d_res_low                        3.0000 
_refine_ls_shell.number_reflns_all                433 
_refine_ls_shell.number_reflns_obs                ? 
_refine_ls_shell.number_reflns_R_free             16 
_refine_ls_shell.number_reflns_R_work             417 
_refine_ls_shell.percent_reflns_obs               86.8300 
_refine_ls_shell.percent_reflns_R_free            3.7000 
_refine_ls_shell.R_factor_all                     0.3719 
_refine_ls_shell.R_factor_obs                     ? 
_refine_ls_shell.R_factor_R_free                  0.5116 
_refine_ls_shell.R_factor_R_free_error            0.0000 
_refine_ls_shell.R_factor_R_work                  0.3663 
_refine_ls_shell.redundancy_reflns_all            ? 
_refine_ls_shell.redundancy_reflns_obs            ? 
_refine_ls_shell.wR_factor_all                    ? 
_refine_ls_shell.wR_factor_obs                    ? 
_refine_ls_shell.wR_factor_R_free                 ? 
_refine_ls_shell.wR_factor_R_work                 ? 
_refine_ls_shell.pdbx_R_complete                  ? 
_refine_ls_shell.pdbx_total_number_of_bins_used   18 
_refine_ls_shell.pdbx_phase_error                 ? 
_refine_ls_shell.pdbx_fsc_work                    ? 
_refine_ls_shell.pdbx_fsc_free                    ? 
# 
_struct.entry_id                     6TLX 
_struct.title                        
'Crystal structure of the unconventional kinetochore protein Perkinsela sp. KKT2a central domain' 
_struct.pdbx_model_details           ? 
_struct.pdbx_formula_weight          ? 
_struct.pdbx_formula_weight_method   ? 
_struct.pdbx_model_type_details      ? 
_struct.pdbx_CASP_flag               N 
# 
_struct_keywords.entry_id        6TLX 
_struct_keywords.text            'kinetochore, zinc finger, kinetoplastid, KKT2, CELL CYCLE' 
_struct_keywords.pdbx_keywords   'CELL CYCLE' 
# 
loop_
_struct_asym.id 
_struct_asym.pdbx_blank_PDB_chainid_flag 
_struct_asym.pdbx_modified 
_struct_asym.entity_id 
_struct_asym.details 
A N N 1 ? 
B N N 2 ? 
C N N 2 ? 
# 
_struct_ref.id                         1 
_struct_ref.db_name                    UNP 
_struct_ref.db_code                    A0A0L1KLX8_9EUGL 
_struct_ref.pdbx_db_accession          A0A0L1KLX8 
_struct_ref.pdbx_db_isoform            ? 
_struct_ref.entity_id                  1 
_struct_ref.pdbx_seq_one_letter_code   
;SQKFSTSPSPTLDDGLDRIKCPKKHGMKLLRAFPKLNDTAGGTSDYGWGFWCDRCHKEVPALIKSKKRISKAQDERTHAP
EENTFFYHCHCGYDLCKACGASIIHASNTLKENYSTELKNLAACFSTPS
;
_struct_ref.pdbx_align_begin           551 
# 
_struct_ref_seq.align_id                      1 
_struct_ref_seq.ref_id                        1 
_struct_ref_seq.pdbx_PDB_id_code              6TLX 
_struct_ref_seq.pdbx_strand_id                A 
_struct_ref_seq.seq_align_beg                 3 
_struct_ref_seq.pdbx_seq_align_beg_ins_code   ? 
_struct_ref_seq.seq_align_end                 131 
_struct_ref_seq.pdbx_seq_align_end_ins_code   ? 
_struct_ref_seq.pdbx_db_accession             A0A0L1KLX8 
_struct_ref_seq.db_align_beg                  551 
_struct_ref_seq.pdbx_db_align_beg_ins_code    ? 
_struct_ref_seq.db_align_end                  679 
_struct_ref_seq.pdbx_db_align_end_ins_code    ? 
_struct_ref_seq.pdbx_auth_seq_align_beg       551 
_struct_ref_seq.pdbx_auth_seq_align_end       679 
# 
loop_
_struct_ref_seq_dif.align_id 
_struct_ref_seq_dif.pdbx_pdb_id_code 
_struct_ref_seq_dif.mon_id 
_struct_ref_seq_dif.pdbx_pdb_strand_id 
_struct_ref_seq_dif.seq_num 
_struct_ref_seq_dif.pdbx_pdb_ins_code 
_struct_ref_seq_dif.pdbx_seq_db_name 
_struct_ref_seq_dif.pdbx_seq_db_accession_code 
_struct_ref_seq_dif.db_mon_id 
_struct_ref_seq_dif.pdbx_seq_db_seq_num 
_struct_ref_seq_dif.details 
_struct_ref_seq_dif.pdbx_auth_seq_num 
_struct_ref_seq_dif.pdbx_ordinal 
1 6TLX GLY A 1 ? UNP A0A0L1KLX8 ? ? 'expression tag' 549 1 
1 6TLX SER A 2 ? UNP A0A0L1KLX8 ? ? 'expression tag' 550 2 
# 
_pdbx_struct_assembly.id                   1 
_pdbx_struct_assembly.details              author_defined_assembly 
_pdbx_struct_assembly.method_details       ? 
_pdbx_struct_assembly.oligomeric_details   monomeric 
_pdbx_struct_assembly.oligomeric_count     1 
# 
loop_
_pdbx_struct_assembly_prop.biol_id 
_pdbx_struct_assembly_prop.type 
_pdbx_struct_assembly_prop.value 
_pdbx_struct_assembly_prop.details 
1 'ABSA (A^2)' 0    ? 
1 MORE         0    ? 
1 'SSA (A^2)'  7870 ? 
# 
_pdbx_struct_assembly_gen.assembly_id       1 
_pdbx_struct_assembly_gen.oper_expression   1 
_pdbx_struct_assembly_gen.asym_id_list      A,B,C 
# 
_pdbx_struct_assembly_auth_evidence.id                     1 
_pdbx_struct_assembly_auth_evidence.assembly_id            1 
_pdbx_struct_assembly_auth_evidence.experimental_support   none 
_pdbx_struct_assembly_auth_evidence.details                ? 
# 
_pdbx_struct_oper_list.id                   1 
_pdbx_struct_oper_list.type                 'identity operation' 
_pdbx_struct_oper_list.name                 1_555 
_pdbx_struct_oper_list.symmetry_operation   x,y,z 
_pdbx_struct_oper_list.matrix[1][1]         1.0000000000 
_pdbx_struct_oper_list.matrix[1][2]         0.0000000000 
_pdbx_struct_oper_list.matrix[1][3]         0.0000000000 
_pdbx_struct_oper_list.vector[1]            0.0000000000 
_pdbx_struct_oper_list.matrix[2][1]         0.0000000000 
_pdbx_struct_oper_list.matrix[2][2]         1.0000000000 
_pdbx_struct_oper_list.matrix[2][3]         0.0000000000 
_pdbx_struct_oper_list.vector[2]            0.0000000000 
_pdbx_struct_oper_list.matrix[3][1]         0.0000000000 
_pdbx_struct_oper_list.matrix[3][2]         0.0000000000 
_pdbx_struct_oper_list.matrix[3][3]         1.0000000000 
_pdbx_struct_oper_list.vector[3]            0.0000000000 
# 
loop_
_struct_conf.conf_type_id 
_struct_conf.id 
_struct_conf.pdbx_PDB_helix_id 
_struct_conf.beg_label_comp_id 
_struct_conf.beg_label_asym_id 
_struct_conf.beg_label_seq_id 
_struct_conf.pdbx_beg_PDB_ins_code 
_struct_conf.end_label_comp_id 
_struct_conf.end_label_asym_id 
_struct_conf.end_label_seq_id 
_struct_conf.pdbx_end_PDB_ins_code 
_struct_conf.beg_auth_comp_id 
_struct_conf.beg_auth_asym_id 
_struct_conf.beg_auth_seq_id 
_struct_conf.end_auth_comp_id 
_struct_conf.end_auth_asym_id 
_struct_conf.end_auth_seq_id 
_struct_conf.pdbx_PDB_helix_class 
_struct_conf.details 
_struct_conf.pdbx_PDB_helix_length 
HELX_P HELX_P1 AA1 LYS A 37 ? THR A 41  ? LYS A 585 THR A 589 5 ? 5  
HELX_P HELX_P2 AA2 CYS A 98 ? SER A 128 ? CYS A 646 SER A 676 1 ? 31 
# 
_struct_conf_type.id          HELX_P 
_struct_conf_type.criteria    ? 
_struct_conf_type.reference   ? 
# 
loop_
_struct_conn.id 
_struct_conn.conn_type_id 
_struct_conn.pdbx_leaving_atom_flag 
_struct_conn.pdbx_PDB_id 
_struct_conn.ptnr1_label_asym_id 
_struct_conn.ptnr1_label_comp_id 
_struct_conn.ptnr1_label_seq_id 
_struct_conn.ptnr1_label_atom_id 
_struct_conn.pdbx_ptnr1_label_alt_id 
_struct_conn.pdbx_ptnr1_PDB_ins_code 
_struct_conn.pdbx_ptnr1_standard_comp_id 
_struct_conn.ptnr1_symmetry 
_struct_conn.ptnr2_label_asym_id 
_struct_conn.ptnr2_label_comp_id 
_struct_conn.ptnr2_label_seq_id 
_struct_conn.ptnr2_label_atom_id 
_struct_conn.pdbx_ptnr2_label_alt_id 
_struct_conn.pdbx_ptnr2_PDB_ins_code 
_struct_conn.ptnr1_auth_asym_id 
_struct_conn.ptnr1_auth_comp_id 
_struct_conn.ptnr1_auth_seq_id 
_struct_conn.ptnr2_auth_asym_id 
_struct_conn.ptnr2_auth_comp_id 
_struct_conn.ptnr2_auth_seq_id 
_struct_conn.ptnr2_symmetry 
_struct_conn.pdbx_ptnr3_label_atom_id 
_struct_conn.pdbx_ptnr3_label_seq_id 
_struct_conn.pdbx_ptnr3_label_comp_id 
_struct_conn.pdbx_ptnr3_label_asym_id 
_struct_conn.pdbx_ptnr3_label_alt_id 
_struct_conn.pdbx_ptnr3_PDB_ins_code 
_struct_conn.details 
_struct_conn.pdbx_dist_value 
_struct_conn.pdbx_value_order 
_struct_conn.pdbx_role 
metalc1 metalc ? ? A CYS 23  SG  ? ? ? 1_555 C ZN . ZN ? ? A CYS 571 A ZN 702 1_555 ? ? ? ? ? ? ? 2.237 ? ? 
metalc2 metalc ? ? A HIS 27  ND1 ? ? ? 1_555 C ZN . ZN ? ? A HIS 575 A ZN 702 1_555 ? ? ? ? ? ? ? 1.913 ? ? 
metalc3 metalc ? ? A CYS 54  SG  ? ? ? 1_555 B ZN . ZN ? ? A CYS 602 A ZN 701 1_555 ? ? ? ? ? ? ? 2.478 ? ? 
metalc4 metalc ? ? A CYS 57  SG  ? ? ? 1_555 B ZN . ZN ? ? A CYS 605 A ZN 701 1_555 ? ? ? ? ? ? ? 2.144 ? ? 
metalc5 metalc ? ? A CYS 91  SG  ? ? ? 1_555 C ZN . ZN ? ? A CYS 639 A ZN 702 1_555 ? ? ? ? ? ? ? 2.300 ? ? 
metalc6 metalc ? ? A CYS 93  SG  ? ? ? 1_555 C ZN . ZN ? ? A CYS 641 A ZN 702 1_555 ? ? ? ? ? ? ? 2.146 ? ? 
metalc7 metalc ? ? A CYS 98  SG  ? ? ? 1_555 B ZN . ZN ? ? A CYS 646 A ZN 701 1_555 ? ? ? ? ? ? ? 2.166 ? ? 
metalc8 metalc ? ? A CYS 101 SG  ? ? ? 1_555 B ZN . ZN ? ? A CYS 649 A ZN 701 1_555 ? ? ? ? ? ? ? 2.220 ? ? 
# 
_struct_conn_type.id          metalc 
_struct_conn_type.criteria    ? 
_struct_conn_type.reference   ? 
# 
loop_
_pdbx_struct_conn_angle.id 
_pdbx_struct_conn_angle.ptnr1_label_atom_id 
_pdbx_struct_conn_angle.ptnr1_label_alt_id 
_pdbx_struct_conn_angle.ptnr1_label_asym_id 
_pdbx_struct_conn_angle.ptnr1_label_comp_id 
_pdbx_struct_conn_angle.ptnr1_label_seq_id 
_pdbx_struct_conn_angle.ptnr1_auth_atom_id 
_pdbx_struct_conn_angle.ptnr1_auth_asym_id 
_pdbx_struct_conn_angle.ptnr1_auth_comp_id 
_pdbx_struct_conn_angle.ptnr1_auth_seq_id 
_pdbx_struct_conn_angle.ptnr1_PDB_ins_code 
_pdbx_struct_conn_angle.ptnr1_symmetry 
_pdbx_struct_conn_angle.ptnr2_label_atom_id 
_pdbx_struct_conn_angle.ptnr2_label_alt_id 
_pdbx_struct_conn_angle.ptnr2_label_asym_id 
_pdbx_struct_conn_angle.ptnr2_label_comp_id 
_pdbx_struct_conn_angle.ptnr2_label_seq_id 
_pdbx_struct_conn_angle.ptnr2_auth_atom_id 
_pdbx_struct_conn_angle.ptnr2_auth_asym_id 
_pdbx_struct_conn_angle.ptnr2_auth_comp_id 
_pdbx_struct_conn_angle.ptnr2_auth_seq_id 
_pdbx_struct_conn_angle.ptnr2_PDB_ins_code 
_pdbx_struct_conn_angle.ptnr2_symmetry 
_pdbx_struct_conn_angle.ptnr3_label_atom_id 
_pdbx_struct_conn_angle.ptnr3_label_alt_id 
_pdbx_struct_conn_angle.ptnr3_label_asym_id 
_pdbx_struct_conn_angle.ptnr3_label_comp_id 
_pdbx_struct_conn_angle.ptnr3_label_seq_id 
_pdbx_struct_conn_angle.ptnr3_auth_atom_id 
_pdbx_struct_conn_angle.ptnr3_auth_asym_id 
_pdbx_struct_conn_angle.ptnr3_auth_comp_id 
_pdbx_struct_conn_angle.ptnr3_auth_seq_id 
_pdbx_struct_conn_angle.ptnr3_PDB_ins_code 
_pdbx_struct_conn_angle.ptnr3_symmetry 
_pdbx_struct_conn_angle.value 
_pdbx_struct_conn_angle.value_esd 
1  SG  ? A CYS 23 ? A CYS 571 ? 1_555 ZN ? C ZN . ? A ZN 702 ? 1_555 ND1 ? A HIS 27  ? A HIS 575 ? 1_555 88.6  ? 
2  SG  ? A CYS 23 ? A CYS 571 ? 1_555 ZN ? C ZN . ? A ZN 702 ? 1_555 SG  ? A CYS 91  ? A CYS 639 ? 1_555 100.3 ? 
3  ND1 ? A HIS 27 ? A HIS 575 ? 1_555 ZN ? C ZN . ? A ZN 702 ? 1_555 SG  ? A CYS 91  ? A CYS 639 ? 1_555 87.1  ? 
4  SG  ? A CYS 23 ? A CYS 571 ? 1_555 ZN ? C ZN . ? A ZN 702 ? 1_555 SG  ? A CYS 93  ? A CYS 641 ? 1_555 139.6 ? 
5  ND1 ? A HIS 27 ? A HIS 575 ? 1_555 ZN ? C ZN . ? A ZN 702 ? 1_555 SG  ? A CYS 93  ? A CYS 641 ? 1_555 124.9 ? 
6  SG  ? A CYS 91 ? A CYS 639 ? 1_555 ZN ? C ZN . ? A ZN 702 ? 1_555 SG  ? A CYS 93  ? A CYS 641 ? 1_555 103.0 ? 
7  SG  ? A CYS 54 ? A CYS 602 ? 1_555 ZN ? B ZN . ? A ZN 701 ? 1_555 SG  ? A CYS 57  ? A CYS 605 ? 1_555 106.4 ? 
8  SG  ? A CYS 54 ? A CYS 602 ? 1_555 ZN ? B ZN . ? A ZN 701 ? 1_555 SG  ? A CYS 98  ? A CYS 646 ? 1_555 113.7 ? 
9  SG  ? A CYS 57 ? A CYS 605 ? 1_555 ZN ? B ZN . ? A ZN 701 ? 1_555 SG  ? A CYS 98  ? A CYS 646 ? 1_555 107.6 ? 
10 SG  ? A CYS 54 ? A CYS 602 ? 1_555 ZN ? B ZN . ? A ZN 701 ? 1_555 SG  ? A CYS 101 ? A CYS 649 ? 1_555 96.9  ? 
11 SG  ? A CYS 57 ? A CYS 605 ? 1_555 ZN ? B ZN . ? A ZN 701 ? 1_555 SG  ? A CYS 101 ? A CYS 649 ? 1_555 118.2 ? 
12 SG  ? A CYS 98 ? A CYS 646 ? 1_555 ZN ? B ZN . ? A ZN 701 ? 1_555 SG  ? A CYS 101 ? A CYS 649 ? 1_555 113.6 ? 
# 
loop_
_struct_sheet.id 
_struct_sheet.type 
_struct_sheet.number_strands 
_struct_sheet.details 
AA1 ? 3 ? 
AA2 ? 2 ? 
# 
loop_
_struct_sheet_order.sheet_id 
_struct_sheet_order.range_id_1 
_struct_sheet_order.range_id_2 
_struct_sheet_order.offset 
_struct_sheet_order.sense 
AA1 1 2 ? anti-parallel 
AA1 2 3 ? anti-parallel 
AA2 1 2 ? anti-parallel 
# 
loop_
_struct_sheet_range.sheet_id 
_struct_sheet_range.id 
_struct_sheet_range.beg_label_comp_id 
_struct_sheet_range.beg_label_asym_id 
_struct_sheet_range.beg_label_seq_id 
_struct_sheet_range.pdbx_beg_PDB_ins_code 
_struct_sheet_range.end_label_comp_id 
_struct_sheet_range.end_label_asym_id 
_struct_sheet_range.end_label_seq_id 
_struct_sheet_range.pdbx_end_PDB_ins_code 
_struct_sheet_range.beg_auth_comp_id 
_struct_sheet_range.beg_auth_asym_id 
_struct_sheet_range.beg_auth_seq_id 
_struct_sheet_range.end_auth_comp_id 
_struct_sheet_range.end_auth_asym_id 
_struct_sheet_range.end_auth_seq_id 
AA1 1 LYS A 30 ? LEU A 32 ? LYS A 578 LEU A 580 
AA1 2 PHE A 88 ? HIS A 90 ? PHE A 636 HIS A 638 
AA1 3 ASP A 96 ? LEU A 97 ? ASP A 644 LEU A 645 
AA2 1 PHE A 52 ? TRP A 53 ? PHE A 600 TRP A 601 
AA2 2 GLU A 60 ? VAL A 61 ? GLU A 608 VAL A 609 
# 
loop_
_pdbx_struct_sheet_hbond.sheet_id 
_pdbx_struct_sheet_hbond.range_id_1 
_pdbx_struct_sheet_hbond.range_id_2 
_pdbx_struct_sheet_hbond.range_1_label_atom_id 
_pdbx_struct_sheet_hbond.range_1_label_comp_id 
_pdbx_struct_sheet_hbond.range_1_label_asym_id 
_pdbx_struct_sheet_hbond.range_1_label_seq_id 
_pdbx_struct_sheet_hbond.range_1_PDB_ins_code 
_pdbx_struct_sheet_hbond.range_1_auth_atom_id 
_pdbx_struct_sheet_hbond.range_1_auth_comp_id 
_pdbx_struct_sheet_hbond.range_1_auth_asym_id 
_pdbx_struct_sheet_hbond.range_1_auth_seq_id 
_pdbx_struct_sheet_hbond.range_2_label_atom_id 
_pdbx_struct_sheet_hbond.range_2_label_comp_id 
_pdbx_struct_sheet_hbond.range_2_label_asym_id 
_pdbx_struct_sheet_hbond.range_2_label_seq_id 
_pdbx_struct_sheet_hbond.range_2_PDB_ins_code 
_pdbx_struct_sheet_hbond.range_2_auth_atom_id 
_pdbx_struct_sheet_hbond.range_2_auth_comp_id 
_pdbx_struct_sheet_hbond.range_2_auth_asym_id 
_pdbx_struct_sheet_hbond.range_2_auth_seq_id 
AA1 1 2 N LEU A 32 ? N LEU A 580 O PHE A 88 ? O PHE A 636 
AA1 2 3 N TYR A 89 ? N TYR A 637 O LEU A 97 ? O LEU A 645 
AA2 1 2 N PHE A 52 ? N PHE A 600 O VAL A 61 ? O VAL A 609 
# 
loop_
_struct_site.id 
_struct_site.pdbx_evidence_code 
_struct_site.pdbx_auth_asym_id 
_struct_site.pdbx_auth_comp_id 
_struct_site.pdbx_auth_seq_id 
_struct_site.pdbx_auth_ins_code 
_struct_site.pdbx_num_residues 
_struct_site.details 
AC1 Software A ZN 701 ? 4 'binding site for residue ZN A 701' 
AC2 Software A ZN 702 ? 4 'binding site for residue ZN A 702' 
# 
loop_
_struct_site_gen.id 
_struct_site_gen.site_id 
_struct_site_gen.pdbx_num_res 
_struct_site_gen.label_comp_id 
_struct_site_gen.label_asym_id 
_struct_site_gen.label_seq_id 
_struct_site_gen.pdbx_auth_ins_code 
_struct_site_gen.auth_comp_id 
_struct_site_gen.auth_asym_id 
_struct_site_gen.auth_seq_id 
_struct_site_gen.label_atom_id 
_struct_site_gen.label_alt_id 
_struct_site_gen.symmetry 
_struct_site_gen.details 
1 AC1 4 CYS A 54  ? CYS A 602 . ? 1_555 ? 
2 AC1 4 CYS A 57  ? CYS A 605 . ? 1_555 ? 
3 AC1 4 CYS A 98  ? CYS A 646 . ? 1_555 ? 
4 AC1 4 CYS A 101 ? CYS A 649 . ? 1_555 ? 
5 AC2 4 CYS A 23  ? CYS A 571 . ? 1_555 ? 
6 AC2 4 HIS A 27  ? HIS A 575 . ? 1_555 ? 
7 AC2 4 CYS A 91  ? CYS A 639 . ? 1_555 ? 
8 AC2 4 CYS A 93  ? CYS A 641 . ? 1_555 ? 
# 
_pdbx_validate_rmsd_angle.id                         1 
_pdbx_validate_rmsd_angle.PDB_model_num              1 
_pdbx_validate_rmsd_angle.auth_atom_id_1             CB 
_pdbx_validate_rmsd_angle.auth_asym_id_1             A 
_pdbx_validate_rmsd_angle.auth_comp_id_1             PHE 
_pdbx_validate_rmsd_angle.auth_seq_id_1              600 
_pdbx_validate_rmsd_angle.PDB_ins_code_1             ? 
_pdbx_validate_rmsd_angle.label_alt_id_1             ? 
_pdbx_validate_rmsd_angle.auth_atom_id_2             CA 
_pdbx_validate_rmsd_angle.auth_asym_id_2             A 
_pdbx_validate_rmsd_angle.auth_comp_id_2             PHE 
_pdbx_validate_rmsd_angle.auth_seq_id_2              600 
_pdbx_validate_rmsd_angle.PDB_ins_code_2             ? 
_pdbx_validate_rmsd_angle.label_alt_id_2             ? 
_pdbx_validate_rmsd_angle.auth_atom_id_3             C 
_pdbx_validate_rmsd_angle.auth_asym_id_3             A 
_pdbx_validate_rmsd_angle.auth_comp_id_3             PHE 
_pdbx_validate_rmsd_angle.auth_seq_id_3              600 
_pdbx_validate_rmsd_angle.PDB_ins_code_3             ? 
_pdbx_validate_rmsd_angle.label_alt_id_3             ? 
_pdbx_validate_rmsd_angle.angle_value                97.86 
_pdbx_validate_rmsd_angle.angle_target_value         110.40 
_pdbx_validate_rmsd_angle.angle_deviation            -12.54 
_pdbx_validate_rmsd_angle.angle_standard_deviation   2.00 
_pdbx_validate_rmsd_angle.linker_flag                N 
# 
loop_
_pdbx_validate_torsion.id 
_pdbx_validate_torsion.PDB_model_num 
_pdbx_validate_torsion.auth_comp_id 
_pdbx_validate_torsion.auth_asym_id 
_pdbx_validate_torsion.auth_seq_id 
_pdbx_validate_torsion.PDB_ins_code 
_pdbx_validate_torsion.label_alt_id 
_pdbx_validate_torsion.phi 
_pdbx_validate_torsion.psi 
1 1 HIS A 606 ? ? 58.72   -1.00 
2 1 SER A 676 ? ? -100.99 45.57 
# 
_phasing.method   SAD 
# 
_pdbx_entry_details.entry_id                 6TLX 
_pdbx_entry_details.has_ligand_of_interest   Y 
_pdbx_entry_details.compound_details         ? 
_pdbx_entry_details.source_details           ? 
_pdbx_entry_details.nonpolymer_details       ? 
_pdbx_entry_details.sequence_details         ? 
# 
loop_
_pdbx_unobs_or_zero_occ_residues.id 
_pdbx_unobs_or_zero_occ_residues.PDB_model_num 
_pdbx_unobs_or_zero_occ_residues.polymer_flag 
_pdbx_unobs_or_zero_occ_residues.occupancy_flag 
_pdbx_unobs_or_zero_occ_residues.auth_asym_id 
_pdbx_unobs_or_zero_occ_residues.auth_comp_id 
_pdbx_unobs_or_zero_occ_residues.auth_seq_id 
_pdbx_unobs_or_zero_occ_residues.PDB_ins_code 
_pdbx_unobs_or_zero_occ_residues.label_asym_id 
_pdbx_unobs_or_zero_occ_residues.label_comp_id 
_pdbx_unobs_or_zero_occ_residues.label_seq_id 
1  1 Y 1 A GLY 549 ? A GLY 1   
2  1 Y 1 A SER 550 ? A SER 2   
3  1 Y 1 A SER 551 ? A SER 3   
4  1 Y 1 A GLN 552 ? A GLN 4   
5  1 Y 1 A LYS 553 ? A LYS 5   
6  1 Y 1 A PHE 554 ? A PHE 6   
7  1 Y 1 A SER 555 ? A SER 7   
8  1 Y 1 A THR 556 ? A THR 8   
9  1 Y 1 A SER 557 ? A SER 9   
10 1 Y 1 A PRO 558 ? A PRO 10  
11 1 Y 1 A SER 559 ? A SER 11  
12 1 Y 1 A PRO 560 ? A PRO 12  
13 1 Y 1 A THR 561 ? A THR 13  
14 1 Y 1 A LEU 562 ? A LEU 14  
15 1 Y 1 A ASP 563 ? A ASP 15  
16 1 Y 1 A ASP 564 ? A ASP 16  
17 1 Y 1 A GLY 565 ? A GLY 17  
18 1 Y 1 A LEU 566 ? A LEU 18  
19 1 Y 1 A SER 679 ? A SER 131 
# 
loop_
_chem_comp_atom.comp_id 
_chem_comp_atom.atom_id 
_chem_comp_atom.type_symbol 
_chem_comp_atom.pdbx_aromatic_flag 
_chem_comp_atom.pdbx_stereo_config 
_chem_comp_atom.pdbx_ordinal 
ALA N    N  N N 1   
ALA CA   C  N S 2   
ALA C    C  N N 3   
ALA O    O  N N 4   
ALA CB   C  N N 5   
ALA OXT  O  N N 6   
ALA H    H  N N 7   
ALA H2   H  N N 8   
ALA HA   H  N N 9   
ALA HB1  H  N N 10  
ALA HB2  H  N N 11  
ALA HB3  H  N N 12  
ALA HXT  H  N N 13  
ARG N    N  N N 14  
ARG CA   C  N S 15  
ARG C    C  N N 16  
ARG O    O  N N 17  
ARG CB   C  N N 18  
ARG CG   C  N N 19  
ARG CD   C  N N 20  
ARG NE   N  N N 21  
ARG CZ   C  N N 22  
ARG NH1  N  N N 23  
ARG NH2  N  N N 24  
ARG OXT  O  N N 25  
ARG H    H  N N 26  
ARG H2   H  N N 27  
ARG HA   H  N N 28  
ARG HB2  H  N N 29  
ARG HB3  H  N N 30  
ARG HG2  H  N N 31  
ARG HG3  H  N N 32  
ARG HD2  H  N N 33  
ARG HD3  H  N N 34  
ARG HE   H  N N 35  
ARG HH11 H  N N 36  
ARG HH12 H  N N 37  
ARG HH21 H  N N 38  
ARG HH22 H  N N 39  
ARG HXT  H  N N 40  
ASN N    N  N N 41  
ASN CA   C  N S 42  
ASN C    C  N N 43  
ASN O    O  N N 44  
ASN CB   C  N N 45  
ASN CG   C  N N 46  
ASN OD1  O  N N 47  
ASN ND2  N  N N 48  
ASN OXT  O  N N 49  
ASN H    H  N N 50  
ASN H2   H  N N 51  
ASN HA   H  N N 52  
ASN HB2  H  N N 53  
ASN HB3  H  N N 54  
ASN HD21 H  N N 55  
ASN HD22 H  N N 56  
ASN HXT  H  N N 57  
ASP N    N  N N 58  
ASP CA   C  N S 59  
ASP C    C  N N 60  
ASP O    O  N N 61  
ASP CB   C  N N 62  
ASP CG   C  N N 63  
ASP OD1  O  N N 64  
ASP OD2  O  N N 65  
ASP OXT  O  N N 66  
ASP H    H  N N 67  
ASP H2   H  N N 68  
ASP HA   H  N N 69  
ASP HB2  H  N N 70  
ASP HB3  H  N N 71  
ASP HD2  H  N N 72  
ASP HXT  H  N N 73  
CYS N    N  N N 74  
CYS CA   C  N R 75  
CYS C    C  N N 76  
CYS O    O  N N 77  
CYS CB   C  N N 78  
CYS SG   S  N N 79  
CYS OXT  O  N N 80  
CYS H    H  N N 81  
CYS H2   H  N N 82  
CYS HA   H  N N 83  
CYS HB2  H  N N 84  
CYS HB3  H  N N 85  
CYS HG   H  N N 86  
CYS HXT  H  N N 87  
GLN N    N  N N 88  
GLN CA   C  N S 89  
GLN C    C  N N 90  
GLN O    O  N N 91  
GLN CB   C  N N 92  
GLN CG   C  N N 93  
GLN CD   C  N N 94  
GLN OE1  O  N N 95  
GLN NE2  N  N N 96  
GLN OXT  O  N N 97  
GLN H    H  N N 98  
GLN H2   H  N N 99  
GLN HA   H  N N 100 
GLN HB2  H  N N 101 
GLN HB3  H  N N 102 
GLN HG2  H  N N 103 
GLN HG3  H  N N 104 
GLN HE21 H  N N 105 
GLN HE22 H  N N 106 
GLN HXT  H  N N 107 
GLU N    N  N N 108 
GLU CA   C  N S 109 
GLU C    C  N N 110 
GLU O    O  N N 111 
GLU CB   C  N N 112 
GLU CG   C  N N 113 
GLU CD   C  N N 114 
GLU OE1  O  N N 115 
GLU OE2  O  N N 116 
GLU OXT  O  N N 117 
GLU H    H  N N 118 
GLU H2   H  N N 119 
GLU HA   H  N N 120 
GLU HB2  H  N N 121 
GLU HB3  H  N N 122 
GLU HG2  H  N N 123 
GLU HG3  H  N N 124 
GLU HE2  H  N N 125 
GLU HXT  H  N N 126 
GLY N    N  N N 127 
GLY CA   C  N N 128 
GLY C    C  N N 129 
GLY O    O  N N 130 
GLY OXT  O  N N 131 
GLY H    H  N N 132 
GLY H2   H  N N 133 
GLY HA2  H  N N 134 
GLY HA3  H  N N 135 
GLY HXT  H  N N 136 
HIS N    N  N N 137 
HIS CA   C  N S 138 
HIS C    C  N N 139 
HIS O    O  N N 140 
HIS CB   C  N N 141 
HIS CG   C  Y N 142 
HIS ND1  N  Y N 143 
HIS CD2  C  Y N 144 
HIS CE1  C  Y N 145 
HIS NE2  N  Y N 146 
HIS OXT  O  N N 147 
HIS H    H  N N 148 
HIS H2   H  N N 149 
HIS HA   H  N N 150 
HIS HB2  H  N N 151 
HIS HB3  H  N N 152 
HIS HD1  H  N N 153 
HIS HD2  H  N N 154 
HIS HE1  H  N N 155 
HIS HE2  H  N N 156 
HIS HXT  H  N N 157 
ILE N    N  N N 158 
ILE CA   C  N S 159 
ILE C    C  N N 160 
ILE O    O  N N 161 
ILE CB   C  N S 162 
ILE CG1  C  N N 163 
ILE CG2  C  N N 164 
ILE CD1  C  N N 165 
ILE OXT  O  N N 166 
ILE H    H  N N 167 
ILE H2   H  N N 168 
ILE HA   H  N N 169 
ILE HB   H  N N 170 
ILE HG12 H  N N 171 
ILE HG13 H  N N 172 
ILE HG21 H  N N 173 
ILE HG22 H  N N 174 
ILE HG23 H  N N 175 
ILE HD11 H  N N 176 
ILE HD12 H  N N 177 
ILE HD13 H  N N 178 
ILE HXT  H  N N 179 
LEU N    N  N N 180 
LEU CA   C  N S 181 
LEU C    C  N N 182 
LEU O    O  N N 183 
LEU CB   C  N N 184 
LEU CG   C  N N 185 
LEU CD1  C  N N 186 
LEU CD2  C  N N 187 
LEU OXT  O  N N 188 
LEU H    H  N N 189 
LEU H2   H  N N 190 
LEU HA   H  N N 191 
LEU HB2  H  N N 192 
LEU HB3  H  N N 193 
LEU HG   H  N N 194 
LEU HD11 H  N N 195 
LEU HD12 H  N N 196 
LEU HD13 H  N N 197 
LEU HD21 H  N N 198 
LEU HD22 H  N N 199 
LEU HD23 H  N N 200 
LEU HXT  H  N N 201 
LYS N    N  N N 202 
LYS CA   C  N S 203 
LYS C    C  N N 204 
LYS O    O  N N 205 
LYS CB   C  N N 206 
LYS CG   C  N N 207 
LYS CD   C  N N 208 
LYS CE   C  N N 209 
LYS NZ   N  N N 210 
LYS OXT  O  N N 211 
LYS H    H  N N 212 
LYS H2   H  N N 213 
LYS HA   H  N N 214 
LYS HB2  H  N N 215 
LYS HB3  H  N N 216 
LYS HG2  H  N N 217 
LYS HG3  H  N N 218 
LYS HD2  H  N N 219 
LYS HD3  H  N N 220 
LYS HE2  H  N N 221 
LYS HE3  H  N N 222 
LYS HZ1  H  N N 223 
LYS HZ2  H  N N 224 
LYS HZ3  H  N N 225 
LYS HXT  H  N N 226 
MET N    N  N N 227 
MET CA   C  N S 228 
MET C    C  N N 229 
MET O    O  N N 230 
MET CB   C  N N 231 
MET CG   C  N N 232 
MET SD   S  N N 233 
MET CE   C  N N 234 
MET OXT  O  N N 235 
MET H    H  N N 236 
MET H2   H  N N 237 
MET HA   H  N N 238 
MET HB2  H  N N 239 
MET HB3  H  N N 240 
MET HG2  H  N N 241 
MET HG3  H  N N 242 
MET HE1  H  N N 243 
MET HE2  H  N N 244 
MET HE3  H  N N 245 
MET HXT  H  N N 246 
PHE N    N  N N 247 
PHE CA   C  N S 248 
PHE C    C  N N 249 
PHE O    O  N N 250 
PHE CB   C  N N 251 
PHE CG   C  Y N 252 
PHE CD1  C  Y N 253 
PHE CD2  C  Y N 254 
PHE CE1  C  Y N 255 
PHE CE2  C  Y N 256 
PHE CZ   C  Y N 257 
PHE OXT  O  N N 258 
PHE H    H  N N 259 
PHE H2   H  N N 260 
PHE HA   H  N N 261 
PHE HB2  H  N N 262 
PHE HB3  H  N N 263 
PHE HD1  H  N N 264 
PHE HD2  H  N N 265 
PHE HE1  H  N N 266 
PHE HE2  H  N N 267 
PHE HZ   H  N N 268 
PHE HXT  H  N N 269 
PRO N    N  N N 270 
PRO CA   C  N S 271 
PRO C    C  N N 272 
PRO O    O  N N 273 
PRO CB   C  N N 274 
PRO CG   C  N N 275 
PRO CD   C  N N 276 
PRO OXT  O  N N 277 
PRO H    H  N N 278 
PRO HA   H  N N 279 
PRO HB2  H  N N 280 
PRO HB3  H  N N 281 
PRO HG2  H  N N 282 
PRO HG3  H  N N 283 
PRO HD2  H  N N 284 
PRO HD3  H  N N 285 
PRO HXT  H  N N 286 
SER N    N  N N 287 
SER CA   C  N S 288 
SER C    C  N N 289 
SER O    O  N N 290 
SER CB   C  N N 291 
SER OG   O  N N 292 
SER OXT  O  N N 293 
SER H    H  N N 294 
SER H2   H  N N 295 
SER HA   H  N N 296 
SER HB2  H  N N 297 
SER HB3  H  N N 298 
SER HG   H  N N 299 
SER HXT  H  N N 300 
THR N    N  N N 301 
THR CA   C  N S 302 
THR C    C  N N 303 
THR O    O  N N 304 
THR CB   C  N R 305 
THR OG1  O  N N 306 
THR CG2  C  N N 307 
THR OXT  O  N N 308 
THR H    H  N N 309 
THR H2   H  N N 310 
THR HA   H  N N 311 
THR HB   H  N N 312 
THR HG1  H  N N 313 
THR HG21 H  N N 314 
THR HG22 H  N N 315 
THR HG23 H  N N 316 
THR HXT  H  N N 317 
TRP N    N  N N 318 
TRP CA   C  N S 319 
TRP C    C  N N 320 
TRP O    O  N N 321 
TRP CB   C  N N 322 
TRP CG   C  Y N 323 
TRP CD1  C  Y N 324 
TRP CD2  C  Y N 325 
TRP NE1  N  Y N 326 
TRP CE2  C  Y N 327 
TRP CE3  C  Y N 328 
TRP CZ2  C  Y N 329 
TRP CZ3  C  Y N 330 
TRP CH2  C  Y N 331 
TRP OXT  O  N N 332 
TRP H    H  N N 333 
TRP H2   H  N N 334 
TRP HA   H  N N 335 
TRP HB2  H  N N 336 
TRP HB3  H  N N 337 
TRP HD1  H  N N 338 
TRP HE1  H  N N 339 
TRP HE3  H  N N 340 
TRP HZ2  H  N N 341 
TRP HZ3  H  N N 342 
TRP HH2  H  N N 343 
TRP HXT  H  N N 344 
TYR N    N  N N 345 
TYR CA   C  N S 346 
TYR C    C  N N 347 
TYR O    O  N N 348 
TYR CB   C  N N 349 
TYR CG   C  Y N 350 
TYR CD1  C  Y N 351 
TYR CD2  C  Y N 352 
TYR CE1  C  Y N 353 
TYR CE2  C  Y N 354 
TYR CZ   C  Y N 355 
TYR OH   O  N N 356 
TYR OXT  O  N N 357 
TYR H    H  N N 358 
TYR H2   H  N N 359 
TYR HA   H  N N 360 
TYR HB2  H  N N 361 
TYR HB3  H  N N 362 
TYR HD1  H  N N 363 
TYR HD2  H  N N 364 
TYR HE1  H  N N 365 
TYR HE2  H  N N 366 
TYR HH   H  N N 367 
TYR HXT  H  N N 368 
VAL N    N  N N 369 
VAL CA   C  N S 370 
VAL C    C  N N 371 
VAL O    O  N N 372 
VAL CB   C  N N 373 
VAL CG1  C  N N 374 
VAL CG2  C  N N 375 
VAL OXT  O  N N 376 
VAL H    H  N N 377 
VAL H2   H  N N 378 
VAL HA   H  N N 379 
VAL HB   H  N N 380 
VAL HG11 H  N N 381 
VAL HG12 H  N N 382 
VAL HG13 H  N N 383 
VAL HG21 H  N N 384 
VAL HG22 H  N N 385 
VAL HG23 H  N N 386 
VAL HXT  H  N N 387 
ZN  ZN   ZN N N 388 
# 
loop_
_chem_comp_bond.comp_id 
_chem_comp_bond.atom_id_1 
_chem_comp_bond.atom_id_2 
_chem_comp_bond.value_order 
_chem_comp_bond.pdbx_aromatic_flag 
_chem_comp_bond.pdbx_stereo_config 
_chem_comp_bond.pdbx_ordinal 
ALA N   CA   sing N N 1   
ALA N   H    sing N N 2   
ALA N   H2   sing N N 3   
ALA CA  C    sing N N 4   
ALA CA  CB   sing N N 5   
ALA CA  HA   sing N N 6   
ALA C   O    doub N N 7   
ALA C   OXT  sing N N 8   
ALA CB  HB1  sing N N 9   
ALA CB  HB2  sing N N 10  
ALA CB  HB3  sing N N 11  
ALA OXT HXT  sing N N 12  
ARG N   CA   sing N N 13  
ARG N   H    sing N N 14  
ARG N   H2   sing N N 15  
ARG CA  C    sing N N 16  
ARG CA  CB   sing N N 17  
ARG CA  HA   sing N N 18  
ARG C   O    doub N N 19  
ARG C   OXT  sing N N 20  
ARG CB  CG   sing N N 21  
ARG CB  HB2  sing N N 22  
ARG CB  HB3  sing N N 23  
ARG CG  CD   sing N N 24  
ARG CG  HG2  sing N N 25  
ARG CG  HG3  sing N N 26  
ARG CD  NE   sing N N 27  
ARG CD  HD2  sing N N 28  
ARG CD  HD3  sing N N 29  
ARG NE  CZ   sing N N 30  
ARG NE  HE   sing N N 31  
ARG CZ  NH1  sing N N 32  
ARG CZ  NH2  doub N N 33  
ARG NH1 HH11 sing N N 34  
ARG NH1 HH12 sing N N 35  
ARG NH2 HH21 sing N N 36  
ARG NH2 HH22 sing N N 37  
ARG OXT HXT  sing N N 38  
ASN N   CA   sing N N 39  
ASN N   H    sing N N 40  
ASN N   H2   sing N N 41  
ASN CA  C    sing N N 42  
ASN CA  CB   sing N N 43  
ASN CA  HA   sing N N 44  
ASN C   O    doub N N 45  
ASN C   OXT  sing N N 46  
ASN CB  CG   sing N N 47  
ASN CB  HB2  sing N N 48  
ASN CB  HB3  sing N N 49  
ASN CG  OD1  doub N N 50  
ASN CG  ND2  sing N N 51  
ASN ND2 HD21 sing N N 52  
ASN ND2 HD22 sing N N 53  
ASN OXT HXT  sing N N 54  
ASP N   CA   sing N N 55  
ASP N   H    sing N N 56  
ASP N   H2   sing N N 57  
ASP CA  C    sing N N 58  
ASP CA  CB   sing N N 59  
ASP CA  HA   sing N N 60  
ASP C   O    doub N N 61  
ASP C   OXT  sing N N 62  
ASP CB  CG   sing N N 63  
ASP CB  HB2  sing N N 64  
ASP CB  HB3  sing N N 65  
ASP CG  OD1  doub N N 66  
ASP CG  OD2  sing N N 67  
ASP OD2 HD2  sing N N 68  
ASP OXT HXT  sing N N 69  
CYS N   CA   sing N N 70  
CYS N   H    sing N N 71  
CYS N   H2   sing N N 72  
CYS CA  C    sing N N 73  
CYS CA  CB   sing N N 74  
CYS CA  HA   sing N N 75  
CYS C   O    doub N N 76  
CYS C   OXT  sing N N 77  
CYS CB  SG   sing N N 78  
CYS CB  HB2  sing N N 79  
CYS CB  HB3  sing N N 80  
CYS SG  HG   sing N N 81  
CYS OXT HXT  sing N N 82  
GLN N   CA   sing N N 83  
GLN N   H    sing N N 84  
GLN N   H2   sing N N 85  
GLN CA  C    sing N N 86  
GLN CA  CB   sing N N 87  
GLN CA  HA   sing N N 88  
GLN C   O    doub N N 89  
GLN C   OXT  sing N N 90  
GLN CB  CG   sing N N 91  
GLN CB  HB2  sing N N 92  
GLN CB  HB3  sing N N 93  
GLN CG  CD   sing N N 94  
GLN CG  HG2  sing N N 95  
GLN CG  HG3  sing N N 96  
GLN CD  OE1  doub N N 97  
GLN CD  NE2  sing N N 98  
GLN NE2 HE21 sing N N 99  
GLN NE2 HE22 sing N N 100 
GLN OXT HXT  sing N N 101 
GLU N   CA   sing N N 102 
GLU N   H    sing N N 103 
GLU N   H2   sing N N 104 
GLU CA  C    sing N N 105 
GLU CA  CB   sing N N 106 
GLU CA  HA   sing N N 107 
GLU C   O    doub N N 108 
GLU C   OXT  sing N N 109 
GLU CB  CG   sing N N 110 
GLU CB  HB2  sing N N 111 
GLU CB  HB3  sing N N 112 
GLU CG  CD   sing N N 113 
GLU CG  HG2  sing N N 114 
GLU CG  HG3  sing N N 115 
GLU CD  OE1  doub N N 116 
GLU CD  OE2  sing N N 117 
GLU OE2 HE2  sing N N 118 
GLU OXT HXT  sing N N 119 
GLY N   CA   sing N N 120 
GLY N   H    sing N N 121 
GLY N   H2   sing N N 122 
GLY CA  C    sing N N 123 
GLY CA  HA2  sing N N 124 
GLY CA  HA3  sing N N 125 
GLY C   O    doub N N 126 
GLY C   OXT  sing N N 127 
GLY OXT HXT  sing N N 128 
HIS N   CA   sing N N 129 
HIS N   H    sing N N 130 
HIS N   H2   sing N N 131 
HIS CA  C    sing N N 132 
HIS CA  CB   sing N N 133 
HIS CA  HA   sing N N 134 
HIS C   O    doub N N 135 
HIS C   OXT  sing N N 136 
HIS CB  CG   sing N N 137 
HIS CB  HB2  sing N N 138 
HIS CB  HB3  sing N N 139 
HIS CG  ND1  sing Y N 140 
HIS CG  CD2  doub Y N 141 
HIS ND1 CE1  doub Y N 142 
HIS ND1 HD1  sing N N 143 
HIS CD2 NE2  sing Y N 144 
HIS CD2 HD2  sing N N 145 
HIS CE1 NE2  sing Y N 146 
HIS CE1 HE1  sing N N 147 
HIS NE2 HE2  sing N N 148 
HIS OXT HXT  sing N N 149 
ILE N   CA   sing N N 150 
ILE N   H    sing N N 151 
ILE N   H2   sing N N 152 
ILE CA  C    sing N N 153 
ILE CA  CB   sing N N 154 
ILE CA  HA   sing N N 155 
ILE C   O    doub N N 156 
ILE C   OXT  sing N N 157 
ILE CB  CG1  sing N N 158 
ILE CB  CG2  sing N N 159 
ILE CB  HB   sing N N 160 
ILE CG1 CD1  sing N N 161 
ILE CG1 HG12 sing N N 162 
ILE CG1 HG13 sing N N 163 
ILE CG2 HG21 sing N N 164 
ILE CG2 HG22 sing N N 165 
ILE CG2 HG23 sing N N 166 
ILE CD1 HD11 sing N N 167 
ILE CD1 HD12 sing N N 168 
ILE CD1 HD13 sing N N 169 
ILE OXT HXT  sing N N 170 
LEU N   CA   sing N N 171 
LEU N   H    sing N N 172 
LEU N   H2   sing N N 173 
LEU CA  C    sing N N 174 
LEU CA  CB   sing N N 175 
LEU CA  HA   sing N N 176 
LEU C   O    doub N N 177 
LEU C   OXT  sing N N 178 
LEU CB  CG   sing N N 179 
LEU CB  HB2  sing N N 180 
LEU CB  HB3  sing N N 181 
LEU CG  CD1  sing N N 182 
LEU CG  CD2  sing N N 183 
LEU CG  HG   sing N N 184 
LEU CD1 HD11 sing N N 185 
LEU CD1 HD12 sing N N 186 
LEU CD1 HD13 sing N N 187 
LEU CD2 HD21 sing N N 188 
LEU CD2 HD22 sing N N 189 
LEU CD2 HD23 sing N N 190 
LEU OXT HXT  sing N N 191 
LYS N   CA   sing N N 192 
LYS N   H    sing N N 193 
LYS N   H2   sing N N 194 
LYS CA  C    sing N N 195 
LYS CA  CB   sing N N 196 
LYS CA  HA   sing N N 197 
LYS C   O    doub N N 198 
LYS C   OXT  sing N N 199 
LYS CB  CG   sing N N 200 
LYS CB  HB2  sing N N 201 
LYS CB  HB3  sing N N 202 
LYS CG  CD   sing N N 203 
LYS CG  HG2  sing N N 204 
LYS CG  HG3  sing N N 205 
LYS CD  CE   sing N N 206 
LYS CD  HD2  sing N N 207 
LYS CD  HD3  sing N N 208 
LYS CE  NZ   sing N N 209 
LYS CE  HE2  sing N N 210 
LYS CE  HE3  sing N N 211 
LYS NZ  HZ1  sing N N 212 
LYS NZ  HZ2  sing N N 213 
LYS NZ  HZ3  sing N N 214 
LYS OXT HXT  sing N N 215 
MET N   CA   sing N N 216 
MET N   H    sing N N 217 
MET N   H2   sing N N 218 
MET CA  C    sing N N 219 
MET CA  CB   sing N N 220 
MET CA  HA   sing N N 221 
MET C   O    doub N N 222 
MET C   OXT  sing N N 223 
MET CB  CG   sing N N 224 
MET CB  HB2  sing N N 225 
MET CB  HB3  sing N N 226 
MET CG  SD   sing N N 227 
MET CG  HG2  sing N N 228 
MET CG  HG3  sing N N 229 
MET SD  CE   sing N N 230 
MET CE  HE1  sing N N 231 
MET CE  HE2  sing N N 232 
MET CE  HE3  sing N N 233 
MET OXT HXT  sing N N 234 
PHE N   CA   sing N N 235 
PHE N   H    sing N N 236 
PHE N   H2   sing N N 237 
PHE CA  C    sing N N 238 
PHE CA  CB   sing N N 239 
PHE CA  HA   sing N N 240 
PHE C   O    doub N N 241 
PHE C   OXT  sing N N 242 
PHE CB  CG   sing N N 243 
PHE CB  HB2  sing N N 244 
PHE CB  HB3  sing N N 245 
PHE CG  CD1  doub Y N 246 
PHE CG  CD2  sing Y N 247 
PHE CD1 CE1  sing Y N 248 
PHE CD1 HD1  sing N N 249 
PHE CD2 CE2  doub Y N 250 
PHE CD2 HD2  sing N N 251 
PHE CE1 CZ   doub Y N 252 
PHE CE1 HE1  sing N N 253 
PHE CE2 CZ   sing Y N 254 
PHE CE2 HE2  sing N N 255 
PHE CZ  HZ   sing N N 256 
PHE OXT HXT  sing N N 257 
PRO N   CA   sing N N 258 
PRO N   CD   sing N N 259 
PRO N   H    sing N N 260 
PRO CA  C    sing N N 261 
PRO CA  CB   sing N N 262 
PRO CA  HA   sing N N 263 
PRO C   O    doub N N 264 
PRO C   OXT  sing N N 265 
PRO CB  CG   sing N N 266 
PRO CB  HB2  sing N N 267 
PRO CB  HB3  sing N N 268 
PRO CG  CD   sing N N 269 
PRO CG  HG2  sing N N 270 
PRO CG  HG3  sing N N 271 
PRO CD  HD2  sing N N 272 
PRO CD  HD3  sing N N 273 
PRO OXT HXT  sing N N 274 
SER N   CA   sing N N 275 
SER N   H    sing N N 276 
SER N   H2   sing N N 277 
SER CA  C    sing N N 278 
SER CA  CB   sing N N 279 
SER CA  HA   sing N N 280 
SER C   O    doub N N 281 
SER C   OXT  sing N N 282 
SER CB  OG   sing N N 283 
SER CB  HB2  sing N N 284 
SER CB  HB3  sing N N 285 
SER OG  HG   sing N N 286 
SER OXT HXT  sing N N 287 
THR N   CA   sing N N 288 
THR N   H    sing N N 289 
THR N   H2   sing N N 290 
THR CA  C    sing N N 291 
THR CA  CB   sing N N 292 
THR CA  HA   sing N N 293 
THR C   O    doub N N 294 
THR C   OXT  sing N N 295 
THR CB  OG1  sing N N 296 
THR CB  CG2  sing N N 297 
THR CB  HB   sing N N 298 
THR OG1 HG1  sing N N 299 
THR CG2 HG21 sing N N 300 
THR CG2 HG22 sing N N 301 
THR CG2 HG23 sing N N 302 
THR OXT HXT  sing N N 303 
TRP N   CA   sing N N 304 
TRP N   H    sing N N 305 
TRP N   H2   sing N N 306 
TRP CA  C    sing N N 307 
TRP CA  CB   sing N N 308 
TRP CA  HA   sing N N 309 
TRP C   O    doub N N 310 
TRP C   OXT  sing N N 311 
TRP CB  CG   sing N N 312 
TRP CB  HB2  sing N N 313 
TRP CB  HB3  sing N N 314 
TRP CG  CD1  doub Y N 315 
TRP CG  CD2  sing Y N 316 
TRP CD1 NE1  sing Y N 317 
TRP CD1 HD1  sing N N 318 
TRP CD2 CE2  doub Y N 319 
TRP CD2 CE3  sing Y N 320 
TRP NE1 CE2  sing Y N 321 
TRP NE1 HE1  sing N N 322 
TRP CE2 CZ2  sing Y N 323 
TRP CE3 CZ3  doub Y N 324 
TRP CE3 HE3  sing N N 325 
TRP CZ2 CH2  doub Y N 326 
TRP CZ2 HZ2  sing N N 327 
TRP CZ3 CH2  sing Y N 328 
TRP CZ3 HZ3  sing N N 329 
TRP CH2 HH2  sing N N 330 
TRP OXT HXT  sing N N 331 
TYR N   CA   sing N N 332 
TYR N   H    sing N N 333 
TYR N   H2   sing N N 334 
TYR CA  C    sing N N 335 
TYR CA  CB   sing N N 336 
TYR CA  HA   sing N N 337 
TYR C   O    doub N N 338 
TYR C   OXT  sing N N 339 
TYR CB  CG   sing N N 340 
TYR CB  HB2  sing N N 341 
TYR CB  HB3  sing N N 342 
TYR CG  CD1  doub Y N 343 
TYR CG  CD2  sing Y N 344 
TYR CD1 CE1  sing Y N 345 
TYR CD1 HD1  sing N N 346 
TYR CD2 CE2  doub Y N 347 
TYR CD2 HD2  sing N N 348 
TYR CE1 CZ   doub Y N 349 
TYR CE1 HE1  sing N N 350 
TYR CE2 CZ   sing Y N 351 
TYR CE2 HE2  sing N N 352 
TYR CZ  OH   sing N N 353 
TYR OH  HH   sing N N 354 
TYR OXT HXT  sing N N 355 
VAL N   CA   sing N N 356 
VAL N   H    sing N N 357 
VAL N   H2   sing N N 358 
VAL CA  C    sing N N 359 
VAL CA  CB   sing N N 360 
VAL CA  HA   sing N N 361 
VAL C   O    doub N N 362 
VAL C   OXT  sing N N 363 
VAL CB  CG1  sing N N 364 
VAL CB  CG2  sing N N 365 
VAL CB  HB   sing N N 366 
VAL CG1 HG11 sing N N 367 
VAL CG1 HG12 sing N N 368 
VAL CG1 HG13 sing N N 369 
VAL CG2 HG21 sing N N 370 
VAL CG2 HG22 sing N N 371 
VAL CG2 HG23 sing N N 372 
VAL OXT HXT  sing N N 373 
# 
_pdbx_audit_support.funding_organization   'Wellcome Trust' 
_pdbx_audit_support.country                'United Kingdom' 
_pdbx_audit_support.grant_number           210622/Z/18/Z 
_pdbx_audit_support.ordinal                1 
# 
_pdbx_entity_instance_feature.ordinal        1 
_pdbx_entity_instance_feature.comp_id        ZN 
_pdbx_entity_instance_feature.asym_id        ? 
_pdbx_entity_instance_feature.seq_num        ? 
_pdbx_entity_instance_feature.auth_comp_id   ZN 
_pdbx_entity_instance_feature.auth_asym_id   ? 
_pdbx_entity_instance_feature.auth_seq_num   ? 
_pdbx_entity_instance_feature.feature_type   'SUBJECT OF INVESTIGATION' 
_pdbx_entity_instance_feature.details        ? 
# 
_atom_sites.entry_id                    6TLX 
_atom_sites.Cartn_transf_matrix[1][1]   ? 
_atom_sites.Cartn_transf_matrix[1][2]   ? 
_atom_sites.Cartn_transf_matrix[1][3]   ? 
_atom_sites.Cartn_transf_matrix[2][1]   ? 
_atom_sites.Cartn_transf_matrix[2][2]   ? 
_atom_sites.Cartn_transf_matrix[2][3]   ? 
_atom_sites.Cartn_transf_matrix[3][1]   ? 
_atom_sites.Cartn_transf_matrix[3][2]   ? 
_atom_sites.Cartn_transf_matrix[3][3]   ? 
_atom_sites.Cartn_transf_vector[1]      ? 
_atom_sites.Cartn_transf_vector[2]      ? 
_atom_sites.Cartn_transf_vector[3]      ? 
_atom_sites.fract_transf_matrix[1][1]   0.00294561 
_atom_sites.fract_transf_matrix[1][2]   -0.00620924 
_atom_sites.fract_transf_matrix[1][3]   0.00745939 
_atom_sites.fract_transf_matrix[2][1]   -0.00555012 
_atom_sites.fract_transf_matrix[2][2]   -0.00817802 
_atom_sites.fract_transf_matrix[2][3]   0.00227959 
_atom_sites.fract_transf_matrix[3][1]   0.01142765 
_atom_sites.fract_transf_matrix[3][2]   -0.01173665 
_atom_sites.fract_transf_matrix[3][3]   -0.01428227 
_atom_sites.fract_transf_vector[1]      0.175204 
_atom_sites.fract_transf_vector[2]      -0.332459 
_atom_sites.fract_transf_vector[3]      -0.302527 
_atom_sites.solution_primary            ? 
_atom_sites.solution_secondary          ? 
_atom_sites.solution_hydrogens          ? 
_atom_sites.special_details             ? 
# 
loop_
_atom_type.symbol 
C  
N  
O  
S  
ZN 
# 
loop_
_atom_site.group_PDB 
_atom_site.id 
_atom_site.type_symbol 
_atom_site.label_atom_id 
_atom_site.label_alt_id 
_atom_site.label_comp_id 
_atom_site.label_asym_id 
_atom_site.label_entity_id 
_atom_site.label_seq_id 
_atom_site.pdbx_PDB_ins_code 
_atom_site.Cartn_x 
_atom_site.Cartn_y 
_atom_site.Cartn_z 
_atom_site.occupancy 
_atom_site.B_iso_or_equiv 
_atom_site.pdbx_formal_charge 
_atom_site.auth_seq_id 
_atom_site.auth_comp_id 
_atom_site.auth_asym_id 
_atom_site.auth_atom_id 
_atom_site.pdbx_PDB_model_num 
ATOM   1   N  N   . ASP A 1 19  ? 2.515   3.304   -7.922  1.00 122.62 ? 567 ASP A N   1 
ATOM   2   C  CA  . ASP A 1 19  ? 3.781   3.776   -7.339  1.00 123.25 ? 567 ASP A CA  1 
ATOM   3   C  C   . ASP A 1 19  ? 4.116   3.052   -6.005  1.00 122.47 ? 567 ASP A C   1 
ATOM   4   O  O   . ASP A 1 19  ? 3.193   2.737   -5.233  1.00 122.90 ? 567 ASP A O   1 
ATOM   5   C  CB  . ASP A 1 19  ? 3.756   5.310   -7.133  1.00 126.16 ? 567 ASP A CB  1 
ATOM   6   C  CG  . ASP A 1 19  ? 5.025   6.046   -7.566  1.00 132.72 ? 567 ASP A CG  1 
ATOM   7   O  OD1 . ASP A 1 19  ? 6.134   5.449   -7.454  1.00 133.56 ? 567 ASP A OD1 1 
ATOM   8   O  OD2 . ASP A 1 19  ? 4.913   7.224   -8.008  1.00 135.46 ? 567 ASP A OD2 1 
ATOM   9   N  N   . ARG A 1 20  ? 5.435   2.785   -5.741  1.00 120.51 ? 568 ARG A N   1 
ATOM   10  C  CA  . ARG A 1 20  ? 5.870   2.114   -4.509  1.00 118.67 ? 568 ARG A CA  1 
ATOM   11  C  C   . ARG A 1 20  ? 5.706   2.996   -3.238  1.00 116.86 ? 568 ARG A C   1 
ATOM   12  O  O   . ARG A 1 20  ? 6.074   4.185   -3.210  1.00 117.02 ? 568 ARG A O   1 
ATOM   13  C  CB  . ARG A 1 20  ? 7.299   1.562   -4.632  1.00 119.25 ? 568 ARG A CB  1 
ATOM   14  N  N   . ILE A 1 21  ? 5.090   2.408   -2.211  1.00 114.35 ? 569 ILE A N   1 
ATOM   15  C  CA  . ILE A 1 21  ? 4.906   3.069   -0.938  1.00 111.94 ? 569 ILE A CA  1 
ATOM   16  C  C   . ILE A 1 21  ? 6.235   3.035   -0.219  1.00 109.01 ? 569 ILE A C   1 
ATOM   17  O  O   . ILE A 1 21  ? 6.948   2.038   -0.308  1.00 109.02 ? 569 ILE A O   1 
ATOM   18  C  CB  . ILE A 1 21  ? 3.843   2.321   -0.120  1.00 112.50 ? 569 ILE A CB  1 
ATOM   19  C  CG1 . ILE A 1 21  ? 2.510   2.302   -0.865  1.00 113.59 ? 569 ILE A CG1 1 
ATOM   20  C  CG2 . ILE A 1 21  ? 3.711   2.920   1.293   1.00 112.90 ? 569 ILE A CG2 1 
ATOM   21  C  CD1 . ILE A 1 21  ? 1.409   1.524   -0.160  1.00 115.19 ? 569 ILE A CD1 1 
ATOM   22  N  N   . LYS A 1 22  ? 6.572   4.111   0.493   1.00 106.22 ? 570 LYS A N   1 
ATOM   23  C  CA  . LYS A 1 22  ? 7.819   4.154   1.234   1.00 103.92 ? 570 LYS A CA  1 
ATOM   24  C  C   . LYS A 1 22  ? 7.608   4.085   2.745   1.00 101.37 ? 570 LYS A C   1 
ATOM   25  O  O   . LYS A 1 22  ? 6.560   4.476   3.265   1.00 101.41 ? 570 LYS A O   1 
ATOM   26  C  CB  . LYS A 1 22  ? 8.667   5.368   0.842   1.00 105.72 ? 570 LYS A CB  1 
ATOM   27  C  CG  . LYS A 1 22  ? 8.640   5.675   -0.650  1.00 110.79 ? 570 LYS A CG  1 
ATOM   28  C  CD  . LYS A 1 22  ? 9.979   6.117   -1.165  1.00 116.38 ? 570 LYS A CD  1 
ATOM   29  C  CE  . LYS A 1 22  ? 9.969   6.282   -2.665  1.00 120.92 ? 570 LYS A CE  1 
ATOM   30  N  NZ  . LYS A 1 22  ? 11.323  6.637   -3.183  1.00 123.68 ? 570 LYS A NZ  1 
ATOM   31  N  N   . CYS A 1 23  ? 8.595   3.536   3.441   1.00 98.95  ? 571 CYS A N   1 
ATOM   32  C  CA  . CYS A 1 23  ? 8.600   3.453   4.894   1.00 97.16  ? 571 CYS A CA  1 
ATOM   33  C  C   . CYS A 1 23  ? 9.002   4.841   5.428   1.00 95.24  ? 571 CYS A C   1 
ATOM   34  O  O   . CYS A 1 23  ? 9.582   5.638   4.687   1.00 94.80  ? 571 CYS A O   1 
ATOM   35  C  CB  . CYS A 1 23  ? 9.598   2.385   5.338   1.00 97.73  ? 571 CYS A CB  1 
ATOM   36  S  SG  . CYS A 1 23  ? 11.309  2.714   4.825   1.00 100.83 ? 571 CYS A SG  1 
ATOM   37  N  N   . PRO A 1 24  ? 8.758   5.147   6.717   1.00 93.78  ? 572 PRO A N   1 
ATOM   38  C  CA  . PRO A 1 24  ? 9.195   6.440   7.272   1.00 93.53  ? 572 PRO A CA  1 
ATOM   39  C  C   . PRO A 1 24  ? 10.662  6.771   7.000   1.00 94.46  ? 572 PRO A C   1 
ATOM   40  O  O   . PRO A 1 24  ? 11.014  7.940   6.814   1.00 94.22  ? 572 PRO A O   1 
ATOM   41  C  CB  . PRO A 1 24  ? 8.982   6.261   8.769   1.00 93.51  ? 572 PRO A CB  1 
ATOM   42  C  CG  . PRO A 1 24  ? 7.896   5.267   8.876   1.00 93.79  ? 572 PRO A CG  1 
ATOM   43  C  CD  . PRO A 1 24  ? 8.049   4.343   7.721   1.00 92.57  ? 572 PRO A CD  1 
ATOM   44  N  N   . LYS A 1 25  ? 11.514  5.733   6.912   1.00 95.11  ? 573 LYS A N   1 
ATOM   45  C  CA  . LYS A 1 25  ? 12.941  5.942   6.627   1.00 96.03  ? 573 LYS A CA  1 
ATOM   46  C  C   . LYS A 1 25  ? 13.228  6.177   5.106   1.00 97.43  ? 573 LYS A C   1 
ATOM   47  O  O   . LYS A 1 25  ? 14.387  6.174   4.683   1.00 97.60  ? 573 LYS A O   1 
ATOM   48  C  CB  . LYS A 1 25  ? 13.784  4.807   7.236   1.00 97.24  ? 573 LYS A CB  1 
ATOM   49  C  CG  . LYS A 1 25  ? 13.375  4.495   8.697   1.00 101.51 ? 573 LYS A CG  1 
ATOM   50  C  CD  . LYS A 1 25  ? 13.859  3.135   9.229   1.00 107.64 ? 573 LYS A CD  1 
ATOM   51  C  CE  . LYS A 1 25  ? 12.880  2.489   10.205  1.00 112.64 ? 573 LYS A CE  1 
ATOM   52  N  NZ  . LYS A 1 25  ? 13.329  1.139   10.675  1.00 114.97 ? 573 LYS A NZ  1 
ATOM   53  N  N   . LYS A 1 26  ? 12.156  6.452   4.320   1.00 97.91  ? 574 LYS A N   1 
ATOM   54  C  CA  . LYS A 1 26  ? 12.073  6.761   2.895   1.00 98.63  ? 574 LYS A CA  1 
ATOM   55  C  C   . LYS A 1 26  ? 12.516  5.612   1.927   1.00 99.48  ? 574 LYS A C   1 
ATOM   56  O  O   . LYS A 1 26  ? 12.741  5.905   0.744   1.00 100.04 ? 574 LYS A O   1 
ATOM   57  C  CB  . LYS A 1 26  ? 12.804  8.068   2.565   1.00 100.10 ? 574 LYS A CB  1 
ATOM   58  N  N   . HIS A 1 27  ? 12.590  4.330   2.385   1.00 99.11  ? 575 HIS A N   1 
ATOM   59  C  CA  . HIS A 1 27  ? 12.916  3.243   1.449   1.00 99.43  ? 575 HIS A CA  1 
ATOM   60  C  C   . HIS A 1 27  ? 11.651  2.831   0.756   1.00 99.79  ? 575 HIS A C   1 
ATOM   61  O  O   . HIS A 1 27  ? 10.630  2.704   1.414   1.00 100.40 ? 575 HIS A O   1 
ATOM   62  C  CB  . HIS A 1 27  ? 13.407  1.951   2.123   1.00 99.99  ? 575 HIS A CB  1 
ATOM   63  C  CG  . HIS A 1 27  ? 14.141  2.108   3.401   1.00 102.55 ? 575 HIS A CG  1 
ATOM   64  N  ND1 . HIS A 1 27  ? 13.839  1.319   4.494   1.00 104.47 ? 575 HIS A ND1 1 
ATOM   65  C  CD2 . HIS A 1 27  ? 15.213  2.877   3.699   1.00 103.58 ? 575 HIS A CD2 1 
ATOM   66  C  CE1 . HIS A 1 27  ? 14.702  1.663   5.435   1.00 104.78 ? 575 HIS A CE1 1 
ATOM   67  N  NE2 . HIS A 1 27  ? 15.550  2.595   5.003   1.00 104.68 ? 575 HIS A NE2 1 
ATOM   68  N  N   . GLY A 1 28  ? 11.748  2.456   -0.507  1.00 99.40  ? 576 GLY A N   1 
ATOM   69  C  CA  . GLY A 1 28  ? 10.610  1.906   -1.229  1.00 99.34  ? 576 GLY A CA  1 
ATOM   70  C  C   . GLY A 1 28  ? 10.311  0.480   -0.785  1.00 99.04  ? 576 GLY A C   1 
ATOM   71  O  O   . GLY A 1 28  ? 11.147  -0.419  -0.908  1.00 98.74  ? 576 GLY A O   1 
ATOM   72  N  N   . MET A 1 29  ? 9.119   0.282   -0.216  1.00 98.88  ? 577 MET A N   1 
ATOM   73  C  CA  . MET A 1 29  ? 8.605   -1.002  0.256   1.00 98.56  ? 577 MET A CA  1 
ATOM   74  C  C   . MET A 1 29  ? 8.076   -1.804  -0.926  1.00 98.97  ? 577 MET A C   1 
ATOM   75  O  O   . MET A 1 29  ? 7.712   -1.230  -1.957  1.00 98.99  ? 577 MET A O   1 
ATOM   76  C  CB  . MET A 1 29  ? 7.452   -0.778  1.241   1.00 98.09  ? 577 MET A CB  1 
ATOM   77  C  CG  . MET A 1 29  ? 7.788   0.155   2.356   1.00 98.26  ? 577 MET A CG  1 
ATOM   78  S  SD  . MET A 1 29  ? 6.416   0.304   3.503   1.00 96.92  ? 577 MET A SD  1 
ATOM   79  C  CE  . MET A 1 29  ? 6.328   -1.363  4.127   1.00 87.09  ? 577 MET A CE  1 
ATOM   80  N  N   . LYS A 1 30  ? 7.982   -3.131  -0.754  1.00 99.13  ? 578 LYS A N   1 
ATOM   81  C  CA  . LYS A 1 30  ? 7.499   -4.046  -1.781  1.00 99.41  ? 578 LYS A CA  1 
ATOM   82  C  C   . LYS A 1 30  ? 6.200   -4.717  -1.364  1.00 100.54 ? 578 LYS A C   1 
ATOM   83  O  O   . LYS A 1 30  ? 6.064   -5.139  -0.222  1.00 100.31 ? 578 LYS A O   1 
ATOM   84  C  CB  . LYS A 1 30  ? 8.547   -5.135  -2.061  1.00 100.14 ? 578 LYS A CB  1 
ATOM   85  C  CG  . LYS A 1 30  ? 9.909   -4.611  -2.534  1.00 103.13 ? 578 LYS A CG  1 
ATOM   86  C  CD  . LYS A 1 30  ? 10.839  -5.713  -3.109  1.00 106.55 ? 578 LYS A CD  1 
ATOM   87  C  CE  . LYS A 1 30  ? 10.901  -6.967  -2.249  1.00 110.02 ? 578 LYS A CE  1 
ATOM   88  N  NZ  . LYS A 1 30  ? 11.518  -8.122  -2.963  1.00 111.63 ? 578 LYS A NZ  1 
ATOM   89  N  N   . LEU A 1 31  ? 5.261   -4.852  -2.309  1.00 101.85 ? 579 LEU A N   1 
ATOM   90  C  CA  . LEU A 1 31  ? 3.990   -5.562  -2.136  1.00 103.26 ? 579 LEU A CA  1 
ATOM   91  C  C   . LEU A 1 31  ? 4.304   -7.073  -2.208  1.00 104.15 ? 579 LEU A C   1 
ATOM   92  O  O   . LEU A 1 31  ? 4.853   -7.528  -3.204  1.00 104.19 ? 579 LEU A O   1 
ATOM   93  C  CB  . LEU A 1 31  ? 3.072   -5.174  -3.303  1.00 103.90 ? 579 LEU A CB  1 
ATOM   94  C  CG  . LEU A 1 31  ? 1.610   -5.606  -3.235  1.00 106.32 ? 579 LEU A CG  1 
ATOM   95  C  CD1 . LEU A 1 31  ? 0.730   -4.709  -4.113  1.00 106.92 ? 579 LEU A CD1 1 
ATOM   96  C  CD2 . LEU A 1 31  ? 1.420   -7.070  -3.647  1.00 107.29 ? 579 LEU A CD2 1 
ATOM   97  N  N   . LEU A 1 32  ? 3.976   -7.840  -1.165  1.00 104.79 ? 580 LEU A N   1 
ATOM   98  C  CA  . LEU A 1 32  ? 4.243   -9.273  -1.143  1.00 105.84 ? 580 LEU A CA  1 
ATOM   99  C  C   . LEU A 1 32  ? 2.962   -10.074 -1.043  1.00 107.35 ? 580 LEU A C   1 
ATOM   100 O  O   . LEU A 1 32  ? 2.064   -9.721  -0.283  1.00 106.60 ? 580 LEU A O   1 
ATOM   101 C  CB  . LEU A 1 32  ? 5.176   -9.683  0.005   1.00 105.63 ? 580 LEU A CB  1 
ATOM   102 C  CG  . LEU A 1 32  ? 6.476   -8.925  0.175   1.00 106.61 ? 580 LEU A CG  1 
ATOM   103 C  CD1 . LEU A 1 32  ? 7.300   -9.545  1.274   1.00 106.79 ? 580 LEU A CD1 1 
ATOM   104 C  CD2 . LEU A 1 32  ? 7.278   -8.893  -1.107  1.00 107.56 ? 580 LEU A CD2 1 
ATOM   105 N  N   . ARG A 1 33  ? 2.899   -11.178 -1.804  1.00 108.89 ? 581 ARG A N   1 
ATOM   106 C  CA  . ARG A 1 33  ? 1.751   -12.077 -1.794  1.00 110.17 ? 581 ARG A CA  1 
ATOM   107 C  C   . ARG A 1 33  ? 1.942   -13.279 -0.866  1.00 111.13 ? 581 ARG A C   1 
ATOM   108 O  O   . ARG A 1 33  ? 0.980   -14.015 -0.639  1.00 111.50 ? 581 ARG A O   1 
ATOM   109 C  CB  . ARG A 1 33  ? 1.372   -12.498 -3.214  1.00 111.36 ? 581 ARG A CB  1 
ATOM   110 C  CG  . ARG A 1 33  ? 1.075   -11.274 -4.067  1.00 114.79 ? 581 ARG A CG  1 
ATOM   111 C  CD  . ARG A 1 33  ? -0.009  -11.499 -5.107  1.00 117.94 ? 581 ARG A CD  1 
ATOM   112 N  NE  . ARG A 1 33  ? -0.540  -10.238 -5.642  1.00 120.22 ? 581 ARG A NE  1 
ATOM   113 C  CZ  . ARG A 1 33  ? 0.051   -9.521  -6.598  1.00 122.02 ? 581 ARG A CZ  1 
ATOM   114 N  NH1 . ARG A 1 33  ? 1.218   -9.910  -7.108  1.00 121.01 ? 581 ARG A NH1 1 
ATOM   115 N  NH2 . ARG A 1 33  ? -0.508  -8.398  -7.032  1.00 121.69 ? 581 ARG A NH2 1 
ATOM   116 N  N   . ALA A 1 34  ? 3.155   -13.443 -0.295  1.00 111.13 ? 582 ALA A N   1 
ATOM   117 C  CA  . ALA A 1 34  ? 3.501   -14.479 0.676   1.00 111.97 ? 582 ALA A CA  1 
ATOM   118 C  C   . ALA A 1 34  ? 4.505   -13.900 1.660   1.00 112.63 ? 582 ALA A C   1 
ATOM   119 O  O   . ALA A 1 34  ? 5.353   -13.075 1.292   1.00 112.81 ? 582 ALA A O   1 
ATOM   120 C  CB  . ALA A 1 34  ? 4.107   -15.690 -0.014  1.00 112.10 ? 582 ALA A CB  1 
ATOM   121 N  N   . PHE A 1 35  ? 4.439   -14.356 2.914   1.00 112.52 ? 583 PHE A N   1 
ATOM   122 C  CA  . PHE A 1 35  ? 5.333   -13.904 3.973   1.00 112.78 ? 583 PHE A CA  1 
ATOM   123 C  C   . PHE A 1 35  ? 6.801   -14.130 3.580   1.00 114.01 ? 583 PHE A C   1 
ATOM   124 O  O   . PHE A 1 35  ? 7.121   -15.140 2.953   1.00 114.61 ? 583 PHE A O   1 
ATOM   125 C  CB  . PHE A 1 35  ? 4.987   -14.604 5.294   1.00 111.96 ? 583 PHE A CB  1 
ATOM   126 C  CG  . PHE A 1 35  ? 3.642   -14.239 5.880   1.00 111.83 ? 583 PHE A CG  1 
ATOM   127 C  CD1 . PHE A 1 35  ? 3.189   -12.932 5.856   1.00 112.30 ? 583 PHE A CD1 1 
ATOM   128 C  CD2 . PHE A 1 35  ? 2.851   -15.195 6.497   1.00 112.37 ? 583 PHE A CD2 1 
ATOM   129 C  CE1 . PHE A 1 35  ? 1.960   -12.597 6.412   1.00 112.74 ? 583 PHE A CE1 1 
ATOM   130 C  CE2 . PHE A 1 35  ? 1.619   -14.856 7.048   1.00 112.78 ? 583 PHE A CE2 1 
ATOM   131 C  CZ  . PHE A 1 35  ? 1.175   -13.564 6.984   1.00 112.45 ? 583 PHE A CZ  1 
ATOM   132 N  N   . PRO A 1 36  ? 7.681   -13.147 3.832   1.00 114.11 ? 584 PRO A N   1 
ATOM   133 C  CA  . PRO A 1 36  ? 9.073   -13.275 3.379   1.00 114.26 ? 584 PRO A CA  1 
ATOM   134 C  C   . PRO A 1 36  ? 9.974   -14.204 4.188   1.00 114.58 ? 584 PRO A C   1 
ATOM   135 O  O   . PRO A 1 36  ? 9.690   -14.520 5.350   1.00 114.42 ? 584 PRO A O   1 
ATOM   136 C  CB  . PRO A 1 36  ? 9.575   -11.837 3.430   1.00 114.79 ? 584 PRO A CB  1 
ATOM   137 C  CG  . PRO A 1 36  ? 8.798   -11.215 4.516   1.00 115.05 ? 584 PRO A CG  1 
ATOM   138 C  CD  . PRO A 1 36  ? 7.444   -11.850 4.493   1.00 113.50 ? 584 PRO A CD  1 
ATOM   139 N  N   . LYS A 1 37  ? 11.093  -14.622 3.567   1.00 114.79 ? 585 LYS A N   1 
ATOM   140 C  CA  . LYS A 1 37  ? 12.079  -15.486 4.226   1.00 115.67 ? 585 LYS A CA  1 
ATOM   141 C  C   . LYS A 1 37  ? 13.092  -14.643 5.043   1.00 115.96 ? 585 LYS A C   1 
ATOM   142 O  O   . LYS A 1 37  ? 13.214  -13.439 4.796   1.00 116.48 ? 585 LYS A O   1 
ATOM   143 C  CB  . LYS A 1 37  ? 12.806  -16.347 3.175   1.00 117.64 ? 585 LYS A CB  1 
ATOM   144 N  N   . LEU A 1 38  ? 13.853  -15.266 5.979   1.00 115.28 ? 586 LEU A N   1 
ATOM   145 C  CA  . LEU A 1 38  ? 14.861  -14.576 6.801   1.00 115.31 ? 586 LEU A CA  1 
ATOM   146 C  C   . LEU A 1 38  ? 15.736  -13.609 6.021   1.00 116.52 ? 586 LEU A C   1 
ATOM   147 O  O   . LEU A 1 38  ? 16.107  -12.550 6.513   1.00 117.12 ? 586 LEU A O   1 
ATOM   148 C  CB  . LEU A 1 38  ? 15.793  -15.579 7.495   1.00 114.93 ? 586 LEU A CB  1 
ATOM   149 C  CG  . LEU A 1 38  ? 15.268  -16.433 8.652   1.00 116.38 ? 586 LEU A CG  1 
ATOM   150 C  CD1 . LEU A 1 38  ? 16.424  -16.979 9.457   1.00 116.89 ? 586 LEU A CD1 1 
ATOM   151 C  CD2 . LEU A 1 38  ? 14.393  -15.643 9.613   1.00 117.19 ? 586 LEU A CD2 1 
ATOM   152 N  N   . ASN A 1 39  ? 16.043  -13.986 4.802   1.00 117.10 ? 587 ASN A N   1 
ATOM   153 C  CA  . ASN A 1 39  ? 16.904  -13.297 3.859   1.00 118.25 ? 587 ASN A CA  1 
ATOM   154 C  C   . ASN A 1 39  ? 16.331  -11.953 3.368   1.00 118.08 ? 587 ASN A C   1 
ATOM   155 O  O   . ASN A 1 39  ? 17.090  -11.125 2.865   1.00 117.89 ? 587 ASN A O   1 
ATOM   156 C  CB  . ASN A 1 39  ? 17.164  -14.287 2.689   1.00 120.85 ? 587 ASN A CB  1 
ATOM   157 C  CG  . ASN A 1 39  ? 17.902  -13.776 1.466   1.00 126.44 ? 587 ASN A CG  1 
ATOM   158 O  OD1 . ASN A 1 39  ? 17.491  -14.025 0.313   1.00 128.37 ? 587 ASN A OD1 1 
ATOM   159 N  ND2 . ASN A 1 39  ? 19.018  -13.078 1.674   1.00 127.41 ? 587 ASN A ND2 1 
ATOM   160 N  N   . ASP A 1 40  ? 15.013  -11.722 3.531   1.00 118.01 ? 588 ASP A N   1 
ATOM   161 C  CA  . ASP A 1 40  ? 14.325  -10.527 3.022   1.00 118.62 ? 588 ASP A CA  1 
ATOM   162 C  C   . ASP A 1 40  ? 14.317  -9.309  3.950   1.00 118.34 ? 588 ASP A C   1 
ATOM   163 O  O   . ASP A 1 40  ? 14.140  -8.187  3.494   1.00 117.93 ? 588 ASP A O   1 
ATOM   164 C  CB  . ASP A 1 40  ? 12.890  -10.883 2.630   1.00 121.18 ? 588 ASP A CB  1 
ATOM   165 C  CG  . ASP A 1 40  ? 12.784  -11.832 1.451   1.00 126.02 ? 588 ASP A CG  1 
ATOM   166 O  OD1 . ASP A 1 40  ? 13.262  -11.463 0.350   1.00 126.71 ? 588 ASP A OD1 1 
ATOM   167 O  OD2 . ASP A 1 40  ? 12.216  -12.944 1.627   1.00 127.54 ? 588 ASP A OD2 1 
ATOM   168 N  N   . THR A 1 41  ? 14.501  -9.534  5.235   1.00 118.61 ? 589 THR A N   1 
ATOM   169 C  CA  . THR A 1 41  ? 14.533  -8.505  6.276   1.00 119.28 ? 589 THR A CA  1 
ATOM   170 C  C   . THR A 1 41  ? 15.962  -8.314  6.804   1.00 119.13 ? 589 THR A C   1 
ATOM   171 O  O   . THR A 1 41  ? 16.638  -9.310  7.086   1.00 119.48 ? 589 THR A O   1 
ATOM   172 C  CB  . THR A 1 41  ? 13.666  -8.996  7.421   1.00 121.71 ? 589 THR A CB  1 
ATOM   173 O  OG1 . THR A 1 41  ? 14.170  -10.273 7.875   1.00 123.74 ? 589 THR A OG1 1 
ATOM   174 C  CG2 . THR A 1 41  ? 12.237  -9.157  6.996   1.00 122.22 ? 589 THR A CG2 1 
ATOM   175 N  N   . ALA A 1 42  ? 16.396  -7.048  6.987   1.00 118.33 ? 590 ALA A N   1 
ATOM   176 C  CA  . ALA A 1 42  ? 17.719  -6.658  7.483   1.00 117.99 ? 590 ALA A CA  1 
ATOM   177 C  C   . ALA A 1 42  ? 18.199  -7.384  8.739   1.00 118.12 ? 590 ALA A C   1 
ATOM   178 O  O   . ALA A 1 42  ? 19.359  -7.819  8.776   1.00 118.24 ? 590 ALA A O   1 
ATOM   179 C  CB  . ALA A 1 42  ? 17.781  -5.162  7.697   1.00 117.89 ? 590 ALA A CB  1 
ATOM   180 N  N   . GLY A 1 43  ? 17.312  -7.556  9.707   1.00 118.02 ? 591 GLY A N   1 
ATOM   181 C  CA  . GLY A 1 43  ? 17.692  -8.196  10.976  1.00 118.91 ? 591 GLY A CA  1 
ATOM   182 C  C   . GLY A 1 43  ? 17.826  -9.692  10.843  1.00 119.68 ? 591 GLY A C   1 
ATOM   183 O  O   . GLY A 1 43  ? 17.313  -10.250 9.884   1.00 120.74 ? 591 GLY A O   1 
ATOM   184 N  N   . GLY A 1 44  ? 18.586  -10.321 11.719  1.00 118.71 ? 592 GLY A N   1 
ATOM   185 C  CA  . GLY A 1 44  ? 18.679  -11.769 11.545  1.00 118.76 ? 592 GLY A CA  1 
ATOM   186 C  C   . GLY A 1 44  ? 17.387  -12.472 11.864  1.00 119.22 ? 592 GLY A C   1 
ATOM   187 O  O   . GLY A 1 44  ? 16.872  -13.125 10.999  1.00 119.36 ? 592 GLY A O   1 
ATOM   188 N  N   . THR A 1 45  ? 16.764  -12.102 12.964  1.00 119.26 ? 593 THR A N   1 
ATOM   189 C  CA  . THR A 1 45  ? 15.674  -12.913 13.548  1.00 119.70 ? 593 THR A CA  1 
ATOM   190 C  C   . THR A 1 45  ? 14.277  -12.644 13.021  1.00 119.03 ? 593 THR A C   1 
ATOM   191 O  O   . THR A 1 45  ? 13.366  -13.211 13.605  1.00 118.87 ? 593 THR A O   1 
ATOM   192 C  CB  . THR A 1 45  ? 15.497  -12.547 15.016  1.00 121.83 ? 593 THR A CB  1 
ATOM   193 O  OG1 . THR A 1 45  ? 15.296  -11.145 14.935  1.00 123.09 ? 593 THR A OG1 1 
ATOM   194 C  CG2 . THR A 1 45  ? 16.717  -12.821 15.860  1.00 122.21 ? 593 THR A CG2 1 
ATOM   195 N  N   . SER A 1 46  ? 14.080  -11.837 11.991  1.00 118.27 ? 594 SER A N   1 
ATOM   196 C  CA  . SER A 1 46  ? 12.658  -11.604 11.644  1.00 117.42 ? 594 SER A CA  1 
ATOM   197 C  C   . SER A 1 46  ? 12.055  -12.864 11.037  1.00 116.30 ? 594 SER A C   1 
ATOM   198 O  O   . SER A 1 46  ? 12.438  -13.197 9.945   1.00 116.28 ? 594 SER A O   1 
ATOM   199 C  CB  . SER A 1 46  ? 12.562  -10.468 10.726  1.00 117.76 ? 594 SER A CB  1 
ATOM   200 O  OG  . SER A 1 46  ? 13.370  -9.426  11.213  1.00 119.00 ? 594 SER A OG  1 
ATOM   201 N  N   . ASP A 1 47  ? 11.211  -13.540 11.794  1.00 115.23 ? 595 ASP A N   1 
ATOM   202 C  CA  . ASP A 1 47  ? 10.546  -14.747 11.278  1.00 115.22 ? 595 ASP A CA  1 
ATOM   203 C  C   . ASP A 1 47  ? 9.112   -14.349 11.052  1.00 114.53 ? 595 ASP A C   1 
ATOM   204 O  O   . ASP A 1 47  ? 8.466   -14.021 12.002  1.00 114.46 ? 595 ASP A O   1 
ATOM   205 C  CB  . ASP A 1 47  ? 10.518  -15.855 12.322  1.00 117.49 ? 595 ASP A CB  1 
ATOM   206 C  CG  . ASP A 1 47  ? 10.034  -17.189 11.800  1.00 122.47 ? 595 ASP A CG  1 
ATOM   207 O  OD1 . ASP A 1 47  ? 10.254  -17.464 10.633  1.00 123.27 ? 595 ASP A OD1 1 
ATOM   208 O  OD2 . ASP A 1 47  ? 9.461   -17.942 12.579  1.00 124.52 ? 595 ASP A OD2 1 
ATOM   209 N  N   . TYR A 1 48  ? 8.623   -14.486 9.836   1.00 113.69 ? 596 TYR A N   1 
ATOM   210 C  CA  . TYR A 1 48  ? 7.234   -14.101 9.545   1.00 113.32 ? 596 TYR A CA  1 
ATOM   211 C  C   . TYR A 1 48  ? 6.402   -15.356 9.451   1.00 114.63 ? 596 TYR A C   1 
ATOM   212 O  O   . TYR A 1 48  ? 5.533   -15.411 8.656   1.00 114.24 ? 596 TYR A O   1 
ATOM   213 C  CB  . TYR A 1 48  ? 7.163   -13.386 8.211   1.00 112.16 ? 596 TYR A CB  1 
ATOM   214 C  CG  . TYR A 1 48  ? 7.610   -11.958 8.279   1.00 111.45 ? 596 TYR A CG  1 
ATOM   215 C  CD1 . TYR A 1 48  ? 8.925   -11.619 8.113   1.00 111.68 ? 596 TYR A CD1 1 
ATOM   216 C  CD2 . TYR A 1 48  ? 6.714   -10.947 8.515   1.00 111.80 ? 596 TYR A CD2 1 
ATOM   217 C  CE1 . TYR A 1 48  ? 9.342   -10.307 8.170   1.00 112.02 ? 596 TYR A CE1 1 
ATOM   218 C  CE2 . TYR A 1 48  ? 7.111   -9.630  8.578   1.00 112.25 ? 596 TYR A CE2 1 
ATOM   219 C  CZ  . TYR A 1 48  ? 8.432   -9.312  8.406   1.00 112.60 ? 596 TYR A CZ  1 
ATOM   220 O  OH  . TYR A 1 48  ? 8.830   -8.026  8.462   1.00 113.71 ? 596 TYR A OH  1 
ATOM   221 N  N   . GLY A 1 49  ? 6.793   -16.385 10.157  1.00 116.06 ? 597 GLY A N   1 
ATOM   222 C  CA  . GLY A 1 49  ? 6.037   -17.625 10.061  1.00 117.82 ? 597 GLY A CA  1 
ATOM   223 C  C   . GLY A 1 49  ? 4.611   -17.402 10.452  1.00 119.75 ? 597 GLY A C   1 
ATOM   224 O  O   . GLY A 1 49  ? 3.750   -17.655 9.633   1.00 120.00 ? 597 GLY A O   1 
ATOM   225 N  N   . TRP A 1 50  ? 4.387   -16.763 11.583  1.00 120.88 ? 598 TRP A N   1 
ATOM   226 C  CA  . TRP A 1 50  ? 2.971   -16.610 11.973  1.00 122.22 ? 598 TRP A CA  1 
ATOM   227 C  C   . TRP A 1 50  ? 2.429   -15.243 11.570  1.00 120.56 ? 598 TRP A C   1 
ATOM   228 O  O   . TRP A 1 50  ? 1.418   -14.831 12.098  1.00 121.33 ? 598 TRP A O   1 
ATOM   229 C  CB  . TRP A 1 50  ? 2.805   -16.975 13.441  1.00 124.01 ? 598 TRP A CB  1 
ATOM   230 C  CG  . TRP A 1 50  ? 3.213   -18.395 13.678  1.00 126.97 ? 598 TRP A CG  1 
ATOM   231 C  CD1 . TRP A 1 50  ? 2.627   -19.516 13.177  1.00 128.36 ? 598 TRP A CD1 1 
ATOM   232 C  CD2 . TRP A 1 50  ? 4.326   -18.853 14.454  1.00 128.32 ? 598 TRP A CD2 1 
ATOM   233 N  NE1 . TRP A 1 50  ? 3.282   -20.637 13.597  1.00 129.04 ? 598 TRP A NE1 1 
ATOM   234 C  CE2 . TRP A 1 50  ? 4.331   -20.257 14.381  1.00 129.27 ? 598 TRP A CE2 1 
ATOM   235 C  CE3 . TRP A 1 50  ? 5.317   -18.213 15.202  1.00 129.28 ? 598 TRP A CE3 1 
ATOM   236 C  CZ2 . TRP A 1 50  ? 5.287   -21.025 15.032  1.00 130.17 ? 598 TRP A CZ2 1 
ATOM   237 C  CZ3 . TRP A 1 50  ? 6.259   -18.975 15.850  1.00 130.27 ? 598 TRP A CZ3 1 
ATOM   238 C  CH2 . TRP A 1 50  ? 6.241   -20.361 15.765  1.00 130.33 ? 598 TRP A CH2 1 
ATOM   239 N  N   . GLY A 1 51  ? 3.017   -14.628 10.559  1.00 117.90 ? 599 GLY A N   1 
ATOM   240 C  CA  . GLY A 1 51  ? 2.479   -13.338 10.113  1.00 115.66 ? 599 GLY A CA  1 
ATOM   241 C  C   . GLY A 1 51  ? 3.111   -12.192 10.851  1.00 112.99 ? 599 GLY A C   1 
ATOM   242 O  O   . GLY A 1 51  ? 4.016   -12.442 11.631  1.00 113.19 ? 599 GLY A O   1 
ATOM   243 N  N   . PHE A 1 52  ? 2.610   -10.982 10.627  1.00 110.14 ? 600 PHE A N   1 
ATOM   244 C  CA  . PHE A 1 52  ? 3.217   -9.802  11.268  1.00 107.51 ? 600 PHE A CA  1 
ATOM   245 C  C   . PHE A 1 52  ? 2.155   -8.868  11.792  1.00 104.70 ? 600 PHE A C   1 
ATOM   246 O  O   . PHE A 1 52  ? 0.992   -9.194  11.730  1.00 104.87 ? 600 PHE A O   1 
ATOM   247 C  CB  . PHE A 1 52  ? 3.763   -8.904  10.178  1.00 107.14 ? 600 PHE A CB  1 
ATOM   248 C  CG  . PHE A 1 52  ? 2.718   -8.569  9.158   1.00 107.17 ? 600 PHE A CG  1 
ATOM   249 C  CD1 . PHE A 1 52  ? 2.190   -9.542  8.353   1.00 107.76 ? 600 PHE A CD1 1 
ATOM   250 C  CD2 . PHE A 1 52  ? 2.258   -7.285  9.019   1.00 107.60 ? 600 PHE A CD2 1 
ATOM   251 C  CE1 . PHE A 1 52  ? 1.239   -9.227  7.409   1.00 108.30 ? 600 PHE A CE1 1 
ATOM   252 C  CE2 . PHE A 1 52  ? 1.310   -6.973  8.073   1.00 108.13 ? 600 PHE A CE2 1 
ATOM   253 C  CZ  . PHE A 1 52  ? 0.799   -7.947  7.273   1.00 108.03 ? 600 PHE A CZ  1 
ATOM   254 N  N   . TRP A 1 53  ? 2.627   -7.732  12.281  1.00 101.72 ? 601 TRP A N   1 
ATOM   255 C  CA  . TRP A 1 53  ? 1.802   -6.647  12.785  1.00 98.96  ? 601 TRP A CA  1 
ATOM   256 C  C   . TRP A 1 53  ? 2.077   -5.401  11.919  1.00 97.54  ? 601 TRP A C   1 
ATOM   257 O  O   . TRP A 1 53  ? 3.207   -5.213  11.462  1.00 97.52  ? 601 TRP A O   1 
ATOM   258 C  CB  . TRP A 1 53  ? 2.036   -6.349  14.274  1.00 97.66  ? 601 TRP A CB  1 
ATOM   259 C  CG  . TRP A 1 53  ? 3.452   -6.382  14.785  1.00 96.29  ? 601 TRP A CG  1 
ATOM   260 C  CD1 . TRP A 1 53  ? 4.015   -7.370  15.533  1.00 96.67  ? 601 TRP A CD1 1 
ATOM   261 C  CD2 . TRP A 1 53  ? 4.406   -5.307  14.767  1.00 95.15  ? 601 TRP A CD2 1 
ATOM   262 N  NE1 . TRP A 1 53  ? 5.284   -7.002  15.927  1.00 96.36  ? 601 TRP A NE1 1 
ATOM   263 C  CE2 . TRP A 1 53  ? 5.563   -5.759  15.434  1.00 95.39  ? 601 TRP A CE2 1 
ATOM   264 C  CE3 . TRP A 1 53  ? 4.414   -4.027  14.211  1.00 95.54  ? 601 TRP A CE3 1 
ATOM   265 C  CZ2 . TRP A 1 53  ? 6.690   -4.970  15.594  1.00 95.82  ? 601 TRP A CZ2 1 
ATOM   266 C  CZ3 . TRP A 1 53  ? 5.550   -3.255  14.339  1.00 96.45  ? 601 TRP A CZ3 1 
ATOM   267 C  CH2 . TRP A 1 53  ? 6.676   -3.729  15.019  1.00 96.45  ? 601 TRP A CH2 1 
ATOM   268 N  N   . CYS A 1 54  ? 1.044   -4.595  11.632  1.00 96.43  ? 602 CYS A N   1 
ATOM   269 C  CA  . CYS A 1 54  ? 1.247   -3.383  10.836  1.00 95.71  ? 602 CYS A CA  1 
ATOM   270 C  C   . CYS A 1 54  ? 1.978   -2.353  11.712  1.00 96.17  ? 602 CYS A C   1 
ATOM   271 O  O   . CYS A 1 54  ? 1.584   -2.144  12.856  1.00 96.43  ? 602 CYS A O   1 
ATOM   272 C  CB  . CYS A 1 54  ? -0.071  -2.836  10.283  1.00 94.24  ? 602 CYS A CB  1 
ATOM   273 S  SG  . CYS A 1 54  ? 0.093   -1.245  9.424   1.00 94.23  ? 602 CYS A SG  1 
ATOM   274 N  N   . ASP A 1 55  ? 3.021   -1.755  11.184  1.00 95.94  ? 603 ASP A N   1 
ATOM   275 C  CA  . ASP A 1 55  ? 3.743   -0.766  11.996  1.00 96.58  ? 603 ASP A CA  1 
ATOM   276 C  C   . ASP A 1 55  ? 2.893   0.486   12.087  1.00 97.21  ? 603 ASP A C   1 
ATOM   277 O  O   . ASP A 1 55  ? 3.331   1.419   12.712  1.00 98.21  ? 603 ASP A O   1 
ATOM   278 C  CB  . ASP A 1 55  ? 5.046   -0.368  11.325  1.00 98.41  ? 603 ASP A CB  1 
ATOM   279 C  CG  . ASP A 1 55  ? 6.178   -1.316  11.592  1.00 104.46 ? 603 ASP A CG  1 
ATOM   280 O  OD1 . ASP A 1 55  ? 5.943   -2.340  12.177  1.00 105.59 ? 603 ASP A OD1 1 
ATOM   281 O  OD2 . ASP A 1 55  ? 7.269   -1.001  11.206  1.00 106.87 ? 603 ASP A OD2 1 
ATOM   282 N  N   . ARG A 1 56  ? 1.726   0.511   11.473  1.00 96.47  ? 604 ARG A N   1 
ATOM   283 C  CA  . ARG A 1 56  ? 0.994   1.786   11.566  1.00 96.46  ? 604 ARG A CA  1 
ATOM   284 C  C   . ARG A 1 56  ? -0.332  1.587   12.263  1.00 96.20  ? 604 ARG A C   1 
ATOM   285 O  O   . ARG A 1 56  ? -0.582  2.293   13.176  1.00 96.22  ? 604 ARG A O   1 
ATOM   286 C  CB  . ARG A 1 56  ? 0.808   2.401   10.190  1.00 98.04  ? 604 ARG A CB  1 
ATOM   287 C  CG  . ARG A 1 56  ? -0.158  3.568   10.205  1.00 101.56 ? 604 ARG A CG  1 
ATOM   288 C  CD  . ARG A 1 56  ? 0.144   4.677   9.235   1.00 104.37 ? 604 ARG A CD  1 
ATOM   289 N  NE  . ARG A 1 56  ? -1.072  5.424   9.024   1.00 106.83 ? 604 ARG A NE  1 
ATOM   290 C  CZ  . ARG A 1 56  ? -2.155  4.868   8.548   1.00 108.41 ? 604 ARG A CZ  1 
ATOM   291 N  NH1 . ARG A 1 56  ? -3.240  5.586   8.374   1.00 107.36 ? 604 ARG A NH1 1 
ATOM   292 N  NH2 . ARG A 1 56  ? -2.154  3.583   8.260   1.00 108.43 ? 604 ARG A NH2 1 
ATOM   293 N  N   . CYS A 1 57  ? -1.136  0.643   11.835  1.00 95.98  ? 605 CYS A N   1 
ATOM   294 C  CA  . CYS A 1 57  ? -2.420  0.495   12.527  1.00 96.93  ? 605 CYS A CA  1 
ATOM   295 C  C   . CYS A 1 57  ? -2.311  -0.650  13.509  1.00 99.23  ? 605 CYS A C   1 
ATOM   296 O  O   . CYS A 1 57  ? -3.300  -1.068  13.985  1.00 99.67  ? 605 CYS A O   1 
ATOM   297 C  CB  . CYS A 1 57  ? -3.501  0.184   11.523  1.00 96.53  ? 605 CYS A CB  1 
ATOM   298 S  SG  . CYS A 1 57  ? -3.306  -1.473  10.882  1.00 97.54  ? 605 CYS A SG  1 
ATOM   299 N  N   . HIS A 1 58  ? -1.120  -1.159  13.736  1.00 100.59 ? 606 HIS A N   1 
ATOM   300 C  CA  . HIS A 1 58  ? -0.874  -2.212  14.732  1.00 102.24 ? 606 HIS A CA  1 
ATOM   301 C  C   . HIS A 1 58  ? -1.675  -3.499  14.492  1.00 103.39 ? 606 HIS A C   1 
ATOM   302 O  O   . HIS A 1 58  ? -1.465  -4.449  15.238  1.00 104.19 ? 606 HIS A O   1 
ATOM   303 C  CB  . HIS A 1 58  ? -1.045  -1.722  16.182  1.00 103.12 ? 606 HIS A CB  1 
ATOM   304 C  CG  . HIS A 1 58  ? -0.252  -0.501  16.460  1.00 106.26 ? 606 HIS A CG  1 
ATOM   305 N  ND1 . HIS A 1 58  ? 1.071   -0.406  16.071  1.00 108.83 ? 606 HIS A ND1 1 
ATOM   306 C  CD2 . HIS A 1 58  ? -0.625  0.665   17.030  1.00 107.98 ? 606 HIS A CD2 1 
ATOM   307 C  CE1 . HIS A 1 58  ? 1.475   0.806   16.434  1.00 109.48 ? 606 HIS A CE1 1 
ATOM   308 N  NE2 . HIS A 1 58  ? 0.488   1.494   17.007  1.00 109.49 ? 606 HIS A NE2 1 
ATOM   309 N  N   . LYS A 1 59  ? -2.526  -3.577  13.450  1.00 103.32 ? 607 LYS A N   1 
ATOM   310 C  CA  . LYS A 1 59  ? -3.295  -4.802  13.186  1.00 104.20 ? 607 LYS A CA  1 
ATOM   311 C  C   . LYS A 1 59  ? -2.442  -6.048  13.084  1.00 105.43 ? 607 LYS A C   1 
ATOM   312 O  O   . LYS A 1 59  ? -1.432  -6.054  12.379  1.00 105.29 ? 607 LYS A O   1 
ATOM   313 C  CB  . LYS A 1 59  ? -4.179  -4.695  11.925  1.00 105.32 ? 607 LYS A CB  1 
ATOM   314 N  N   . GLU A 1 60  ? -2.846  -7.100  13.800  1.00 106.58 ? 608 GLU A N   1 
ATOM   315 C  CA  . GLU A 1 60  ? -2.143  -8.370  13.731  1.00 108.42 ? 608 GLU A CA  1 
ATOM   316 C  C   . GLU A 1 60  ? -2.703  -9.132  12.525  1.00 110.28 ? 608 GLU A C   1 
ATOM   317 O  O   . GLU A 1 60  ? -3.839  -9.582  12.596  1.00 110.57 ? 608 GLU A O   1 
ATOM   318 C  CB  . GLU A 1 60  ? -2.341  -9.182  15.029  1.00 110.19 ? 608 GLU A CB  1 
ATOM   319 C  CG  . GLU A 1 60  ? -1.324  -8.867  16.117  1.00 114.73 ? 608 GLU A CG  1 
ATOM   320 C  CD  . GLU A 1 60  ? -1.613  -9.437  17.498  1.00 120.75 ? 608 GLU A CD  1 
ATOM   321 O  OE1 . GLU A 1 60  ? -2.648  -10.126 17.655  1.00 122.37 ? 608 GLU A OE1 1 
ATOM   322 O  OE2 . GLU A 1 60  ? -0.808  -9.188  18.426  1.00 121.48 ? 608 GLU A OE2 1 
ATOM   323 N  N   . VAL A 1 61  ? -1.955  -9.202  11.404  1.00 111.57 ? 609 VAL A N   1 
ATOM   324 C  CA  . VAL A 1 61  ? -2.364  -9.943  10.208  1.00 113.85 ? 609 VAL A CA  1 
ATOM   325 C  C   . VAL A 1 61  ? -1.631  -11.266 10.290  1.00 116.50 ? 609 VAL A C   1 
ATOM   326 O  O   . VAL A 1 61  ? -0.420  -11.306 10.082  1.00 116.52 ? 609 VAL A O   1 
ATOM   327 C  CB  . VAL A 1 61  ? -1.991  -9.216  8.906   1.00 114.60 ? 609 VAL A CB  1 
ATOM   328 C  CG1 . VAL A 1 61  ? -2.371  -10.047 7.691   1.00 115.32 ? 609 VAL A CG1 1 
ATOM   329 C  CG2 . VAL A 1 61  ? -2.613  -7.832  8.830   1.00 115.13 ? 609 VAL A CG2 1 
ATOM   330 N  N   . PRO A 1 62  ? -2.327  -12.350 10.660  1.00 118.62 ? 610 PRO A N   1 
ATOM   331 C  CA  . PRO A 1 62  ? -1.623  -13.616 10.918  1.00 120.30 ? 610 PRO A CA  1 
ATOM   332 C  C   . PRO A 1 62  ? -1.432  -14.544 9.730   1.00 122.32 ? 610 PRO A C   1 
ATOM   333 O  O   . PRO A 1 62  ? -0.530  -15.378 9.750   1.00 122.55 ? 610 PRO A O   1 
ATOM   334 C  CB  . PRO A 1 62  ? -2.482  -14.269 11.997  1.00 120.74 ? 610 PRO A CB  1 
ATOM   335 C  CG  . PRO A 1 62  ? -3.873  -13.774 11.717  1.00 120.75 ? 610 PRO A CG  1 
ATOM   336 C  CD  . PRO A 1 62  ? -3.759  -12.443 11.003  1.00 118.63 ? 610 PRO A CD  1 
ATOM   337 N  N   . ALA A 1 63  ? -2.273  -14.416 8.712   1.00 123.71 ? 611 ALA A N   1 
ATOM   338 C  CA  . ALA A 1 63  ? -2.162  -15.248 7.526   1.00 125.44 ? 611 ALA A CA  1 
ATOM   339 C  C   . ALA A 1 63  ? -2.536  -14.470 6.294   1.00 127.25 ? 611 ALA A C   1 
ATOM   340 O  O   . ALA A 1 63  ? -3.377  -13.574 6.330   1.00 126.80 ? 611 ALA A O   1 
ATOM   341 C  CB  . ALA A 1 63  ? -3.052  -16.466 7.655   1.00 125.69 ? 611 ALA A CB  1 
ATOM   342 N  N   . LEU A 1 64  ? -1.894  -14.841 5.216   1.00 129.28 ? 612 LEU A N   1 
ATOM   343 C  CA  . LEU A 1 64  ? -2.182  -14.215 3.928   1.00 131.66 ? 612 LEU A CA  1 
ATOM   344 C  C   . LEU A 1 64  ? -3.177  -15.149 3.280   1.00 134.67 ? 612 LEU A C   1 
ATOM   345 O  O   . LEU A 1 64  ? -2.935  -16.334 3.252   1.00 134.96 ? 612 LEU A O   1 
ATOM   346 C  CB  . LEU A 1 64  ? -0.883  -14.225 3.140   1.00 131.58 ? 612 LEU A CB  1 
ATOM   347 C  CG  . LEU A 1 64  ? -0.469  -12.864 2.619   1.00 132.91 ? 612 LEU A CG  1 
ATOM   348 C  CD1 . LEU A 1 64  ? -0.204  -11.956 3.786   1.00 133.30 ? 612 LEU A CD1 1 
ATOM   349 C  CD2 . LEU A 1 64  ? 0.760   -12.985 1.738   1.00 133.67 ? 612 LEU A CD2 1 
ATOM   350 N  N   . ILE A 1 65  ? -4.277  -14.607 2.826   1.00 136.66 ? 613 ILE A N   1 
ATOM   351 C  CA  . ILE A 1 65  ? -5.311  -15.406 2.184   1.00 138.87 ? 613 ILE A CA  1 
ATOM   352 C  C   . ILE A 1 65  ? -5.487  -15.052 0.722   1.00 141.62 ? 613 ILE A C   1 
ATOM   353 O  O   . ILE A 1 65  ? -5.275  -13.906 0.342   1.00 141.69 ? 613 ILE A O   1 
ATOM   354 C  CB  . ILE A 1 65  ? -6.628  -15.294 2.988   1.00 139.09 ? 613 ILE A CB  1 
ATOM   355 C  CG1 . ILE A 1 65  ? -7.009  -13.810 3.271   1.00 139.80 ? 613 ILE A CG1 1 
ATOM   356 C  CG2 . ILE A 1 65  ? -6.500  -16.074 4.297   1.00 139.42 ? 613 ILE A CG2 1 
ATOM   357 C  CD1 . ILE A 1 65  ? -7.993  -13.173 2.313   1.00 140.74 ? 613 ILE A CD1 1 
ATOM   358 N  N   . LYS A 1 66  ? -5.852  -16.034 -0.109  1.00 143.75 ? 614 LYS A N   1 
ATOM   359 C  CA  . LYS A 1 66  ? -6.093  -15.773 -1.531  1.00 146.16 ? 614 LYS A CA  1 
ATOM   360 C  C   . LYS A 1 66  ? -7.603  -15.597 -1.753  1.00 148.25 ? 614 LYS A C   1 
ATOM   361 O  O   . LYS A 1 66  ? -8.383  -16.493 -1.426  1.00 148.33 ? 614 LYS A O   1 
ATOM   362 C  CB  . LYS A 1 66  ? -5.483  -16.865 -2.439  1.00 148.26 ? 614 LYS A CB  1 
ATOM   363 C  CG  . LYS A 1 66  ? -5.586  -18.289 -1.889  1.00 152.88 ? 614 LYS A CG  1 
ATOM   364 C  CD  . LYS A 1 66  ? -5.049  -19.330 -2.875  1.00 157.57 ? 614 LYS A CD  1 
ATOM   365 C  CE  . LYS A 1 66  ? -5.178  -20.746 -2.351  1.00 161.17 ? 614 LYS A CE  1 
ATOM   366 N  NZ  . LYS A 1 66  ? -4.713  -21.755 -3.346  1.00 163.08 ? 614 LYS A NZ  1 
ATOM   367 N  N   . SER A 1 67  ? -8.003  -14.404 -2.178  1.00 149.65 ? 615 SER A N   1 
ATOM   368 C  CA  . SER A 1 67  ? -9.442  -14.126 -2.378  1.00 151.41 ? 615 SER A CA  1 
ATOM   369 C  C   . SER A 1 67  ? -9.846  -14.574 -3.773  1.00 153.40 ? 615 SER A C   1 
ATOM   370 O  O   . SER A 1 67  ? -9.122  -14.276 -4.722  1.00 153.55 ? 615 SER A O   1 
ATOM   371 C  CB  . SER A 1 67  ? -9.738  -12.689 -2.198  1.00 152.29 ? 615 SER A CB  1 
ATOM   372 O  OG  . SER A 1 67  ? -11.115 -12.529 -1.946  1.00 154.17 ? 615 SER A OG  1 
ATOM   373 N  N   . LYS A 1 68  ? -11.006 -15.209 -3.877  1.00 154.56 ? 616 LYS A N   1 
ATOM   374 C  CA  . LYS A 1 68  ? -11.491 -15.711 -5.181  1.00 156.02 ? 616 LYS A CA  1 
ATOM   375 C  C   . LYS A 1 68  ? -12.407 -14.666 -5.816  1.00 157.13 ? 616 LYS A C   1 
ATOM   376 O  O   . LYS A 1 68  ? -13.004 -14.981 -6.850  1.00 157.22 ? 616 LYS A O   1 
ATOM   377 C  CB  . LYS A 1 68  ? -12.274 -17.009 -4.977  1.00 157.77 ? 616 LYS A CB  1 
ATOM   378 N  N   . LYS A 1 69  ? -12.544 -13.490 -5.207  1.00 157.53 ? 617 LYS A N   1 
ATOM   379 C  CA  . LYS A 1 69  ? -13.488 -12.532 -5.814  1.00 158.40 ? 617 LYS A CA  1 
ATOM   380 C  C   . LYS A 1 69  ? -12.998 -12.175 -7.214  1.00 159.17 ? 617 LYS A C   1 
ATOM   381 O  O   . LYS A 1 69  ? -13.813 -12.165 -8.135  1.00 159.23 ? 617 LYS A O   1 
ATOM   382 C  CB  . LYS A 1 69  ? -13.582 -11.283 -4.936  1.00 159.97 ? 617 LYS A CB  1 
ATOM   383 N  N   . ARG A 1 70  ? -11.733 -11.789 -7.360  1.00 159.46 ? 618 ARG A N   1 
ATOM   384 C  CA  . ARG A 1 70  ? -11.104 -11.475 -8.679  1.00 160.10 ? 618 ARG A CA  1 
ATOM   385 C  C   . ARG A 1 70  ? -11.857 -10.408 -9.502  1.00 160.40 ? 618 ARG A C   1 
ATOM   386 O  O   . ARG A 1 70  ? -11.555 -10.331 -10.702 1.00 160.55 ? 618 ARG A O   1 
ATOM   387 C  CB  . ARG A 1 70  ? -10.965 -12.753 -9.512  1.00 161.29 ? 618 ARG A CB  1 
ATOM   388 N  N   . ILE A 1 71  ? -12.635 -9.499  -8.899  1.00 160.13 ? 619 ILE A N   1 
ATOM   389 C  CA  . ILE A 1 71  ? -13.465 -8.523  -9.662  1.00 160.18 ? 619 ILE A CA  1 
ATOM   390 C  C   . ILE A 1 71  ? -12.646 -7.274  -9.924  1.00 160.04 ? 619 ILE A C   1 
ATOM   391 O  O   . ILE A 1 71  ? -13.082 -6.200  -9.519  1.00 160.02 ? 619 ILE A O   1 
ATOM   392 C  CB  . ILE A 1 71  ? -14.724 -8.166  -8.857  1.00 160.62 ? 619 ILE A CB  1 
ATOM   393 N  N   . SER A 1 72  ? -11.553 -7.402  -10.656 1.00 159.72 ? 620 SER A N   1 
ATOM   394 C  CA  . SER A 1 72  ? -10.727 -6.194  -10.849 1.00 159.66 ? 620 SER A CA  1 
ATOM   395 C  C   . SER A 1 72  ? -10.498 -5.969  -12.334 1.00 158.99 ? 620 SER A C   1 
ATOM   396 O  O   . SER A 1 72  ? -9.349  -6.147  -12.755 1.00 159.37 ? 620 SER A O   1 
ATOM   397 C  CB  . SER A 1 72  ? -9.418  -6.343  -10.125 1.00 160.79 ? 620 SER A CB  1 
ATOM   398 N  N   . LYS A 1 73  ? -11.530 -5.610  -13.096 1.00 157.59 ? 621 LYS A N   1 
ATOM   399 C  CA  . LYS A 1 73  ? -11.150 -5.394  -14.505 1.00 156.69 ? 621 LYS A CA  1 
ATOM   400 C  C   . LYS A 1 73  ? -10.301 -4.136  -14.547 1.00 155.33 ? 621 LYS A C   1 
ATOM   401 O  O   . LYS A 1 73  ? -9.184  -4.187  -15.062 1.00 155.42 ? 621 LYS A O   1 
ATOM   402 C  CB  . LYS A 1 73  ? -12.411 -5.133  -15.328 1.00 158.53 ? 621 LYS A CB  1 
ATOM   403 N  N   . ALA A 1 74  ? -10.806 -3.093  -13.902 1.00 153.69 ? 622 ALA A N   1 
ATOM   404 C  CA  . ALA A 1 74  ? -10.118 -1.791  -13.862 1.00 152.34 ? 622 ALA A CA  1 
ATOM   405 C  C   . ALA A 1 74  ? -10.255 -1.225  -12.458 1.00 150.28 ? 622 ALA A C   1 
ATOM   406 O  O   . ALA A 1 74  ? -10.615 -0.054  -12.318 1.00 150.34 ? 622 ALA A O   1 
ATOM   407 C  CB  . ALA A 1 74  ? -10.711 -0.867  -14.878 1.00 152.63 ? 622 ALA A CB  1 
ATOM   408 N  N   . GLN A 1 75  ? -10.087 -2.085  -11.466 1.00 148.09 ? 623 GLN A N   1 
ATOM   409 C  CA  . GLN A 1 75  ? -10.147 -1.641  -10.062 1.00 146.12 ? 623 GLN A CA  1 
ATOM   410 C  C   . GLN A 1 75  ? -8.730  -1.786  -9.536  1.00 143.60 ? 623 GLN A C   1 
ATOM   411 O  O   . GLN A 1 75  ? -8.168  -2.836  -9.769  1.00 143.69 ? 623 GLN A O   1 
ATOM   412 C  CB  . GLN A 1 75  ? -11.090 -2.566  -9.303  1.00 147.19 ? 623 GLN A CB  1 
ATOM   413 C  CG  . GLN A 1 75  ? -10.954 -2.466  -7.800  1.00 149.96 ? 623 GLN A CG  1 
ATOM   414 C  CD  . GLN A 1 75  ? -11.260 -1.076  -7.322  1.00 153.75 ? 623 GLN A CD  1 
ATOM   415 O  OE1 . GLN A 1 75  ? -11.132 -0.117  -8.065  1.00 155.29 ? 623 GLN A OE1 1 
ATOM   416 N  NE2 . GLN A 1 75  ? -11.675 -0.961  -6.075  1.00 153.69 ? 623 GLN A NE2 1 
ATOM   417 N  N   . ASP A 1 76  ? -8.150  -0.746  -8.955  1.00 141.01 ? 624 ASP A N   1 
ATOM   418 C  CA  . ASP A 1 76  ? -6.797  -0.937  -8.427  1.00 139.05 ? 624 ASP A CA  1 
ATOM   419 C  C   . ASP A 1 76  ? -6.834  -2.071  -7.398  1.00 136.45 ? 624 ASP A C   1 
ATOM   420 O  O   . ASP A 1 76  ? -7.596  -1.971  -6.440  1.00 136.52 ? 624 ASP A O   1 
ATOM   421 C  CB  . ASP A 1 76  ? -6.312  0.372   -7.761  1.00 140.61 ? 624 ASP A CB  1 
ATOM   422 C  CG  . ASP A 1 76  ? -4.805  0.476   -7.567  1.00 143.99 ? 624 ASP A CG  1 
ATOM   423 O  OD1 . ASP A 1 76  ? -4.109  -0.547  -7.761  1.00 144.20 ? 624 ASP A OD1 1 
ATOM   424 O  OD2 . ASP A 1 76  ? -4.323  1.585   -7.225  1.00 145.58 ? 624 ASP A OD2 1 
ATOM   425 N  N   . GLU A 1 77  ? -6.039  -3.145  -7.592  1.00 134.13 ? 625 GLU A N   1 
ATOM   426 C  CA  . GLU A 1 77  ? -6.031  -4.283  -6.661  1.00 132.72 ? 625 GLU A CA  1 
ATOM   427 C  C   . GLU A 1 77  ? -5.760  -3.867  -5.208  1.00 131.81 ? 625 GLU A C   1 
ATOM   428 O  O   . GLU A 1 77  ? -6.322  -4.440  -4.272  1.00 131.58 ? 625 GLU A O   1 
ATOM   429 C  CB  . GLU A 1 77  ? -5.023  -5.341  -7.102  1.00 133.92 ? 625 GLU A CB  1 
ATOM   430 C  CG  . GLU A 1 77  ? -5.197  -6.654  -6.356  1.00 138.01 ? 625 GLU A CG  1 
ATOM   431 C  CD  . GLU A 1 77  ? -3.969  -7.541  -6.281  1.00 144.42 ? 625 GLU A CD  1 
ATOM   432 O  OE1 . GLU A 1 77  ? -4.061  -8.639  -5.682  1.00 144.64 ? 625 GLU A OE1 1 
ATOM   433 O  OE2 . GLU A 1 77  ? -2.911  -7.135  -6.812  1.00 147.43 ? 625 GLU A OE2 1 
ATOM   434 N  N   . ARG A 1 78  ? -4.936  -2.825  -5.037  1.00 130.98 ? 626 ARG A N   1 
ATOM   435 C  CA  . ARG A 1 78  ? -4.566  -2.250  -3.749  1.00 130.50 ? 626 ARG A CA  1 
ATOM   436 C  C   . ARG A 1 78  ? -5.721  -1.536  -3.030  1.00 129.87 ? 626 ARG A C   1 
ATOM   437 O  O   . ARG A 1 78  ? -5.639  -1.309  -1.820  1.00 130.10 ? 626 ARG A O   1 
ATOM   438 C  CB  . ARG A 1 78  ? -3.432  -1.243  -3.946  1.00 131.48 ? 626 ARG A CB  1 
ATOM   439 C  CG  . ARG A 1 78  ? -2.274  -1.757  -4.776  1.00 133.97 ? 626 ARG A CG  1 
ATOM   440 C  CD  . ARG A 1 78  ? -1.674  -0.604  -5.538  1.00 136.54 ? 626 ARG A CD  1 
ATOM   441 N  NE  . ARG A 1 78  ? -0.215  -0.626  -5.536  1.00 138.72 ? 626 ARG A NE  1 
ATOM   442 C  CZ  . ARG A 1 78  ? 0.547   0.360   -5.999  1.00 141.48 ? 626 ARG A CZ  1 
ATOM   443 N  NH1 . ARG A 1 78  ? -0.010  1.460   -6.504  1.00 141.38 ? 626 ARG A NH1 1 
ATOM   444 N  NH2 . ARG A 1 78  ? 1.871   0.263   -5.953  1.00 141.50 ? 626 ARG A NH2 1 
ATOM   445 N  N   . THR A 1 79  ? -6.750  -1.227  -3.789  1.00 128.83 ? 627 THR A N   1 
ATOM   446 C  CA  . THR A 1 79  ? -7.845  -0.462  -3.192  1.00 128.62 ? 627 THR A CA  1 
ATOM   447 C  C   . THR A 1 79  ? -9.010  -1.376  -2.909  1.00 128.44 ? 627 THR A C   1 
ATOM   448 O  O   . THR A 1 79  ? -9.775  -1.094  -2.009  1.00 128.04 ? 627 THR A O   1 
ATOM   449 C  CB  . THR A 1 79  ? -8.397  0.432   -4.282  1.00 129.69 ? 627 THR A CB  1 
ATOM   450 O  OG1 . THR A 1 79  ? -7.529  1.548   -4.186  1.00 130.55 ? 627 THR A OG1 1 
ATOM   451 C  CG2 . THR A 1 79  ? -9.829  0.842   -4.043  1.00 130.01 ? 627 THR A CG2 1 
ATOM   452 N  N   . HIS A 1 80  ? -9.104  -2.445  -3.666  1.00 128.52 ? 628 HIS A N   1 
ATOM   453 C  CA  . HIS A 1 80  ? -10.305 -3.283  -3.518  1.00 129.18 ? 628 HIS A CA  1 
ATOM   454 C  C   . HIS A 1 80  ? -10.143 -4.200  -2.330  1.00 129.41 ? 628 HIS A C   1 
ATOM   455 O  O   . HIS A 1 80  ? -9.085  -4.771  -2.200  1.00 129.37 ? 628 HIS A O   1 
ATOM   456 C  CB  . HIS A 1 80  ? -10.504 -4.150  -4.753  1.00 130.26 ? 628 HIS A CB  1 
ATOM   457 N  N   . ALA A 1 81  ? -11.199 -4.318  -1.541  1.00 129.55 ? 629 ALA A N   1 
ATOM   458 C  CA  . ALA A 1 81  ? -11.248 -5.292  -0.439  1.00 130.14 ? 629 ALA A CA  1 
ATOM   459 C  C   . ALA A 1 81  ? -10.028 -5.161  0.435   1.00 130.36 ? 629 ALA A C   1 
ATOM   460 O  O   . ALA A 1 81  ? -9.366  -6.146  0.675   1.00 130.18 ? 629 ALA A O   1 
ATOM   461 C  CB  . ALA A 1 81  ? -11.357 -6.682  -0.982  1.00 130.35 ? 629 ALA A CB  1 
ATOM   462 N  N   . PRO A 1 82  ? -9.803  -3.988  1.021   1.00 130.29 ? 630 PRO A N   1 
ATOM   463 C  CA  . PRO A 1 82  ? -8.671  -3.761  1.883   1.00 130.31 ? 630 PRO A CA  1 
ATOM   464 C  C   . PRO A 1 82  ? -8.629  -4.767  3.035   1.00 130.33 ? 630 PRO A C   1 
ATOM   465 O  O   . PRO A 1 82  ? -7.579  -5.168  3.361   1.00 130.80 ? 630 PRO A O   1 
ATOM   466 C  CB  . PRO A 1 82  ? -9.003  -2.400  2.476   1.00 130.94 ? 630 PRO A CB  1 
ATOM   467 C  CG  . PRO A 1 82  ? -10.452 -2.245  2.197   1.00 131.40 ? 630 PRO A CG  1 
ATOM   468 C  CD  . PRO A 1 82  ? -10.598 -2.820  0.819   1.00 129.77 ? 630 PRO A CD  1 
ATOM   469 N  N   . GLU A 1 83  ? -9.781  -5.163  3.547   1.00 129.33 ? 631 GLU A N   1 
ATOM   470 C  CA  . GLU A 1 83  ? -9.757  -6.161  4.635   1.00 128.52 ? 631 GLU A CA  1 
ATOM   471 C  C   . GLU A 1 83  ? -9.356  -7.498  4.055   1.00 126.80 ? 631 GLU A C   1 
ATOM   472 O  O   . GLU A 1 83  ? -9.140  -8.407  4.819   1.00 126.62 ? 631 GLU A O   1 
ATOM   473 C  CB  . GLU A 1 83  ? -11.150 -6.304  5.207   1.00 131.88 ? 631 GLU A CB  1 
ATOM   474 C  CG  . GLU A 1 83  ? -11.786 -4.958  5.337   1.00 139.76 ? 631 GLU A CG  1 
ATOM   475 C  CD  . GLU A 1 83  ? -10.718 -4.017  5.831   1.00 149.81 ? 631 GLU A CD  1 
ATOM   476 O  OE1 . GLU A 1 83  ? -9.947  -4.433  6.688   1.00 152.21 ? 631 GLU A OE1 1 
ATOM   477 O  OE2 . GLU A 1 83  ? -10.639 -2.904  5.329   1.00 152.43 ? 631 GLU A OE2 1 
ATOM   478 N  N   . GLU A 1 84  ? -9.382  -7.600  2.747   1.00 125.64 ? 632 GLU A N   1 
ATOM   479 C  CA  . GLU A 1 84  ? -8.972  -8.913  2.238   1.00 125.22 ? 632 GLU A CA  1 
ATOM   480 C  C   . GLU A 1 84  ? -7.457  -8.916  2.297   1.00 124.04 ? 632 GLU A C   1 
ATOM   481 O  O   . GLU A 1 84  ? -6.836  -8.349  1.411   1.00 124.54 ? 632 GLU A O   1 
ATOM   482 C  CB  . GLU A 1 84  ? -9.495  -9.128  0.823   1.00 127.73 ? 632 GLU A CB  1 
ATOM   483 N  N   . ASN A 1 85  ? -6.869  -9.606  3.260   1.00 122.08 ? 633 ASN A N   1 
ATOM   484 C  CA  . ASN A 1 85  ? -5.393  -9.595  3.355   1.00 120.04 ? 633 ASN A CA  1 
ATOM   485 C  C   . ASN A 1 85  ? -4.863  -10.604 2.359   1.00 118.38 ? 633 ASN A C   1 
ATOM   486 O  O   . ASN A 1 85  ? -4.505  -11.693 2.738   1.00 118.22 ? 633 ASN A O   1 
ATOM   487 C  CB  . ASN A 1 85  ? -4.937  -9.904  4.767   1.00 120.00 ? 633 ASN A CB  1 
ATOM   488 C  CG  . ASN A 1 85  ? -5.421  -8.861  5.735   1.00 121.72 ? 633 ASN A CG  1 
ATOM   489 O  OD1 . ASN A 1 85  ? -5.114  -7.692  5.603   1.00 122.58 ? 633 ASN A OD1 1 
ATOM   490 N  ND2 . ASN A 1 85  ? -6.196  -9.274  6.705   1.00 121.82 ? 633 ASN A ND2 1 
ATOM   491 N  N   . THR A 1 86  ? -4.750  -10.157 1.130   1.00 116.96 ? 634 THR A N   1 
ATOM   492 C  CA  . THR A 1 86  ? -4.341  -10.988 0.000   1.00 116.23 ? 634 THR A CA  1 
ATOM   493 C  C   . THR A 1 86  ? -2.878  -10.709 -0.244  1.00 114.48 ? 634 THR A C   1 
ATOM   494 O  O   . THR A 1 86  ? -2.285  -11.444 -1.006  1.00 114.83 ? 634 THR A O   1 
ATOM   495 C  CB  . THR A 1 86  ? -5.227  -10.615 -1.180  1.00 118.19 ? 634 THR A CB  1 
ATOM   496 O  OG1 . THR A 1 86  ? -5.337  -9.199  -1.229  1.00 119.47 ? 634 THR A OG1 1 
ATOM   497 C  CG2 . THR A 1 86  ? -6.634  -11.098 -0.963  1.00 119.02 ? 634 THR A CG2 1 
ATOM   498 N  N   . PHE A 1 87  ? -2.365  -9.699  0.450   1.00 112.37 ? 635 PHE A N   1 
ATOM   499 C  CA  . PHE A 1 87  ? -0.983  -9.252  0.359   1.00 110.70 ? 635 PHE A CA  1 
ATOM   500 C  C   . PHE A 1 87  ? -0.706  -8.177  1.434   1.00 107.48 ? 635 PHE A C   1 
ATOM   501 O  O   . PHE A 1 87  ? -1.622  -7.688  2.101   1.00 107.36 ? 635 PHE A O   1 
ATOM   502 C  CB  . PHE A 1 87  ? -0.697  -8.673  -1.059  1.00 111.40 ? 635 PHE A CB  1 
ATOM   503 C  CG  . PHE A 1 87  ? -1.440  -7.401  -1.418  1.00 112.66 ? 635 PHE A CG  1 
ATOM   504 C  CD1 . PHE A 1 87  ? -0.977  -6.165  -1.005  1.00 113.87 ? 635 PHE A CD1 1 
ATOM   505 C  CD2 . PHE A 1 87  ? -2.587  -7.444  -2.186  1.00 113.64 ? 635 PHE A CD2 1 
ATOM   506 C  CE1 . PHE A 1 87  ? -1.661  -4.998  -1.334  1.00 114.82 ? 635 PHE A CE1 1 
ATOM   507 C  CE2 . PHE A 1 87  ? -3.262  -6.274  -2.522  1.00 114.67 ? 635 PHE A CE2 1 
ATOM   508 C  CZ  . PHE A 1 87  ? -2.797  -5.057  -2.092  1.00 114.56 ? 635 PHE A CZ  1 
ATOM   509 N  N   . PHE A 1 88  ? 0.557   -7.775  1.559   1.00 104.81 ? 636 PHE A N   1 
ATOM   510 C  CA  . PHE A 1 88  ? 0.953   -6.696  2.446   1.00 102.66 ? 636 PHE A CA  1 
ATOM   511 C  C   . PHE A 1 88  ? 2.180   -5.981  1.875   1.00 101.18 ? 636 PHE A C   1 
ATOM   512 O  O   . PHE A 1 88  ? 2.667   -6.351  0.808   1.00 101.03 ? 636 PHE A O   1 
ATOM   513 C  CB  . PHE A 1 88  ? 1.192   -7.216  3.858   1.00 102.17 ? 636 PHE A CB  1 
ATOM   514 C  CG  . PHE A 1 88  ? 2.475   -7.985  4.058   1.00 102.66 ? 636 PHE A CG  1 
ATOM   515 C  CD1 . PHE A 1 88  ? 2.589   -9.298  3.635   1.00 103.30 ? 636 PHE A CD1 1 
ATOM   516 C  CD2 . PHE A 1 88  ? 3.534   -7.430  4.756   1.00 103.17 ? 636 PHE A CD2 1 
ATOM   517 C  CE1 . PHE A 1 88  ? 3.747   -10.027 3.873   1.00 103.80 ? 636 PHE A CE1 1 
ATOM   518 C  CE2 . PHE A 1 88  ? 4.698   -8.151  4.965   1.00 103.84 ? 636 PHE A CE2 1 
ATOM   519 C  CZ  . PHE A 1 88  ? 4.791   -9.448  4.537   1.00 103.64 ? 636 PHE A CZ  1 
ATOM   520 N  N   . TYR A 1 89  ? 2.670   -4.943  2.556   1.00 99.91  ? 637 TYR A N   1 
ATOM   521 C  CA  . TYR A 1 89  ? 3.855   -4.237  2.093   1.00 98.80  ? 637 TYR A CA  1 
ATOM   522 C  C   . TYR A 1 89  ? 4.943   -4.442  3.112   1.00 97.82  ? 637 TYR A C   1 
ATOM   523 O  O   . TYR A 1 89  ? 4.712   -4.294  4.304   1.00 98.55  ? 637 TYR A O   1 
ATOM   524 C  CB  . TYR A 1 89  ? 3.563   -2.760  1.871   1.00 98.44  ? 637 TYR A CB  1 
ATOM   525 C  CG  . TYR A 1 89  ? 2.361   -2.519  0.993   1.00 99.33  ? 637 TYR A CG  1 
ATOM   526 C  CD1 . TYR A 1 89  ? 1.078   -2.553  1.515   1.00 100.63 ? 637 TYR A CD1 1 
ATOM   527 C  CD2 . TYR A 1 89  ? 2.506   -2.230  -0.356  1.00 100.59 ? 637 TYR A CD2 1 
ATOM   528 C  CE1 . TYR A 1 89  ? -0.031  -2.300  0.720   1.00 101.93 ? 637 TYR A CE1 1 
ATOM   529 C  CE2 . TYR A 1 89  ? 1.403   -1.997  -1.169  1.00 101.56 ? 637 TYR A CE2 1 
ATOM   530 C  CZ  . TYR A 1 89  ? 0.136   -2.006  -0.620  1.00 102.87 ? 637 TYR A CZ  1 
ATOM   531 O  OH  . TYR A 1 89  ? -0.970  -1.751  -1.390  1.00 105.02 ? 637 TYR A OH  1 
ATOM   532 N  N   . HIS A 1 90  ? 6.111   -4.829  2.658   1.00 96.14  ? 638 HIS A N   1 
ATOM   533 C  CA  . HIS A 1 90  ? 7.253   -5.083  3.523   1.00 94.94  ? 638 HIS A CA  1 
ATOM   534 C  C   . HIS A 1 90  ? 8.419   -4.247  3.086   1.00 93.96  ? 638 HIS A C   1 
ATOM   535 O  O   . HIS A 1 90  ? 8.561   -3.920  1.905   1.00 93.85  ? 638 HIS A O   1 
ATOM   536 C  CB  . HIS A 1 90  ? 7.634   -6.555  3.446   1.00 95.59  ? 638 HIS A CB  1 
ATOM   537 C  CG  . HIS A 1 90  ? 8.858   -6.955  4.208   1.00 98.03  ? 638 HIS A CG  1 
ATOM   538 N  ND1 . HIS A 1 90  ? 8.877   -6.968  5.594   1.00 99.87  ? 638 HIS A ND1 1 
ATOM   539 C  CD2 . HIS A 1 90  ? 10.029  -7.462  3.752   1.00 99.13  ? 638 HIS A CD2 1 
ATOM   540 C  CE1 . HIS A 1 90  ? 10.069  -7.432  5.934   1.00 100.12 ? 638 HIS A CE1 1 
ATOM   541 N  NE2 . HIS A 1 90  ? 10.795  -7.752  4.863   1.00 100.07 ? 638 HIS A NE2 1 
ATOM   542 N  N   . CYS A 1 91  ? 9.237   -3.857  4.053   1.00 92.91  ? 639 CYS A N   1 
ATOM   543 C  CA  . CYS A 1 91  ? 10.439  -3.094  3.797   1.00 91.96  ? 639 CYS A CA  1 
ATOM   544 C  C   . CYS A 1 91  ? 11.573  -3.904  4.315   1.00 91.33  ? 639 CYS A C   1 
ATOM   545 O  O   . CYS A 1 91  ? 11.388  -4.673  5.266   1.00 90.62  ? 639 CYS A O   1 
ATOM   546 C  CB  . CYS A 1 91  ? 10.390  -1.732  4.467   1.00 92.68  ? 639 CYS A CB  1 
ATOM   547 S  SG  . CYS A 1 91  ? 11.738  -0.635  3.969   1.00 99.29  ? 639 CYS A SG  1 
ATOM   548 N  N   . HIS A 1 92  ? 12.773  -3.752  3.715   1.00 91.82  ? 640 HIS A N   1 
ATOM   549 C  CA  . HIS A 1 92  ? 13.942  -4.495  4.190   1.00 92.45  ? 640 HIS A CA  1 
ATOM   550 C  C   . HIS A 1 92  ? 14.281  -4.139  5.604   1.00 94.31  ? 640 HIS A C   1 
ATOM   551 O  O   . HIS A 1 92  ? 14.517  -5.044  6.405   1.00 95.28  ? 640 HIS A O   1 
ATOM   552 C  CB  . HIS A 1 92  ? 15.146  -4.277  3.330   1.00 92.28  ? 640 HIS A CB  1 
ATOM   553 C  CG  . HIS A 1 92  ? 15.484  -2.860  3.045   1.00 94.03  ? 640 HIS A CG  1 
ATOM   554 N  ND1 . HIS A 1 92  ? 14.914  -2.194  1.978   1.00 95.92  ? 640 HIS A ND1 1 
ATOM   555 C  CD2 . HIS A 1 92  ? 16.444  -2.078  3.595   1.00 95.30  ? 640 HIS A CD2 1 
ATOM   556 C  CE1 . HIS A 1 92  ? 15.530  -1.018  1.922   1.00 96.62  ? 640 HIS A CE1 1 
ATOM   557 N  NE2 . HIS A 1 92  ? 16.461  -0.904  2.878   1.00 96.30  ? 640 HIS A NE2 1 
ATOM   558 N  N   . CYS A 1 93  ? 14.138  -2.839  5.953   1.00 93.93  ? 641 CYS A N   1 
ATOM   559 C  CA  . CYS A 1 93  ? 14.345  -2.366  7.301   1.00 94.08  ? 641 CYS A CA  1 
ATOM   560 C  C   . CYS A 1 93  ? 13.500  -3.070  8.345   1.00 93.08  ? 641 CYS A C   1 
ATOM   561 O  O   . CYS A 1 93  ? 13.763  -2.885  9.521   1.00 94.03  ? 641 CYS A O   1 
ATOM   562 C  CB  . CYS A 1 93  ? 14.154  -0.856  7.369   1.00 96.45  ? 641 CYS A CB  1 
ATOM   563 S  SG  . CYS A 1 93  ? 12.424  -0.322  7.369   1.00 103.04 ? 641 CYS A SG  1 
ATOM   564 N  N   . GLY A 1 94  ? 12.460  -3.733  7.892   1.00 91.76  ? 642 GLY A N   1 
ATOM   565 C  CA  . GLY A 1 94  ? 11.584  -4.444  8.826   1.00 91.52  ? 642 GLY A CA  1 
ATOM   566 C  C   . GLY A 1 94  ? 10.289  -3.723  9.080   1.00 91.30  ? 642 GLY A C   1 
ATOM   567 O  O   . GLY A 1 94  ? 9.540   -4.196  9.884   1.00 91.62  ? 642 GLY A O   1 
ATOM   568 N  N   . TYR A 1 95  ? 10.037  -2.614  8.406   1.00 90.96  ? 643 TYR A N   1 
ATOM   569 C  CA  . TYR A 1 95  ? 8.781   -1.861  8.610   1.00 91.41  ? 643 TYR A CA  1 
ATOM   570 C  C   . TYR A 1 95  ? 7.730   -2.431  7.689   1.00 90.57  ? 643 TYR A C   1 
ATOM   571 O  O   . TYR A 1 95  ? 8.060   -2.578  6.569   1.00 90.70  ? 643 TYR A O   1 
ATOM   572 C  CB  . TYR A 1 95  ? 8.986   -0.466  8.062   1.00 92.47  ? 643 TYR A CB  1 
ATOM   573 C  CG  . TYR A 1 95  ? 7.843   0.467   8.306   1.00 94.40  ? 643 TYR A CG  1 
ATOM   574 C  CD1 . TYR A 1 95  ? 7.193   0.495   9.513   1.00 95.89  ? 643 TYR A CD1 1 
ATOM   575 C  CD2 . TYR A 1 95  ? 7.452   1.350   7.340   1.00 96.06  ? 643 TYR A CD2 1 
ATOM   576 C  CE1 . TYR A 1 95  ? 6.160   1.373   9.744   1.00 97.20  ? 643 TYR A CE1 1 
ATOM   577 C  CE2 . TYR A 1 95  ? 6.420   2.230   7.552   1.00 97.57  ? 643 TYR A CE2 1 
ATOM   578 C  CZ  . TYR A 1 95  ? 5.777   2.242   8.757   1.00 98.57  ? 643 TYR A CZ  1 
ATOM   579 O  OH  . TYR A 1 95  ? 4.779   3.132   8.928   1.00 100.11 ? 643 TYR A OH  1 
ATOM   580 N  N   . ASP A 1 96  ? 6.513   -2.684  8.145   1.00 90.14  ? 644 ASP A N   1 
ATOM   581 C  CA  . ASP A 1 96  ? 5.458   -3.323  7.344   1.00 90.44  ? 644 ASP A CA  1 
ATOM   582 C  C   . ASP A 1 96  ? 4.135   -2.576  7.399   1.00 91.22  ? 644 ASP A C   1 
ATOM   583 O  O   . ASP A 1 96  ? 3.810   -1.942  8.402   1.00 91.48  ? 644 ASP A O   1 
ATOM   584 C  CB  . ASP A 1 96  ? 5.173   -4.747  7.814   1.00 91.25  ? 644 ASP A CB  1 
ATOM   585 C  CG  . ASP A 1 96  ? 6.359   -5.662  7.752   1.00 94.58  ? 644 ASP A CG  1 
ATOM   586 O  OD1 . ASP A 1 96  ? 7.210   -5.461  6.876   1.00 95.76  ? 644 ASP A OD1 1 
ATOM   587 O  OD2 . ASP A 1 96  ? 6.431   -6.579  8.569   1.00 95.77  ? 644 ASP A OD2 1 
ATOM   588 N  N   . LEU A 1 97  ? 3.337   -2.707  6.331   1.00 91.03  ? 645 LEU A N   1 
ATOM   589 C  CA  . LEU A 1 97  ? 2.020   -2.111  6.288   1.00 90.55  ? 645 LEU A CA  1 
ATOM   590 C  C   . LEU A 1 97  ? 1.023   -3.122  5.809   1.00 90.44  ? 645 LEU A C   1 
ATOM   591 O  O   . LEU A 1 97  ? 1.255   -3.776  4.798   1.00 90.73  ? 645 LEU A O   1 
ATOM   592 C  CB  . LEU A 1 97  ? 2.015   -0.908  5.363   1.00 90.52  ? 645 LEU A CB  1 
ATOM   593 C  CG  . LEU A 1 97  ? 2.717   0.312   5.915   1.00 91.98  ? 645 LEU A CG  1 
ATOM   594 C  CD1 . LEU A 1 97  ? 3.031   1.292   4.825   1.00 92.52  ? 645 LEU A CD1 1 
ATOM   595 C  CD2 . LEU A 1 97  ? 1.909   0.954   6.989   1.00 92.37  ? 645 LEU A CD2 1 
ATOM   596 N  N   . CYS A 1 98  ? -0.082  -3.259  6.529   1.00 90.23  ? 646 CYS A N   1 
ATOM   597 C  CA  . CYS A 1 98  ? -1.207  -4.096  6.130   1.00 91.15  ? 646 CYS A CA  1 
ATOM   598 C  C   . CYS A 1 98  ? -1.839  -3.512  4.842   1.00 92.44  ? 646 CYS A C   1 
ATOM   599 O  O   . CYS A 1 98  ? -1.626  -2.339  4.505   1.00 92.38  ? 646 CYS A O   1 
ATOM   600 C  CB  . CYS A 1 98  ? -2.241  -4.166  7.253   1.00 91.20  ? 646 CYS A CB  1 
ATOM   601 S  SG  . CYS A 1 98  ? -3.071  -2.589  7.598   1.00 90.69  ? 646 CYS A SG  1 
ATOM   602 N  N   . LYS A 1 99  ? -2.693  -4.263  4.190   1.00 93.33  ? 647 LYS A N   1 
ATOM   603 C  CA  . LYS A 1 99  ? -3.291  -3.763  2.939   1.00 94.92  ? 647 LYS A CA  1 
ATOM   604 C  C   . LYS A 1 99  ? -4.106  -2.509  3.209   1.00 95.84  ? 647 LYS A C   1 
ATOM   605 O  O   . LYS A 1 99  ? -3.981  -1.546  2.489   1.00 95.86  ? 647 LYS A O   1 
ATOM   606 C  CB  . LYS A 1 99  ? -4.259  -4.841  2.487   1.00 97.83  ? 647 LYS A CB  1 
ATOM   607 C  CG  . LYS A 1 99  ? -4.734  -4.744  1.057   1.00 103.77 ? 647 LYS A CG  1 
ATOM   608 C  CD  . LYS A 1 99  ? -5.440  -6.000  0.666   1.00 109.24 ? 647 LYS A CD  1 
ATOM   609 C  CE  . LYS A 1 99  ? -6.389  -5.846  -0.492  1.00 113.51 ? 647 LYS A CE  1 
ATOM   610 N  NZ  . LYS A 1 99  ? -7.289  -7.012  -0.560  1.00 115.71 ? 647 LYS A NZ  1 
ATOM   611 N  N   . ALA A 1 100 ? -4.846  -2.533  4.289   1.00 96.35  ? 648 ALA A N   1 
ATOM   612 C  CA  . ALA A 1 100 ? -5.716  -1.422  4.640   1.00 97.18  ? 648 ALA A CA  1 
ATOM   613 C  C   . ALA A 1 100 ? -4.972  -0.107  4.705   1.00 98.76  ? 648 ALA A C   1 
ATOM   614 O  O   . ALA A 1 100 ? -5.458  0.885   4.170   1.00 99.67  ? 648 ALA A O   1 
ATOM   615 C  CB  . ALA A 1 100 ? -6.414  -1.700  5.961   1.00 97.12  ? 648 ALA A CB  1 
ATOM   616 N  N   . CYS A 1 101 ? -3.791  -0.088  5.334   1.00 99.18  ? 649 CYS A N   1 
ATOM   617 C  CA  . CYS A 1 101 ? -2.970  1.120   5.452   1.00 99.61  ? 649 CYS A CA  1 
ATOM   618 C  C   . CYS A 1 101 ? -2.430  1.538   4.085   1.00 99.71  ? 649 CYS A C   1 
ATOM   619 O  O   . CYS A 1 101 ? -2.359  2.723   3.776   1.00 99.37  ? 649 CYS A O   1 
ATOM   620 C  CB  . CYS A 1 101 ? -1.840  0.912   6.460   1.00 100.61 ? 649 CYS A CB  1 
ATOM   621 S  SG  . CYS A 1 101 ? -2.359  0.962   8.199   1.00 103.37 ? 649 CYS A SG  1 
ATOM   622 N  N   . GLY A 1 102 ? -2.088  0.563   3.253   1.00 100.37 ? 650 GLY A N   1 
ATOM   623 C  CA  . GLY A 1 102 ? -1.634  0.829   1.895   1.00 101.72 ? 650 GLY A CA  1 
ATOM   624 C  C   . GLY A 1 102 ? -2.753  1.464   1.090   1.00 102.62 ? 650 GLY A C   1 
ATOM   625 O  O   . GLY A 1 102 ? -2.566  2.509   0.463   1.00 102.82 ? 650 GLY A O   1 
ATOM   626 N  N   . ALA A 1 103 ? -3.965  0.902   1.222   1.00 102.48 ? 651 ALA A N   1 
ATOM   627 C  CA  . ALA A 1 103 ? -5.146  1.421   0.552   1.00 102.45 ? 651 ALA A CA  1 
ATOM   628 C  C   . ALA A 1 103 ? -5.386  2.910   0.845   1.00 102.22 ? 651 ALA A C   1 
ATOM   629 O  O   . ALA A 1 103 ? -5.510  3.685   -0.094  1.00 102.46 ? 651 ALA A O   1 
ATOM   630 C  CB  . ALA A 1 103 ? -6.369  0.590   0.916   1.00 102.54 ? 651 ALA A CB  1 
ATOM   631 N  N   . SER A 1 104 ? -5.360  3.324   2.113   1.00 101.68 ? 652 SER A N   1 
ATOM   632 C  CA  . SER A 1 104 ? -5.602  4.720   2.461   1.00 101.61 ? 652 SER A CA  1 
ATOM   633 C  C   . SER A 1 104 ? -4.558  5.704   1.913   1.00 100.56 ? 652 SER A C   1 
ATOM   634 O  O   . SER A 1 104 ? -4.910  6.860   1.676   1.00 100.86 ? 652 SER A O   1 
ATOM   635 C  CB  . SER A 1 104 ? -5.765  4.887   3.966   1.00 103.58 ? 652 SER A CB  1 
ATOM   636 O  OG  . SER A 1 104 ? -4.715  4.251   4.671   1.00 106.60 ? 652 SER A OG  1 
ATOM   637 N  N   . ILE A 1 105 ? -3.299  5.274   1.710   1.00 99.15  ? 653 ILE A N   1 
ATOM   638 C  CA  . ILE A 1 105 ? -2.282  6.193   1.169   1.00 98.34  ? 653 ILE A CA  1 
ATOM   639 C  C   . ILE A 1 105 ? -2.422  6.310   -0.369  1.00 99.33  ? 653 ILE A C   1 
ATOM   640 O  O   . ILE A 1 105 ? -2.169  7.374   -0.942  1.00 99.13  ? 653 ILE A O   1 
ATOM   641 C  CB  . ILE A 1 105 ? -0.845  5.879   1.649   1.00 97.01  ? 653 ILE A CB  1 
ATOM   642 C  CG1 . ILE A 1 105 ? 0.144   6.959   1.211   1.00 96.88  ? 653 ILE A CG1 1 
ATOM   643 C  CG2 . ILE A 1 105 ? -0.381  4.492   1.257   1.00 97.10  ? 653 ILE A CG2 1 
ATOM   644 C  CD1 . ILE A 1 105 ? -0.141  8.357   1.788   1.00 97.71  ? 653 ILE A CD1 1 
ATOM   645 N  N   . ILE A 1 106 ? -2.903  5.229   -1.036  1.00 99.87  ? 654 ILE A N   1 
ATOM   646 C  CA  . ILE A 1 106 ? -3.204  5.247   -2.463  1.00 100.36 ? 654 ILE A CA  1 
ATOM   647 C  C   . ILE A 1 106 ? -4.411  6.189   -2.613  1.00 101.15 ? 654 ILE A C   1 
ATOM   648 O  O   . ILE A 1 106 ? -4.274  7.182   -3.309  1.00 101.81 ? 654 ILE A O   1 
ATOM   649 C  CB  . ILE A 1 106 ? -3.522  3.838   -2.999  1.00 100.87 ? 654 ILE A CB  1 
ATOM   650 C  CG1 . ILE A 1 106 ? -2.490  2.789   -2.544  1.00 101.28 ? 654 ILE A CG1 1 
ATOM   651 C  CG2 . ILE A 1 106 ? -3.692  3.866   -4.515  1.00 101.64 ? 654 ILE A CG2 1 
ATOM   652 C  CD1 . ILE A 1 106 ? -1.128  2.998   -3.034  1.00 102.32 ? 654 ILE A CD1 1 
ATOM   653 N  N   . HIS A 1 107 ? -5.504  6.007   -1.817  1.00 101.09 ? 655 HIS A N   1 
ATOM   654 C  CA  . HIS A 1 107 ? -6.632  6.942   -1.850  1.00 102.46 ? 655 HIS A CA  1 
ATOM   655 C  C   . HIS A 1 107 ? -6.203  8.387   -1.616  1.00 102.08 ? 655 HIS A C   1 
ATOM   656 O  O   . HIS A 1 107 ? -6.404  9.212   -2.496  1.00 102.54 ? 655 HIS A O   1 
ATOM   657 C  CB  . HIS A 1 107 ? -7.794  6.559   -0.908  1.00 105.58 ? 655 HIS A CB  1 
ATOM   658 C  CG  . HIS A 1 107 ? -8.450  5.247   -1.232  1.00 112.71 ? 655 HIS A CG  1 
ATOM   659 N  ND1 . HIS A 1 107 ? -9.136  4.512   -0.253  1.00 115.73 ? 655 HIS A ND1 1 
ATOM   660 C  CD2 . HIS A 1 107 ? -8.470  4.545   -2.394  1.00 114.89 ? 655 HIS A CD2 1 
ATOM   661 C  CE1 . HIS A 1 107 ? -9.544  3.400   -0.855  1.00 116.40 ? 655 HIS A CE1 1 
ATOM   662 N  NE2 . HIS A 1 107 ? -9.165  3.368   -2.141  1.00 116.37 ? 655 HIS A NE2 1 
ATOM   663 N  N   . ALA A 1 108 ? -5.539  8.678   -0.504  1.00 101.61 ? 656 ALA A N   1 
ATOM   664 C  CA  . ALA A 1 108 ? -5.079  10.032  -0.216  1.00 101.84 ? 656 ALA A CA  1 
ATOM   665 C  C   . ALA A 1 108 ? -4.211  10.643  -1.330  1.00 102.13 ? 656 ALA A C   1 
ATOM   666 O  O   . ALA A 1 108 ? -4.396  11.815  -1.657  1.00 101.72 ? 656 ALA A O   1 
ATOM   667 C  CB  . ALA A 1 108 ? -4.331  10.056  1.101   1.00 101.79 ? 656 ALA A CB  1 
ATOM   668 N  N   . SER A 1 109 ? -3.281  9.854   -1.913  1.00 102.46 ? 657 SER A N   1 
ATOM   669 C  CA  . SER A 1 109 ? -2.387  10.357  -2.958  1.00 103.49 ? 657 SER A CA  1 
ATOM   670 C  C   . SER A 1 109 ? -3.091  10.548  -4.296  1.00 103.84 ? 657 SER A C   1 
ATOM   671 O  O   . SER A 1 109 ? -2.671  11.400  -5.085  1.00 103.95 ? 657 SER A O   1 
ATOM   672 C  CB  . SER A 1 109 ? -1.166  9.458   -3.127  1.00 105.51 ? 657 SER A CB  1 
ATOM   673 O  OG  . SER A 1 109 ? -1.447  8.339   -3.956  1.00 109.05 ? 657 SER A OG  1 
ATOM   674 N  N   . ASN A 1 110 ? -4.124  9.719   -4.575  1.00 103.46 ? 658 ASN A N   1 
ATOM   675 C  CA  . ASN A 1 110 ? -4.928  9.828   -5.796  1.00 103.02 ? 658 ASN A CA  1 
ATOM   676 C  C   . ASN A 1 110 ? -5.756  11.109  -5.750  1.00 103.18 ? 658 ASN A C   1 
ATOM   677 O  O   . ASN A 1 110 ? -5.769  11.854  -6.718  1.00 103.32 ? 658 ASN A O   1 
ATOM   678 C  CB  . ASN A 1 110 ? -5.789  8.592   -6.000  1.00 102.80 ? 658 ASN A CB  1 
ATOM   679 C  CG  . ASN A 1 110 ? -4.989  7.412   -6.512  1.00 105.00 ? 658 ASN A CG  1 
ATOM   680 O  OD1 . ASN A 1 110 ? -3.829  7.532   -6.933  1.00 106.03 ? 658 ASN A OD1 1 
ATOM   681 N  ND2 . ASN A 1 110 ? -5.582  6.230   -6.471  1.00 105.39 ? 658 ASN A ND2 1 
ATOM   682 N  N   . THR A 1 111 ? -6.341  11.407  -4.592  1.00 103.02 ? 659 THR A N   1 
ATOM   683 C  CA  . THR A 1 111 ? -7.094  12.611  -4.311  1.00 103.83 ? 659 THR A CA  1 
ATOM   684 C  C   . THR A 1 111 ? -6.210  13.845  -4.512  1.00 105.79 ? 659 THR A C   1 
ATOM   685 O  O   . THR A 1 111 ? -6.698  14.855  -4.991  1.00 106.61 ? 659 THR A O   1 
ATOM   686 C  CB  . THR A 1 111 ? -7.606  12.536  -2.869  1.00 104.36 ? 659 THR A CB  1 
ATOM   687 O  OG1 . THR A 1 111 ? -8.379  11.348  -2.715  1.00 105.74 ? 659 THR A OG1 1 
ATOM   688 C  CG2 . THR A 1 111 ? -8.407  13.759  -2.447  1.00 103.99 ? 659 THR A CG2 1 
ATOM   689 N  N   . LEU A 1 112 ? -4.929  13.784  -4.152  1.00 106.66 ? 660 LEU A N   1 
ATOM   690 C  CA  . LEU A 1 112 ? -4.026  14.926  -4.334  1.00 108.10 ? 660 LEU A CA  1 
ATOM   691 C  C   . LEU A 1 112 ? -3.781  15.145  -5.818  1.00 108.44 ? 660 LEU A C   1 
ATOM   692 O  O   . LEU A 1 112 ? -3.757  16.283  -6.260  1.00 108.53 ? 660 LEU A O   1 
ATOM   693 C  CB  . LEU A 1 112 ? -2.681  14.716  -3.608  1.00 109.30 ? 660 LEU A CB  1 
ATOM   694 C  CG  . LEU A 1 112 ? -2.527  15.428  -2.268  1.00 112.09 ? 660 LEU A CG  1 
ATOM   695 C  CD1 . LEU A 1 112 ? -2.607  16.937  -2.446  1.00 113.08 ? 660 LEU A CD1 1 
ATOM   696 C  CD2 . LEU A 1 112 ? -3.586  14.953  -1.257  1.00 113.19 ? 660 LEU A CD2 1 
ATOM   697 N  N   . LYS A 1 113 ? -3.598  14.057  -6.585  1.00 108.62 ? 661 LYS A N   1 
ATOM   698 C  CA  . LYS A 1 113 ? -3.396  14.113  -8.026  1.00 109.34 ? 661 LYS A CA  1 
ATOM   699 C  C   . LYS A 1 113 ? -4.674  14.656  -8.705  1.00 109.55 ? 661 LYS A C   1 
ATOM   700 O  O   . LYS A 1 113 ? -4.590  15.488  -9.609  1.00 109.63 ? 661 LYS A O   1 
ATOM   701 C  CB  . LYS A 1 113 ? -3.053  12.720  -8.569  1.00 111.66 ? 661 LYS A CB  1 
ATOM   702 C  CG  . LYS A 1 113 ? -1.741  12.160  -8.058  1.00 116.84 ? 661 LYS A CG  1 
ATOM   703 C  CD  . LYS A 1 113 ? -1.504  10.739  -8.570  1.00 123.00 ? 661 LYS A CD  1 
ATOM   704 C  CE  . LYS A 1 113 ? -1.403  10.676  -10.081 1.00 128.32 ? 661 LYS A CE  1 
ATOM   705 N  NZ  . LYS A 1 113 ? -1.404  9.274   -10.594 1.00 131.79 ? 661 LYS A NZ  1 
ATOM   706 N  N   . GLU A 1 114 ? -5.852  14.227  -8.235  1.00 109.29 ? 662 GLU A N   1 
ATOM   707 C  CA  . GLU A 1 114 ? -7.110  14.717  -8.758  1.00 109.74 ? 662 GLU A CA  1 
ATOM   708 C  C   . GLU A 1 114 ? -7.253  16.205  -8.472  1.00 109.56 ? 662 GLU A C   1 
ATOM   709 O  O   . GLU A 1 114 ? -7.282  16.973  -9.423  1.00 110.30 ? 662 GLU A O   1 
ATOM   710 C  CB  . GLU A 1 114 ? -8.287  13.874  -8.269  1.00 113.12 ? 662 GLU A CB  1 
ATOM   711 C  CG  . GLU A 1 114 ? -8.309  12.513  -8.959  1.00 121.79 ? 662 GLU A CG  1 
ATOM   712 C  CD  . GLU A 1 114 ? -9.180  11.413  -8.361  1.00 132.20 ? 662 GLU A CD  1 
ATOM   713 O  OE1 . GLU A 1 114 ? -9.004  10.233  -8.758  1.00 133.16 ? 662 GLU A OE1 1 
ATOM   714 O  OE2 . GLU A 1 114 ? -10.037 11.729  -7.499  1.00 135.73 ? 662 GLU A OE2 1 
ATOM   715 N  N   . ASN A 1 115 ? -7.172  16.635  -7.216  1.00 108.82 ? 663 ASN A N   1 
ATOM   716 C  CA  . ASN A 1 115 ? -7.242  18.064  -6.886  1.00 109.19 ? 663 ASN A CA  1 
ATOM   717 C  C   . ASN A 1 115 ? -6.173  18.898  -7.608  1.00 109.04 ? 663 ASN A C   1 
ATOM   718 O  O   . ASN A 1 115 ? -6.347  20.103  -7.761  1.00 109.09 ? 663 ASN A O   1 
ATOM   719 C  CB  . ASN A 1 115 ? -7.155  18.291  -5.381  1.00 111.00 ? 663 ASN A CB  1 
ATOM   720 C  CG  . ASN A 1 115 ? -8.246  17.596  -4.604  1.00 115.32 ? 663 ASN A CG  1 
ATOM   721 O  OD1 . ASN A 1 115 ? -9.384  17.435  -5.077  1.00 117.15 ? 663 ASN A OD1 1 
ATOM   722 N  ND2 . ASN A 1 115 ? -7.916  17.148  -3.396  1.00 115.79 ? 663 ASN A ND2 1 
ATOM   723 N  N   . TYR A 1 116 ? -5.073  18.259  -8.049  1.00 108.56 ? 664 TYR A N   1 
ATOM   724 C  CA  . TYR A 1 116 ? -3.998  18.918  -8.793  1.00 108.25 ? 664 TYR A CA  1 
ATOM   725 C  C   . TYR A 1 116 ? -4.425  19.113  -10.243 1.00 107.55 ? 664 TYR A C   1 
ATOM   726 O  O   . TYR A 1 116 ? -4.318  20.226  -10.741 1.00 107.47 ? 664 TYR A O   1 
ATOM   727 C  CB  . TYR A 1 116 ? -2.670  18.109  -8.731  1.00 108.23 ? 664 TYR A CB  1 
ATOM   728 C  CG  . TYR A 1 116 ? -1.612  18.588  -9.704  1.00 108.70 ? 664 TYR A CG  1 
ATOM   729 C  CD1 . TYR A 1 116 ? -0.930  19.778  -9.488  1.00 109.50 ? 664 TYR A CD1 1 
ATOM   730 C  CD2 . TYR A 1 116 ? -1.298  17.856  -10.841 1.00 109.33 ? 664 TYR A CD2 1 
ATOM   731 C  CE1 . TYR A 1 116 ? 0.031   20.232  -10.379 1.00 110.15 ? 664 TYR A CE1 1 
ATOM   732 C  CE2 . TYR A 1 116 ? -0.353  18.312  -11.753 1.00 110.11 ? 664 TYR A CE2 1 
ATOM   733 C  CZ  . TYR A 1 116 ? 0.308   19.505  -11.518 1.00 110.88 ? 664 TYR A CZ  1 
ATOM   734 O  OH  . TYR A 1 116 ? 1.229   20.004  -12.413 1.00 112.13 ? 664 TYR A OH  1 
ATOM   735 N  N   . SER A 1 117 ? -4.849  18.030  -10.936 1.00 106.90 ? 665 SER A N   1 
ATOM   736 C  CA  . SER A 1 117 ? -5.234  18.134  -12.345 1.00 106.96 ? 665 SER A CA  1 
ATOM   737 C  C   . SER A 1 117 ? -6.476  19.009  -12.520 1.00 106.81 ? 665 SER A C   1 
ATOM   738 O  O   . SER A 1 117 ? -6.571  19.770  -13.482 1.00 106.71 ? 665 SER A O   1 
ATOM   739 C  CB  . SER A 1 117 ? -5.403  16.761  -12.975 1.00 108.24 ? 665 SER A CB  1 
ATOM   740 O  OG  . SER A 1 117 ? -6.596  16.147  -12.517 1.00 111.43 ? 665 SER A OG  1 
ATOM   741 N  N   . THR A 1 118 ? -7.378  18.966  -11.538 1.00 106.52 ? 666 THR A N   1 
ATOM   742 C  CA  . THR A 1 118 ? -8.555  19.803  -11.479 1.00 106.56 ? 666 THR A CA  1 
ATOM   743 C  C   . THR A 1 118 ? -8.093  21.270  -11.350 1.00 107.29 ? 666 THR A C   1 
ATOM   744 O  O   . THR A 1 118 ? -8.268  22.005  -12.298 1.00 107.82 ? 666 THR A O   1 
ATOM   745 C  CB  . THR A 1 118 ? -9.463  19.318  -10.349 1.00 106.87 ? 666 THR A CB  1 
ATOM   746 O  OG1 . THR A 1 118 ? -9.979  18.033  -10.694 1.00 107.66 ? 666 THR A OG1 1 
ATOM   747 C  CG2 . THR A 1 118 ? -10.573 20.282  -10.045 1.00 106.92 ? 666 THR A CG2 1 
ATOM   748 N  N   . GLU A 1 119 ? -7.385  21.656  -10.275 1.00 107.28 ? 667 GLU A N   1 
ATOM   749 C  CA  . GLU A 1 119 ? -6.875  23.020  -10.061 1.00 107.67 ? 667 GLU A CA  1 
ATOM   750 C  C   . GLU A 1 119 ? -6.060  23.549  -11.258 1.00 106.70 ? 667 GLU A C   1 
ATOM   751 O  O   . GLU A 1 119 ? -6.053  24.758  -11.523 1.00 106.59 ? 667 GLU A O   1 
ATOM   752 C  CB  . GLU A 1 119 ? -5.989  23.041  -8.805  1.00 111.73 ? 667 GLU A CB  1 
ATOM   753 C  CG  . GLU A 1 119 ? -5.856  24.402  -8.152  1.00 120.24 ? 667 GLU A CG  1 
ATOM   754 C  CD  . GLU A 1 119 ? -6.939  24.719  -7.140  1.00 130.54 ? 667 GLU A CD  1 
ATOM   755 O  OE1 . GLU A 1 119 ? -7.573  23.766  -6.624  1.00 131.77 ? 667 GLU A OE1 1 
ATOM   756 O  OE2 . GLU A 1 119 ? -7.146  25.923  -6.855  1.00 134.26 ? 667 GLU A OE2 1 
ATOM   757 N  N   . LEU A 1 120 ? -5.369  22.632  -11.963 1.00 105.68 ? 668 LEU A N   1 
ATOM   758 C  CA  . LEU A 1 120 ? -4.553  22.927  -13.136 1.00 105.16 ? 668 LEU A CA  1 
ATOM   759 C  C   . LEU A 1 120 ? -5.450  23.212  -14.343 1.00 104.08 ? 668 LEU A C   1 
ATOM   760 O  O   . LEU A 1 120 ? -5.215  24.207  -15.035 1.00 104.45 ? 668 LEU A O   1 
ATOM   761 C  CB  . LEU A 1 120 ? -3.619  21.755  -13.441 1.00 105.65 ? 668 LEU A CB  1 
ATOM   762 C  CG  . LEU A 1 120 ? -2.600  22.046  -14.511 1.00 107.20 ? 668 LEU A CG  1 
ATOM   763 C  CD1 . LEU A 1 120 ? -1.440  22.843  -13.956 1.00 107.36 ? 668 LEU A CD1 1 
ATOM   764 C  CD2 . LEU A 1 120 ? -2.161  20.786  -15.171 1.00 108.12 ? 668 LEU A CD2 1 
ATOM   765 N  N   . LYS A 1 121 ? -6.505  22.380  -14.572 1.00 102.47 ? 669 LYS A N   1 
ATOM   766 C  CA  . LYS A 1 121 ? -7.509  22.629  -15.616 1.00 101.30 ? 669 LYS A CA  1 
ATOM   767 C  C   . LYS A 1 121 ? -8.207  23.978  -15.314 1.00 100.87 ? 669 LYS A C   1 
ATOM   768 O  O   . LYS A 1 121 ? -8.298  24.794  -16.215 1.00 101.12 ? 669 LYS A O   1 
ATOM   769 C  CB  . LYS A 1 121 ? -8.535  21.483  -15.739 1.00 101.31 ? 669 LYS A CB  1 
ATOM   770 N  N   . ASN A 1 122 ? -8.587  24.255  -14.047 1.00 100.26 ? 670 ASN A N   1 
ATOM   771 C  CA  . ASN A 1 122 ? -9.211  25.530  -13.677 1.00 101.13 ? 670 ASN A CA  1 
ATOM   772 C  C   . ASN A 1 122 ? -8.280  26.710  -13.859 1.00 101.30 ? 670 ASN A C   1 
ATOM   773 O  O   . ASN A 1 122 ? -8.747  27.836  -14.064 1.00 101.79 ? 670 ASN A O   1 
ATOM   774 C  CB  . ASN A 1 122 ? -9.683  25.559  -12.232 1.00 103.67 ? 670 ASN A CB  1 
ATOM   775 C  CG  . ASN A 1 122 ? -10.427 24.347  -11.767 1.00 110.49 ? 670 ASN A CG  1 
ATOM   776 O  OD1 . ASN A 1 122 ? -10.260 23.916  -10.617 1.00 113.27 ? 670 ASN A OD1 1 
ATOM   777 N  ND2 . ASN A 1 122 ? -11.254 23.755  -12.632 1.00 111.83 ? 670 ASN A ND2 1 
ATOM   778 N  N   . LEU A 1 123 ? -6.976  26.492  -13.671 1.00 100.59 ? 671 LEU A N   1 
ATOM   779 C  CA  . LEU A 1 123 ? -6.008  27.567  -13.823 1.00 99.94  ? 671 LEU A CA  1 
ATOM   780 C  C   . LEU A 1 123 ? -5.910  27.923  -15.288 1.00 99.24  ? 671 LEU A C   1 
ATOM   781 O  O   . LEU A 1 123 ? -5.942  29.107  -15.622 1.00 98.86  ? 671 LEU A O   1 
ATOM   782 C  CB  . LEU A 1 123 ? -4.635  27.182  -13.274 1.00 99.82  ? 671 LEU A CB  1 
ATOM   783 C  CG  . LEU A 1 123 ? -3.638  28.325  -13.299 1.00 100.41 ? 671 LEU A CG  1 
ATOM   784 C  CD1 . LEU A 1 123 ? -4.019  29.397  -12.278 1.00 100.89 ? 671 LEU A CD1 1 
ATOM   785 C  CD2 . LEU A 1 123 ? -2.217  27.826  -13.136 1.00 100.37 ? 671 LEU A CD2 1 
ATOM   786 N  N   . ALA A 1 124 ? -5.850  26.898  -16.168 1.00 98.96  ? 672 ALA A N   1 
ATOM   787 C  CA  . ALA A 1 124 ? -5.788  27.095  -17.609 1.00 99.45  ? 672 ALA A CA  1 
ATOM   788 C  C   . ALA A 1 124 ? -7.043  27.855  -18.089 1.00 100.65 ? 672 ALA A C   1 
ATOM   789 O  O   . ALA A 1 124 ? -6.913  28.864  -18.778 1.00 101.39 ? 672 ALA A O   1 
ATOM   790 C  CB  . ALA A 1 124 ? -5.665  25.756  -18.306 1.00 99.33  ? 672 ALA A CB  1 
ATOM   791 N  N   . ALA A 1 125 ? -8.239  27.443  -17.621 1.00 100.50 ? 673 ALA A N   1 
ATOM   792 C  CA  . ALA A 1 125 ? -9.514  28.081  -17.925 1.00 100.29 ? 673 ALA A CA  1 
ATOM   793 C  C   . ALA A 1 125 ? -9.545  29.577  -17.458 1.00 100.94 ? 673 ALA A C   1 
ATOM   794 O  O   . ALA A 1 125 ? -9.784  30.463  -18.272 1.00 100.55 ? 673 ALA A O   1 
ATOM   795 C  CB  . ALA A 1 125 ? -10.652 27.282  -17.299 1.00 99.65  ? 673 ALA A CB  1 
ATOM   796 N  N   . CYS A 1 126 ? -9.227  29.868  -16.185 1.00 101.43 ? 674 CYS A N   1 
ATOM   797 C  CA  . CYS A 1 126 ? -9.199  31.248  -15.683 1.00 102.07 ? 674 CYS A CA  1 
ATOM   798 C  C   . CYS A 1 126 ? -8.233  32.128  -16.543 1.00 103.18 ? 674 CYS A C   1 
ATOM   799 O  O   . CYS A 1 126 ? -8.530  33.280  -16.866 1.00 103.29 ? 674 CYS A O   1 
ATOM   800 C  CB  . CYS A 1 126 ? -8.840  31.256  -14.194 1.00 101.82 ? 674 CYS A CB  1 
ATOM   801 S  SG  . CYS A 1 126 ? -8.402  32.879  -13.520 0.48 103.99 ? 674 CYS A SG  1 
ATOM   802 N  N   . PHE A 1 127 ? -7.139  31.528  -17.002 1.00 103.73 ? 675 PHE A N   1 
ATOM   803 C  CA  . PHE A 1 127 ? -6.150  32.226  -17.815 1.00 104.34 ? 675 PHE A CA  1 
ATOM   804 C  C   . PHE A 1 127 ? -6.667  32.500  -19.228 1.00 105.22 ? 675 PHE A C   1 
ATOM   805 O  O   . PHE A 1 127 ? -6.511  33.606  -19.749 1.00 105.53 ? 675 PHE A O   1 
ATOM   806 C  CB  . PHE A 1 127 ? -4.860  31.393  -17.859 1.00 103.61 ? 675 PHE A CB  1 
ATOM   807 C  CG  . PHE A 1 127 ? -3.734  31.994  -18.655 1.00 103.40 ? 675 PHE A CG  1 
ATOM   808 C  CD1 . PHE A 1 127 ? -3.117  33.158  -18.238 1.00 103.63 ? 675 PHE A CD1 1 
ATOM   809 C  CD2 . PHE A 1 127 ? -3.234  31.345  -19.774 1.00 103.95 ? 675 PHE A CD2 1 
ATOM   810 C  CE1 . PHE A 1 127 ? -2.049  33.685  -18.950 1.00 104.40 ? 675 PHE A CE1 1 
ATOM   811 C  CE2 . PHE A 1 127 ? -2.170  31.878  -20.492 1.00 104.42 ? 675 PHE A CE2 1 
ATOM   812 C  CZ  . PHE A 1 127 ? -1.598  33.055  -20.088 1.00 104.30 ? 675 PHE A CZ  1 
ATOM   813 N  N   . SER A 1 128 ? -7.304  31.500  -19.832 1.00 105.24 ? 676 SER A N   1 
ATOM   814 C  CA  . SER A 1 128 ? -7.803  31.592  -21.193 1.00 105.77 ? 676 SER A CA  1 
ATOM   815 C  C   . SER A 1 128 ? -9.338  31.865  -21.288 1.00 106.67 ? 676 SER A C   1 
ATOM   816 O  O   . SER A 1 128 ? -10.046 31.200  -22.040 1.00 106.76 ? 676 SER A O   1 
ATOM   817 C  CB  . SER A 1 128 ? -7.388  30.341  -21.968 1.00 106.51 ? 676 SER A CB  1 
ATOM   818 O  OG  . SER A 1 128 ? -7.738  29.120  -21.341 1.00 107.59 ? 676 SER A OG  1 
ATOM   819 N  N   . THR A 1 129 ? -9.841  32.822  -20.486 1.00 107.23 ? 677 THR A N   1 
ATOM   820 C  CA  . THR A 1 129 ? -11.244 33.262  -20.396 1.00 108.05 ? 677 THR A CA  1 
ATOM   821 C  C   . THR A 1 129 ? -11.163 34.656  -19.804 1.00 109.15 ? 677 THR A C   1 
ATOM   822 O  O   . THR A 1 129 ? -10.548 34.865  -18.740 1.00 109.43 ? 677 THR A O   1 
ATOM   823 C  CB  . THR A 1 129 ? -12.100 32.393  -19.430 1.00 109.34 ? 677 THR A CB  1 
ATOM   824 O  OG1 . THR A 1 129 ? -12.299 31.071  -19.937 1.00 110.41 ? 677 THR A OG1 1 
ATOM   825 C  CG2 . THR A 1 129 ? -13.445 33.011  -19.131 1.00 109.62 ? 677 THR A CG2 1 
ATOM   826 N  N   . PRO A 1 130 ? -11.765 35.638  -20.476 1.00 109.33 ? 678 PRO A N   1 
ATOM   827 C  CA  . PRO A 1 130 ? -11.633 37.015  -19.990 1.00 109.40 ? 678 PRO A CA  1 
ATOM   828 C  C   . PRO A 1 130 ? -12.763 37.437  -19.043 1.00 109.29 ? 678 PRO A C   1 
ATOM   829 O  O   . PRO A 1 130 ? -12.530 38.239  -18.130 1.00 109.11 ? 678 PRO A O   1 
ATOM   830 C  CB  . PRO A 1 130 ? -11.541 37.831  -21.290 1.00 109.59 ? 678 PRO A CB  1 
ATOM   831 C  CG  . PRO A 1 130 ? -11.967 36.845  -22.418 1.00 109.77 ? 678 PRO A CG  1 
ATOM   832 C  CD  . PRO A 1 130 ? -12.441 35.589  -21.782 1.00 108.38 ? 678 PRO A CD  1 
HETATM 833 ZN ZN  . ZN  B 2 .   ? -2.344  -1.108  9.001   1.00 101.00 2 701 ZN  A ZN  1 
HETATM 834 ZN ZN  . ZN  C 2 .   ? 12.336  0.880   5.593   1.00 100.19 2 702 ZN  A ZN  1 
# 
